data_1YVD
# 
_entry.id   1YVD 
# 
_audit_conform.dict_name       mmcif_pdbx.dic 
_audit_conform.dict_version    5.389 
_audit_conform.dict_location   http://mmcif.pdb.org/dictionaries/ascii/mmcif_pdbx.dic 
# 
loop_
_database_2.database_id 
_database_2.database_code 
_database_2.pdbx_database_accession 
_database_2.pdbx_DOI 
PDB   1YVD         pdb_00001yvd 10.2210/pdb1yvd/pdb 
RCSB  RCSB031962   ?            ?                   
WWPDB D_1000031962 ?            ?                   
# 
loop_
_pdbx_audit_revision_history.ordinal 
_pdbx_audit_revision_history.data_content_type 
_pdbx_audit_revision_history.major_revision 
_pdbx_audit_revision_history.minor_revision 
_pdbx_audit_revision_history.revision_date 
1 'Structure model' 1 0 2005-07-26 
2 'Structure model' 1 1 2008-04-30 
3 'Structure model' 1 2 2011-07-13 
4 'Structure model' 1 3 2024-02-14 
5 'Structure model' 1 4 2024-04-03 
# 
_pdbx_audit_revision_details.ordinal             1 
_pdbx_audit_revision_details.revision_ordinal    1 
_pdbx_audit_revision_details.data_content_type   'Structure model' 
_pdbx_audit_revision_details.provider            repository 
_pdbx_audit_revision_details.type                'Initial release' 
_pdbx_audit_revision_details.description         ? 
_pdbx_audit_revision_details.details             ? 
# 
loop_
_pdbx_audit_revision_group.ordinal 
_pdbx_audit_revision_group.revision_ordinal 
_pdbx_audit_revision_group.data_content_type 
_pdbx_audit_revision_group.group 
1 2 'Structure model' 'Version format compliance' 
2 3 'Structure model' 'Version format compliance' 
3 4 'Structure model' 'Data collection'           
4 4 'Structure model' 'Database references'       
5 4 'Structure model' 'Derived calculations'      
6 5 'Structure model' 'Refinement description'    
# 
loop_
_pdbx_audit_revision_category.ordinal 
_pdbx_audit_revision_category.revision_ordinal 
_pdbx_audit_revision_category.data_content_type 
_pdbx_audit_revision_category.category 
1 4 'Structure model' chem_comp_atom                
2 4 'Structure model' chem_comp_bond                
3 4 'Structure model' database_2                    
4 4 'Structure model' pdbx_struct_conn_angle        
5 4 'Structure model' struct_conn                   
6 4 'Structure model' struct_ref_seq_dif            
7 4 'Structure model' struct_site                   
8 5 'Structure model' pdbx_initial_refinement_model 
# 
loop_
_pdbx_audit_revision_item.ordinal 
_pdbx_audit_revision_item.revision_ordinal 
_pdbx_audit_revision_item.data_content_type 
_pdbx_audit_revision_item.item 
1  4 'Structure model' '_database_2.pdbx_DOI'                        
2  4 'Structure model' '_database_2.pdbx_database_accession'         
3  4 'Structure model' '_pdbx_struct_conn_angle.ptnr1_auth_comp_id'  
4  4 'Structure model' '_pdbx_struct_conn_angle.ptnr1_auth_seq_id'   
5  4 'Structure model' '_pdbx_struct_conn_angle.ptnr1_label_asym_id' 
6  4 'Structure model' '_pdbx_struct_conn_angle.ptnr1_label_atom_id' 
7  4 'Structure model' '_pdbx_struct_conn_angle.ptnr1_label_comp_id' 
8  4 'Structure model' '_pdbx_struct_conn_angle.ptnr1_label_seq_id'  
9  4 'Structure model' '_pdbx_struct_conn_angle.ptnr3_auth_comp_id'  
10 4 'Structure model' '_pdbx_struct_conn_angle.ptnr3_auth_seq_id'   
11 4 'Structure model' '_pdbx_struct_conn_angle.ptnr3_label_asym_id' 
12 4 'Structure model' '_pdbx_struct_conn_angle.ptnr3_label_atom_id' 
13 4 'Structure model' '_pdbx_struct_conn_angle.ptnr3_label_comp_id' 
14 4 'Structure model' '_pdbx_struct_conn_angle.ptnr3_label_seq_id'  
15 4 'Structure model' '_pdbx_struct_conn_angle.value'               
16 4 'Structure model' '_struct_conn.pdbx_dist_value'                
17 4 'Structure model' '_struct_conn.ptnr1_auth_comp_id'             
18 4 'Structure model' '_struct_conn.ptnr1_auth_seq_id'              
19 4 'Structure model' '_struct_conn.ptnr1_label_asym_id'            
20 4 'Structure model' '_struct_conn.ptnr1_label_atom_id'            
21 4 'Structure model' '_struct_conn.ptnr1_label_comp_id'            
22 4 'Structure model' '_struct_conn.ptnr1_label_seq_id'             
23 4 'Structure model' '_struct_conn.ptnr2_auth_comp_id'             
24 4 'Structure model' '_struct_conn.ptnr2_auth_seq_id'              
25 4 'Structure model' '_struct_conn.ptnr2_label_asym_id'            
26 4 'Structure model' '_struct_conn.ptnr2_label_atom_id'            
27 4 'Structure model' '_struct_conn.ptnr2_label_comp_id'            
28 4 'Structure model' '_struct_conn.ptnr2_label_seq_id'             
29 4 'Structure model' '_struct_ref_seq_dif.details'                 
30 4 'Structure model' '_struct_site.pdbx_auth_asym_id'              
31 4 'Structure model' '_struct_site.pdbx_auth_comp_id'              
32 4 'Structure model' '_struct_site.pdbx_auth_seq_id'               
# 
_pdbx_database_status.status_code                     REL 
_pdbx_database_status.entry_id                        1YVD 
_pdbx_database_status.recvd_initial_deposition_date   2005-02-15 
_pdbx_database_status.deposit_site                    RCSB 
_pdbx_database_status.process_site                    RCSB 
_pdbx_database_status.status_code_sf                  REL 
_pdbx_database_status.status_code_mr                  ? 
_pdbx_database_status.SG_entry                        ? 
_pdbx_database_status.pdb_format_compatible           Y 
_pdbx_database_status.status_code_cs                  ? 
_pdbx_database_status.status_code_nmr_data            ? 
_pdbx_database_status.methods_development_category    ? 
# 
loop_
_audit_author.name 
_audit_author.pdbx_ordinal 
'Eathiraj, S.'    1 
'Pan, X.'         2 
'Ritacco, C.'     3 
'Lambright, D.G.' 4 
# 
_citation.id                        primary 
_citation.title                     'Structural basis of family-wide Rab GTPase recognition by rabenosyn-5.' 
_citation.journal_abbrev            Nature 
_citation.journal_volume            436 
_citation.page_first                415 
_citation.page_last                 419 
_citation.year                      2005 
_citation.journal_id_ASTM           NATUAS 
_citation.country                   UK 
_citation.journal_id_ISSN           0028-0836 
_citation.journal_id_CSD            0006 
_citation.book_publisher            ? 
_citation.pdbx_database_id_PubMed   16034420 
_citation.pdbx_database_id_DOI      10.1038/nature03798 
# 
loop_
_citation_author.citation_id 
_citation_author.name 
_citation_author.ordinal 
_citation_author.identifier_ORCID 
primary 'Eathiraj, S.'    1 ? 
primary 'Pan, X.'         2 ? 
primary 'Ritacco, C.'     3 ? 
primary 'Lambright, D.G.' 4 ? 
# 
loop_
_entity.id 
_entity.type 
_entity.src_method 
_entity.pdbx_description 
_entity.formula_weight 
_entity.pdbx_number_of_molecules 
_entity.pdbx_ec 
_entity.pdbx_mutation 
_entity.pdbx_fragment 
_entity.details 
1 polymer     man 'Ras-related protein Rab-22A'                 19094.717 1   ? ? ? ? 
2 non-polymer syn 'MAGNESIUM ION'                               24.305    1   ? ? ? ? 
3 non-polymer syn 'PHOSPHOAMINOPHOSPHONIC ACID-GUANYLATE ESTER' 522.196   1   ? ? ? ? 
4 water       nat water                                         18.015    248 ? ? ? ? 
# 
_entity_name_com.entity_id   1 
_entity_name_com.name        'Rab-22, Rab-14' 
# 
_entity_poly.entity_id                      1 
_entity_poly.type                           'polypeptide(L)' 
_entity_poly.nstd_linkage                   no 
_entity_poly.nstd_monomer                   no 
_entity_poly.pdbx_seq_one_letter_code       
;GSLRELKVCLLGDTGVGKSSIVWRFVEDSFDPNINPTIGASFMTKTVQYQNELHKFLIWDTAGQERFRALAPMYYRGSAA
AIIVYDITKEETFSTLKNWVRELRQHGPPSIVVAIAGNKCDLTDVREVMERDAKDYADSIHAIFVETSAKNAININELFI
EISRRIPST
;
_entity_poly.pdbx_seq_one_letter_code_can   
;GSLRELKVCLLGDTGVGKSSIVWRFVEDSFDPNINPTIGASFMTKTVQYQNELHKFLIWDTAGQERFRALAPMYYRGSAA
AIIVYDITKEETFSTLKNWVRELRQHGPPSIVVAIAGNKCDLTDVREVMERDAKDYADSIHAIFVETSAKNAININELFI
EISRRIPST
;
_entity_poly.pdbx_strand_id                 A 
_entity_poly.pdbx_target_identifier         ? 
# 
loop_
_pdbx_entity_nonpoly.entity_id 
_pdbx_entity_nonpoly.name 
_pdbx_entity_nonpoly.comp_id 
2 'MAGNESIUM ION'                               MG  
3 'PHOSPHOAMINOPHOSPHONIC ACID-GUANYLATE ESTER' GNP 
4 water                                         HOH 
# 
loop_
_entity_poly_seq.entity_id 
_entity_poly_seq.num 
_entity_poly_seq.mon_id 
_entity_poly_seq.hetero 
1 1   GLY n 
1 2   SER n 
1 3   LEU n 
1 4   ARG n 
1 5   GLU n 
1 6   LEU n 
1 7   LYS n 
1 8   VAL n 
1 9   CYS n 
1 10  LEU n 
1 11  LEU n 
1 12  GLY n 
1 13  ASP n 
1 14  THR n 
1 15  GLY n 
1 16  VAL n 
1 17  GLY n 
1 18  LYS n 
1 19  SER n 
1 20  SER n 
1 21  ILE n 
1 22  VAL n 
1 23  TRP n 
1 24  ARG n 
1 25  PHE n 
1 26  VAL n 
1 27  GLU n 
1 28  ASP n 
1 29  SER n 
1 30  PHE n 
1 31  ASP n 
1 32  PRO n 
1 33  ASN n 
1 34  ILE n 
1 35  ASN n 
1 36  PRO n 
1 37  THR n 
1 38  ILE n 
1 39  GLY n 
1 40  ALA n 
1 41  SER n 
1 42  PHE n 
1 43  MET n 
1 44  THR n 
1 45  LYS n 
1 46  THR n 
1 47  VAL n 
1 48  GLN n 
1 49  TYR n 
1 50  GLN n 
1 51  ASN n 
1 52  GLU n 
1 53  LEU n 
1 54  HIS n 
1 55  LYS n 
1 56  PHE n 
1 57  LEU n 
1 58  ILE n 
1 59  TRP n 
1 60  ASP n 
1 61  THR n 
1 62  ALA n 
1 63  GLY n 
1 64  GLN n 
1 65  GLU n 
1 66  ARG n 
1 67  PHE n 
1 68  ARG n 
1 69  ALA n 
1 70  LEU n 
1 71  ALA n 
1 72  PRO n 
1 73  MET n 
1 74  TYR n 
1 75  TYR n 
1 76  ARG n 
1 77  GLY n 
1 78  SER n 
1 79  ALA n 
1 80  ALA n 
1 81  ALA n 
1 82  ILE n 
1 83  ILE n 
1 84  VAL n 
1 85  TYR n 
1 86  ASP n 
1 87  ILE n 
1 88  THR n 
1 89  LYS n 
1 90  GLU n 
1 91  GLU n 
1 92  THR n 
1 93  PHE n 
1 94  SER n 
1 95  THR n 
1 96  LEU n 
1 97  LYS n 
1 98  ASN n 
1 99  TRP n 
1 100 VAL n 
1 101 ARG n 
1 102 GLU n 
1 103 LEU n 
1 104 ARG n 
1 105 GLN n 
1 106 HIS n 
1 107 GLY n 
1 108 PRO n 
1 109 PRO n 
1 110 SER n 
1 111 ILE n 
1 112 VAL n 
1 113 VAL n 
1 114 ALA n 
1 115 ILE n 
1 116 ALA n 
1 117 GLY n 
1 118 ASN n 
1 119 LYS n 
1 120 CYS n 
1 121 ASP n 
1 122 LEU n 
1 123 THR n 
1 124 ASP n 
1 125 VAL n 
1 126 ARG n 
1 127 GLU n 
1 128 VAL n 
1 129 MET n 
1 130 GLU n 
1 131 ARG n 
1 132 ASP n 
1 133 ALA n 
1 134 LYS n 
1 135 ASP n 
1 136 TYR n 
1 137 ALA n 
1 138 ASP n 
1 139 SER n 
1 140 ILE n 
1 141 HIS n 
1 142 ALA n 
1 143 ILE n 
1 144 PHE n 
1 145 VAL n 
1 146 GLU n 
1 147 THR n 
1 148 SER n 
1 149 ALA n 
1 150 LYS n 
1 151 ASN n 
1 152 ALA n 
1 153 ILE n 
1 154 ASN n 
1 155 ILE n 
1 156 ASN n 
1 157 GLU n 
1 158 LEU n 
1 159 PHE n 
1 160 ILE n 
1 161 GLU n 
1 162 ILE n 
1 163 SER n 
1 164 ARG n 
1 165 ARG n 
1 166 ILE n 
1 167 PRO n 
1 168 SER n 
1 169 THR n 
# 
_entity_src_gen.entity_id                          1 
_entity_src_gen.pdbx_src_id                        1 
_entity_src_gen.pdbx_alt_source_flag               sample 
_entity_src_gen.pdbx_seq_type                      ? 
_entity_src_gen.pdbx_beg_seq_num                   ? 
_entity_src_gen.pdbx_end_seq_num                   ? 
_entity_src_gen.gene_src_common_name               'house mouse' 
_entity_src_gen.gene_src_genus                     Mus 
_entity_src_gen.pdbx_gene_src_gene                 'Rab22a, Rab22' 
_entity_src_gen.gene_src_species                   ? 
_entity_src_gen.gene_src_strain                    ? 
_entity_src_gen.gene_src_tissue                    ? 
_entity_src_gen.gene_src_tissue_fraction           ? 
_entity_src_gen.gene_src_details                   ? 
_entity_src_gen.pdbx_gene_src_fragment             ? 
_entity_src_gen.pdbx_gene_src_scientific_name      'Mus musculus' 
_entity_src_gen.pdbx_gene_src_ncbi_taxonomy_id     10090 
_entity_src_gen.pdbx_gene_src_variant              ? 
_entity_src_gen.pdbx_gene_src_cell_line            ? 
_entity_src_gen.pdbx_gene_src_atcc                 ? 
_entity_src_gen.pdbx_gene_src_organ                ? 
_entity_src_gen.pdbx_gene_src_organelle            ? 
_entity_src_gen.pdbx_gene_src_cell                 ? 
_entity_src_gen.pdbx_gene_src_cellular_location    ? 
_entity_src_gen.host_org_common_name               ? 
_entity_src_gen.pdbx_host_org_scientific_name      'Escherichia coli' 
_entity_src_gen.pdbx_host_org_ncbi_taxonomy_id     562 
_entity_src_gen.host_org_genus                     Escherichia 
_entity_src_gen.pdbx_host_org_gene                 ? 
_entity_src_gen.pdbx_host_org_organ                ? 
_entity_src_gen.host_org_species                   ? 
_entity_src_gen.pdbx_host_org_tissue               ? 
_entity_src_gen.pdbx_host_org_tissue_fraction      ? 
_entity_src_gen.pdbx_host_org_strain               'BL21 (DE3) Codon Plus-RIL cells' 
_entity_src_gen.pdbx_host_org_variant              ? 
_entity_src_gen.pdbx_host_org_cell_line            ? 
_entity_src_gen.pdbx_host_org_atcc                 ? 
_entity_src_gen.pdbx_host_org_culture_collection   ? 
_entity_src_gen.pdbx_host_org_cell                 ? 
_entity_src_gen.pdbx_host_org_organelle            ? 
_entity_src_gen.pdbx_host_org_cellular_location    ? 
_entity_src_gen.pdbx_host_org_vector_type          'GST fusion plasmid' 
_entity_src_gen.pdbx_host_org_vector               ? 
_entity_src_gen.host_org_details                   ? 
_entity_src_gen.expression_system_id               ? 
_entity_src_gen.plasmid_name                       pGEX-4T1 
_entity_src_gen.plasmid_details                    ? 
_entity_src_gen.pdbx_description                   ? 
# 
loop_
_chem_comp.id 
_chem_comp.type 
_chem_comp.mon_nstd_flag 
_chem_comp.name 
_chem_comp.pdbx_synonyms 
_chem_comp.formula 
_chem_comp.formula_weight 
ALA 'L-peptide linking' y ALANINE                                       ? 'C3 H7 N O2'        89.093  
ARG 'L-peptide linking' y ARGININE                                      ? 'C6 H15 N4 O2 1'    175.209 
ASN 'L-peptide linking' y ASPARAGINE                                    ? 'C4 H8 N2 O3'       132.118 
ASP 'L-peptide linking' y 'ASPARTIC ACID'                               ? 'C4 H7 N O4'        133.103 
CYS 'L-peptide linking' y CYSTEINE                                      ? 'C3 H7 N O2 S'      121.158 
GLN 'L-peptide linking' y GLUTAMINE                                     ? 'C5 H10 N2 O3'      146.144 
GLU 'L-peptide linking' y 'GLUTAMIC ACID'                               ? 'C5 H9 N O4'        147.129 
GLY 'peptide linking'   y GLYCINE                                       ? 'C2 H5 N O2'        75.067  
GNP non-polymer         . 'PHOSPHOAMINOPHOSPHONIC ACID-GUANYLATE ESTER' ? 'C10 H17 N6 O13 P3' 522.196 
HIS 'L-peptide linking' y HISTIDINE                                     ? 'C6 H10 N3 O2 1'    156.162 
HOH non-polymer         . WATER                                         ? 'H2 O'              18.015  
ILE 'L-peptide linking' y ISOLEUCINE                                    ? 'C6 H13 N O2'       131.173 
LEU 'L-peptide linking' y LEUCINE                                       ? 'C6 H13 N O2'       131.173 
LYS 'L-peptide linking' y LYSINE                                        ? 'C6 H15 N2 O2 1'    147.195 
MET 'L-peptide linking' y METHIONINE                                    ? 'C5 H11 N O2 S'     149.211 
MG  non-polymer         . 'MAGNESIUM ION'                               ? 'Mg 2'              24.305  
PHE 'L-peptide linking' y PHENYLALANINE                                 ? 'C9 H11 N O2'       165.189 
PRO 'L-peptide linking' y PROLINE                                       ? 'C5 H9 N O2'        115.130 
SER 'L-peptide linking' y SERINE                                        ? 'C3 H7 N O3'        105.093 
THR 'L-peptide linking' y THREONINE                                     ? 'C4 H9 N O3'        119.119 
TRP 'L-peptide linking' y TRYPTOPHAN                                    ? 'C11 H12 N2 O2'     204.225 
TYR 'L-peptide linking' y TYROSINE                                      ? 'C9 H11 N O3'       181.189 
VAL 'L-peptide linking' y VALINE                                        ? 'C5 H11 N O2'       117.146 
# 
loop_
_pdbx_poly_seq_scheme.asym_id 
_pdbx_poly_seq_scheme.entity_id 
_pdbx_poly_seq_scheme.seq_id 
_pdbx_poly_seq_scheme.mon_id 
_pdbx_poly_seq_scheme.ndb_seq_num 
_pdbx_poly_seq_scheme.pdb_seq_num 
_pdbx_poly_seq_scheme.auth_seq_num 
_pdbx_poly_seq_scheme.pdb_mon_id 
_pdbx_poly_seq_scheme.auth_mon_id 
_pdbx_poly_seq_scheme.pdb_strand_id 
_pdbx_poly_seq_scheme.pdb_ins_code 
_pdbx_poly_seq_scheme.hetero 
A 1 1   GLY 1   1   ?   ?   ?   A . n 
A 1 2   SER 2   2   2   SER SER A . n 
A 1 3   LEU 3   3   3   LEU LEU A . n 
A 1 4   ARG 4   4   4   ARG ARG A . n 
A 1 5   GLU 5   5   5   GLU GLU A . n 
A 1 6   LEU 6   6   6   LEU LEU A . n 
A 1 7   LYS 7   7   7   LYS LYS A . n 
A 1 8   VAL 8   8   8   VAL VAL A . n 
A 1 9   CYS 9   9   9   CYS CYS A . n 
A 1 10  LEU 10  10  10  LEU LEU A . n 
A 1 11  LEU 11  11  11  LEU LEU A . n 
A 1 12  GLY 12  12  12  GLY GLY A . n 
A 1 13  ASP 13  13  13  ASP ASP A . n 
A 1 14  THR 14  14  14  THR THR A . n 
A 1 15  GLY 15  15  15  GLY GLY A . n 
A 1 16  VAL 16  16  16  VAL VAL A . n 
A 1 17  GLY 17  17  17  GLY GLY A . n 
A 1 18  LYS 18  18  18  LYS LYS A . n 
A 1 19  SER 19  19  19  SER SER A . n 
A 1 20  SER 20  20  20  SER SER A . n 
A 1 21  ILE 21  21  21  ILE ILE A . n 
A 1 22  VAL 22  22  22  VAL VAL A . n 
A 1 23  TRP 23  23  23  TRP TRP A . n 
A 1 24  ARG 24  24  24  ARG ARG A . n 
A 1 25  PHE 25  25  25  PHE PHE A . n 
A 1 26  VAL 26  26  26  VAL VAL A . n 
A 1 27  GLU 27  27  27  GLU GLU A . n 
A 1 28  ASP 28  28  28  ASP ASP A . n 
A 1 29  SER 29  29  29  SER SER A . n 
A 1 30  PHE 30  30  30  PHE PHE A . n 
A 1 31  ASP 31  31  31  ASP ASP A . n 
A 1 32  PRO 32  32  32  PRO PRO A . n 
A 1 33  ASN 33  33  33  ASN ASN A . n 
A 1 34  ILE 34  34  34  ILE ILE A . n 
A 1 35  ASN 35  35  35  ASN ASN A . n 
A 1 36  PRO 36  36  36  PRO PRO A . n 
A 1 37  THR 37  37  37  THR THR A . n 
A 1 38  ILE 38  38  38  ILE ILE A . n 
A 1 39  GLY 39  39  39  GLY GLY A . n 
A 1 40  ALA 40  40  40  ALA ALA A . n 
A 1 41  SER 41  41  41  SER SER A . n 
A 1 42  PHE 42  42  42  PHE PHE A . n 
A 1 43  MET 43  43  43  MET MET A . n 
A 1 44  THR 44  44  44  THR THR A . n 
A 1 45  LYS 45  45  45  LYS LYS A . n 
A 1 46  THR 46  46  46  THR THR A . n 
A 1 47  VAL 47  47  47  VAL VAL A . n 
A 1 48  GLN 48  48  48  GLN GLN A . n 
A 1 49  TYR 49  49  49  TYR TYR A . n 
A 1 50  GLN 50  50  50  GLN GLN A . n 
A 1 51  ASN 51  51  51  ASN ASN A . n 
A 1 52  GLU 52  52  52  GLU GLN A . n 
A 1 53  LEU 53  53  53  LEU LEU A . n 
A 1 54  HIS 54  54  54  HIS HIS A . n 
A 1 55  LYS 55  55  55  LYS LYS A . n 
A 1 56  PHE 56  56  56  PHE PHE A . n 
A 1 57  LEU 57  57  57  LEU LEU A . n 
A 1 58  ILE 58  58  58  ILE ILE A . n 
A 1 59  TRP 59  59  59  TRP TRP A . n 
A 1 60  ASP 60  60  60  ASP ASP A . n 
A 1 61  THR 61  61  61  THR THR A . n 
A 1 62  ALA 62  62  62  ALA ALA A . n 
A 1 63  GLY 63  63  63  GLY GLY A . n 
A 1 64  GLN 64  64  64  GLN GLN A . n 
A 1 65  GLU 65  65  65  GLU ALA A . n 
A 1 66  ARG 66  66  66  ARG ARG A . n 
A 1 67  PHE 67  67  67  PHE PHE A . n 
A 1 68  ARG 68  68  68  ARG ARG A . n 
A 1 69  ALA 69  69  69  ALA ALA A . n 
A 1 70  LEU 70  70  70  LEU LEU A . n 
A 1 71  ALA 71  71  71  ALA ALA A . n 
A 1 72  PRO 72  72  72  PRO PRO A . n 
A 1 73  MET 73  73  73  MET MET A . n 
A 1 74  TYR 74  74  74  TYR TYR A . n 
A 1 75  TYR 75  75  75  TYR TYR A . n 
A 1 76  ARG 76  76  76  ARG ALA A . n 
A 1 77  GLY 77  77  77  GLY GLY A . n 
A 1 78  SER 78  78  78  SER SER A . n 
A 1 79  ALA 79  79  79  ALA ALA A . n 
A 1 80  ALA 80  80  80  ALA ALA A . n 
A 1 81  ALA 81  81  81  ALA ALA A . n 
A 1 82  ILE 82  82  82  ILE ILE A . n 
A 1 83  ILE 83  83  83  ILE ILE A . n 
A 1 84  VAL 84  84  84  VAL VAL A . n 
A 1 85  TYR 85  85  85  TYR TYR A . n 
A 1 86  ASP 86  86  86  ASP ASP A . n 
A 1 87  ILE 87  87  87  ILE ILE A . n 
A 1 88  THR 88  88  88  THR THR A . n 
A 1 89  LYS 89  89  89  LYS ALA A . n 
A 1 90  GLU 90  90  90  GLU GLU A . n 
A 1 91  GLU 91  91  91  GLU GLU A . n 
A 1 92  THR 92  92  92  THR THR A . n 
A 1 93  PHE 93  93  93  PHE PHE A . n 
A 1 94  SER 94  94  94  SER SER A . n 
A 1 95  THR 95  95  95  THR THR A . n 
A 1 96  LEU 96  96  96  LEU LEU A . n 
A 1 97  LYS 97  97  97  LYS LYS A . n 
A 1 98  ASN 98  98  98  ASN ASN A . n 
A 1 99  TRP 99  99  99  TRP TRP A . n 
A 1 100 VAL 100 100 100 VAL VAL A . n 
A 1 101 ARG 101 101 101 ARG ARG A . n 
A 1 102 GLU 102 102 102 GLU GLU A . n 
A 1 103 LEU 103 103 103 LEU LEU A . n 
A 1 104 ARG 104 104 104 ARG ARG A . n 
A 1 105 GLN 105 105 105 GLN GLN A . n 
A 1 106 HIS 106 106 106 HIS HIS A . n 
A 1 107 GLY 107 107 107 GLY GLY A . n 
A 1 108 PRO 108 108 108 PRO PRO A . n 
A 1 109 PRO 109 109 109 PRO PRO A . n 
A 1 110 SER 110 110 110 SER SER A . n 
A 1 111 ILE 111 111 111 ILE ILE A . n 
A 1 112 VAL 112 112 112 VAL VAL A . n 
A 1 113 VAL 113 113 113 VAL VAL A . n 
A 1 114 ALA 114 114 114 ALA ALA A . n 
A 1 115 ILE 115 115 115 ILE ILE A . n 
A 1 116 ALA 116 116 116 ALA ALA A . n 
A 1 117 GLY 117 117 117 GLY GLY A . n 
A 1 118 ASN 118 118 118 ASN ASN A . n 
A 1 119 LYS 119 119 119 LYS LYS A . n 
A 1 120 CYS 120 120 120 CYS CYS A . n 
A 1 121 ASP 121 121 121 ASP ASP A . n 
A 1 122 LEU 122 122 122 LEU LEU A . n 
A 1 123 THR 123 123 123 THR THR A . n 
A 1 124 ASP 124 124 124 ASP ASP A . n 
A 1 125 VAL 125 125 125 VAL VAL A . n 
A 1 126 ARG 126 126 126 ARG ARG A . n 
A 1 127 GLU 127 127 127 GLU GLU A . n 
A 1 128 VAL 128 128 128 VAL VAL A . n 
A 1 129 MET 129 129 129 MET MET A . n 
A 1 130 GLU 130 130 130 GLU GLU A . n 
A 1 131 ARG 131 131 131 ARG ARG A . n 
A 1 132 ASP 132 132 132 ASP ASP A . n 
A 1 133 ALA 133 133 133 ALA ALA A . n 
A 1 134 LYS 134 134 134 LYS LYS A . n 
A 1 135 ASP 135 135 135 ASP ASP A . n 
A 1 136 TYR 136 136 136 TYR TYR A . n 
A 1 137 ALA 137 137 137 ALA ALA A . n 
A 1 138 ASP 138 138 138 ASP ASP A . n 
A 1 139 SER 139 139 139 SER SER A . n 
A 1 140 ILE 140 140 140 ILE ILE A . n 
A 1 141 HIS 141 141 141 HIS HIS A . n 
A 1 142 ALA 142 142 142 ALA ALA A . n 
A 1 143 ILE 143 143 143 ILE ILE A . n 
A 1 144 PHE 144 144 144 PHE PHE A . n 
A 1 145 VAL 145 145 145 VAL VAL A . n 
A 1 146 GLU 146 146 146 GLU GLU A . n 
A 1 147 THR 147 147 147 THR THR A . n 
A 1 148 SER 148 148 148 SER SER A . n 
A 1 149 ALA 149 149 149 ALA ALA A . n 
A 1 150 LYS 150 150 150 LYS LYS A . n 
A 1 151 ASN 151 151 151 ASN ASN A . n 
A 1 152 ALA 152 152 152 ALA ALA A . n 
A 1 153 ILE 153 153 153 ILE ILE A . n 
A 1 154 ASN 154 154 154 ASN ASN A . n 
A 1 155 ILE 155 155 155 ILE ILE A . n 
A 1 156 ASN 156 156 156 ASN ASN A . n 
A 1 157 GLU 157 157 157 GLU GLU A . n 
A 1 158 LEU 158 158 158 LEU LEU A . n 
A 1 159 PHE 159 159 159 PHE PHE A . n 
A 1 160 ILE 160 160 160 ILE ILE A . n 
A 1 161 GLU 161 161 161 GLU GLU A . n 
A 1 162 ILE 162 162 162 ILE ILE A . n 
A 1 163 SER 163 163 163 SER SER A . n 
A 1 164 ARG 164 164 164 ARG ARG A . n 
A 1 165 ARG 165 165 165 ARG ARG A . n 
A 1 166 ILE 166 166 166 ILE ILE A . n 
A 1 167 PRO 167 167 167 PRO PRO A . n 
A 1 168 SER 168 168 ?   ?   ?   A . n 
A 1 169 THR 169 169 ?   ?   ?   A . n 
# 
loop_
_pdbx_nonpoly_scheme.asym_id 
_pdbx_nonpoly_scheme.entity_id 
_pdbx_nonpoly_scheme.mon_id 
_pdbx_nonpoly_scheme.ndb_seq_num 
_pdbx_nonpoly_scheme.pdb_seq_num 
_pdbx_nonpoly_scheme.auth_seq_num 
_pdbx_nonpoly_scheme.pdb_mon_id 
_pdbx_nonpoly_scheme.auth_mon_id 
_pdbx_nonpoly_scheme.pdb_strand_id 
_pdbx_nonpoly_scheme.pdb_ins_code 
B 2 MG  1   850  300 MG  MG  A . 
C 3 GNP 1   900  200 GNP GNP A . 
D 4 HOH 1   901  1   HOH HOH A . 
D 4 HOH 2   902  2   HOH HOH A . 
D 4 HOH 3   903  3   HOH HOH A . 
D 4 HOH 4   904  4   HOH HOH A . 
D 4 HOH 5   905  5   HOH HOH A . 
D 4 HOH 6   906  6   HOH HOH A . 
D 4 HOH 7   907  7   HOH HOH A . 
D 4 HOH 8   908  8   HOH HOH A . 
D 4 HOH 9   909  9   HOH HOH A . 
D 4 HOH 10  910  10  HOH HOH A . 
D 4 HOH 11  911  11  HOH HOH A . 
D 4 HOH 12  912  12  HOH HOH A . 
D 4 HOH 13  913  13  HOH HOH A . 
D 4 HOH 14  914  14  HOH HOH A . 
D 4 HOH 15  915  15  HOH HOH A . 
D 4 HOH 16  916  16  HOH HOH A . 
D 4 HOH 17  917  17  HOH HOH A . 
D 4 HOH 18  918  18  HOH HOH A . 
D 4 HOH 19  919  19  HOH HOH A . 
D 4 HOH 20  920  20  HOH HOH A . 
D 4 HOH 21  921  21  HOH HOH A . 
D 4 HOH 22  922  22  HOH HOH A . 
D 4 HOH 23  923  23  HOH HOH A . 
D 4 HOH 24  924  24  HOH HOH A . 
D 4 HOH 25  925  25  HOH HOH A . 
D 4 HOH 26  926  26  HOH HOH A . 
D 4 HOH 27  927  27  HOH HOH A . 
D 4 HOH 28  928  29  HOH HOH A . 
D 4 HOH 29  929  30  HOH HOH A . 
D 4 HOH 30  930  31  HOH HOH A . 
D 4 HOH 31  931  32  HOH HOH A . 
D 4 HOH 32  932  34  HOH HOH A . 
D 4 HOH 33  933  35  HOH HOH A . 
D 4 HOH 34  934  36  HOH HOH A . 
D 4 HOH 35  935  37  HOH HOH A . 
D 4 HOH 36  936  38  HOH HOH A . 
D 4 HOH 37  937  39  HOH HOH A . 
D 4 HOH 38  938  40  HOH HOH A . 
D 4 HOH 39  939  41  HOH HOH A . 
D 4 HOH 40  940  42  HOH HOH A . 
D 4 HOH 41  941  43  HOH HOH A . 
D 4 HOH 42  942  44  HOH HOH A . 
D 4 HOH 43  943  45  HOH HOH A . 
D 4 HOH 44  944  46  HOH HOH A . 
D 4 HOH 45  945  47  HOH HOH A . 
D 4 HOH 46  946  48  HOH HOH A . 
D 4 HOH 47  947  49  HOH HOH A . 
D 4 HOH 48  948  50  HOH HOH A . 
D 4 HOH 49  949  52  HOH HOH A . 
D 4 HOH 50  950  54  HOH HOH A . 
D 4 HOH 51  951  55  HOH HOH A . 
D 4 HOH 52  952  56  HOH HOH A . 
D 4 HOH 53  953  57  HOH HOH A . 
D 4 HOH 54  954  58  HOH HOH A . 
D 4 HOH 55  955  60  HOH HOH A . 
D 4 HOH 56  956  61  HOH HOH A . 
D 4 HOH 57  957  62  HOH HOH A . 
D 4 HOH 58  958  63  HOH HOH A . 
D 4 HOH 59  959  64  HOH HOH A . 
D 4 HOH 60  960  65  HOH HOH A . 
D 4 HOH 61  961  66  HOH HOH A . 
D 4 HOH 62  962  67  HOH HOH A . 
D 4 HOH 63  963  69  HOH HOH A . 
D 4 HOH 64  964  70  HOH HOH A . 
D 4 HOH 65  965  71  HOH HOH A . 
D 4 HOH 66  966  72  HOH HOH A . 
D 4 HOH 67  967  73  HOH HOH A . 
D 4 HOH 68  968  74  HOH HOH A . 
D 4 HOH 69  969  75  HOH HOH A . 
D 4 HOH 70  970  76  HOH HOH A . 
D 4 HOH 71  971  77  HOH HOH A . 
D 4 HOH 72  972  79  HOH HOH A . 
D 4 HOH 73  973  80  HOH HOH A . 
D 4 HOH 74  974  81  HOH HOH A . 
D 4 HOH 75  975  82  HOH HOH A . 
D 4 HOH 76  976  83  HOH HOH A . 
D 4 HOH 77  977  84  HOH HOH A . 
D 4 HOH 78  978  85  HOH HOH A . 
D 4 HOH 79  979  87  HOH HOH A . 
D 4 HOH 80  980  88  HOH HOH A . 
D 4 HOH 81  981  89  HOH HOH A . 
D 4 HOH 82  982  90  HOH HOH A . 
D 4 HOH 83  983  91  HOH HOH A . 
D 4 HOH 84  984  92  HOH HOH A . 
D 4 HOH 85  985  93  HOH HOH A . 
D 4 HOH 86  986  94  HOH HOH A . 
D 4 HOH 87  987  95  HOH HOH A . 
D 4 HOH 88  988  96  HOH HOH A . 
D 4 HOH 89  989  97  HOH HOH A . 
D 4 HOH 90  990  99  HOH HOH A . 
D 4 HOH 91  991  100 HOH HOH A . 
D 4 HOH 92  992  101 HOH HOH A . 
D 4 HOH 93  993  102 HOH HOH A . 
D 4 HOH 94  994  103 HOH HOH A . 
D 4 HOH 95  995  104 HOH HOH A . 
D 4 HOH 96  996  105 HOH HOH A . 
D 4 HOH 97  997  106 HOH HOH A . 
D 4 HOH 98  998  107 HOH HOH A . 
D 4 HOH 99  999  108 HOH HOH A . 
D 4 HOH 100 1000 109 HOH HOH A . 
D 4 HOH 101 1001 110 HOH HOH A . 
D 4 HOH 102 1002 111 HOH HOH A . 
D 4 HOH 103 1003 114 HOH HOH A . 
D 4 HOH 104 1004 115 HOH HOH A . 
D 4 HOH 105 1005 116 HOH HOH A . 
D 4 HOH 106 1006 117 HOH HOH A . 
D 4 HOH 107 1007 118 HOH HOH A . 
D 4 HOH 108 1008 119 HOH HOH A . 
D 4 HOH 109 1009 120 HOH HOH A . 
D 4 HOH 110 1010 121 HOH HOH A . 
D 4 HOH 111 1011 122 HOH HOH A . 
D 4 HOH 112 1012 123 HOH HOH A . 
D 4 HOH 113 1013 124 HOH HOH A . 
D 4 HOH 114 1014 126 HOH HOH A . 
D 4 HOH 115 1015 128 HOH HOH A . 
D 4 HOH 116 1016 130 HOH HOH A . 
D 4 HOH 117 1017 131 HOH HOH A . 
D 4 HOH 118 1018 132 HOH HOH A . 
D 4 HOH 119 1019 133 HOH HOH A . 
D 4 HOH 120 1020 135 HOH HOH A . 
D 4 HOH 121 1021 136 HOH HOH A . 
D 4 HOH 122 1022 138 HOH HOH A . 
D 4 HOH 123 1023 139 HOH HOH A . 
D 4 HOH 124 1024 140 HOH HOH A . 
D 4 HOH 125 1025 141 HOH HOH A . 
D 4 HOH 126 1026 142 HOH HOH A . 
D 4 HOH 127 1027 144 HOH HOH A . 
D 4 HOH 128 1028 145 HOH HOH A . 
D 4 HOH 129 1029 147 HOH HOH A . 
D 4 HOH 130 1030 149 HOH HOH A . 
D 4 HOH 131 1031 150 HOH HOH A . 
D 4 HOH 132 1032 153 HOH HOH A . 
D 4 HOH 133 1033 154 HOH HOH A . 
D 4 HOH 134 1034 155 HOH HOH A . 
D 4 HOH 135 1035 157 HOH HOH A . 
D 4 HOH 136 1036 158 HOH HOH A . 
D 4 HOH 137 1037 159 HOH HOH A . 
D 4 HOH 138 1038 160 HOH HOH A . 
D 4 HOH 139 1039 161 HOH HOH A . 
D 4 HOH 140 1040 162 HOH HOH A . 
D 4 HOH 141 1041 163 HOH HOH A . 
D 4 HOH 142 1042 164 HOH HOH A . 
D 4 HOH 143 1043 166 HOH HOH A . 
D 4 HOH 144 1044 167 HOH HOH A . 
D 4 HOH 145 1045 168 HOH HOH A . 
D 4 HOH 146 1046 169 HOH HOH A . 
D 4 HOH 147 1047 170 HOH HOH A . 
D 4 HOH 148 1048 171 HOH HOH A . 
D 4 HOH 149 1049 172 HOH HOH A . 
D 4 HOH 150 1050 173 HOH HOH A . 
D 4 HOH 151 1051 177 HOH HOH A . 
D 4 HOH 152 1052 178 HOH HOH A . 
D 4 HOH 153 1053 179 HOH HOH A . 
D 4 HOH 154 1054 181 HOH HOH A . 
D 4 HOH 155 1055 182 HOH HOH A . 
D 4 HOH 156 1056 183 HOH HOH A . 
D 4 HOH 157 1057 184 HOH HOH A . 
D 4 HOH 158 1058 186 HOH HOH A . 
D 4 HOH 159 1059 189 HOH HOH A . 
D 4 HOH 160 1060 190 HOH HOH A . 
D 4 HOH 161 1061 192 HOH HOH A . 
D 4 HOH 162 1062 193 HOH HOH A . 
D 4 HOH 163 1063 195 HOH HOH A . 
D 4 HOH 164 1064 197 HOH HOH A . 
D 4 HOH 165 1065 198 HOH HOH A . 
D 4 HOH 166 1066 199 HOH HOH A . 
D 4 HOH 167 1067 200 HOH HOH A . 
D 4 HOH 168 1068 201 HOH HOH A . 
D 4 HOH 169 1069 202 HOH HOH A . 
D 4 HOH 170 1070 203 HOH HOH A . 
D 4 HOH 171 1071 204 HOH HOH A . 
D 4 HOH 172 1072 205 HOH HOH A . 
D 4 HOH 173 1073 206 HOH HOH A . 
D 4 HOH 174 1074 208 HOH HOH A . 
D 4 HOH 175 1075 209 HOH HOH A . 
D 4 HOH 176 1076 210 HOH HOH A . 
D 4 HOH 177 1077 211 HOH HOH A . 
D 4 HOH 178 1078 215 HOH HOH A . 
D 4 HOH 179 1079 217 HOH HOH A . 
D 4 HOH 180 1080 219 HOH HOH A . 
D 4 HOH 181 1081 220 HOH HOH A . 
D 4 HOH 182 1082 221 HOH HOH A . 
D 4 HOH 183 1083 222 HOH HOH A . 
D 4 HOH 184 1084 223 HOH HOH A . 
D 4 HOH 185 1085 224 HOH HOH A . 
D 4 HOH 186 1086 225 HOH HOH A . 
D 4 HOH 187 1087 226 HOH HOH A . 
D 4 HOH 188 1088 228 HOH HOH A . 
D 4 HOH 189 1089 229 HOH HOH A . 
D 4 HOH 190 1090 230 HOH HOH A . 
D 4 HOH 191 1091 232 HOH HOH A . 
D 4 HOH 192 1092 233 HOH HOH A . 
D 4 HOH 193 1093 234 HOH HOH A . 
D 4 HOH 194 1094 235 HOH HOH A . 
D 4 HOH 195 1095 236 HOH HOH A . 
D 4 HOH 196 1096 237 HOH HOH A . 
D 4 HOH 197 1097 239 HOH HOH A . 
D 4 HOH 198 1098 240 HOH HOH A . 
D 4 HOH 199 1099 242 HOH HOH A . 
D 4 HOH 200 1100 246 HOH HOH A . 
D 4 HOH 201 1101 247 HOH HOH A . 
D 4 HOH 202 1102 248 HOH HOH A . 
D 4 HOH 203 1103 249 HOH HOH A . 
D 4 HOH 204 1104 252 HOH HOH A . 
D 4 HOH 205 1105 253 HOH HOH A . 
D 4 HOH 206 1106 255 HOH HOH A . 
D 4 HOH 207 1107 259 HOH HOH A . 
D 4 HOH 208 1108 260 HOH HOH A . 
D 4 HOH 209 1109 263 HOH HOH A . 
D 4 HOH 210 1110 264 HOH HOH A . 
D 4 HOH 211 1111 270 HOH HOH A . 
D 4 HOH 212 1112 272 HOH HOH A . 
D 4 HOH 213 1113 273 HOH HOH A . 
D 4 HOH 214 1114 274 HOH HOH A . 
D 4 HOH 215 1115 276 HOH HOH A . 
D 4 HOH 216 1116 281 HOH HOH A . 
D 4 HOH 217 1117 285 HOH HOH A . 
D 4 HOH 218 1118 289 HOH HOH A . 
D 4 HOH 219 1119 300 HOH HOH A . 
D 4 HOH 220 1120 301 HOH HOH A . 
D 4 HOH 221 1121 302 HOH HOH A . 
D 4 HOH 222 1122 308 HOH HOH A . 
D 4 HOH 223 1123 320 HOH HOH A . 
D 4 HOH 224 1124 321 HOH HOH A . 
D 4 HOH 225 1125 334 HOH HOH A . 
D 4 HOH 226 1126 339 HOH HOH A . 
D 4 HOH 227 1127 341 HOH HOH A . 
D 4 HOH 228 1128 343 HOH HOH A . 
D 4 HOH 229 1129 344 HOH HOH A . 
D 4 HOH 230 1130 357 HOH HOH A . 
D 4 HOH 231 1131 376 HOH HOH A . 
D 4 HOH 232 1132 377 HOH HOH A . 
D 4 HOH 233 1133 392 HOH HOH A . 
D 4 HOH 234 1134 395 HOH HOH A . 
D 4 HOH 235 1135 398 HOH HOH A . 
D 4 HOH 236 1136 408 HOH HOH A . 
D 4 HOH 237 1137 421 HOH HOH A . 
D 4 HOH 238 1138 425 HOH HOH A . 
D 4 HOH 239 1139 427 HOH HOH A . 
D 4 HOH 240 1140 429 HOH HOH A . 
D 4 HOH 241 1141 445 HOH HOH A . 
D 4 HOH 242 1142 567 HOH HOH A . 
D 4 HOH 243 1143 595 HOH HOH A . 
D 4 HOH 244 1144 633 HOH HOH A . 
D 4 HOH 245 1145 806 HOH HOH A . 
D 4 HOH 246 1146 811 HOH HOH A . 
D 4 HOH 247 1147 814 HOH HOH A . 
D 4 HOH 248 1148 815 HOH HOH A . 
# 
loop_
_pdbx_unobs_or_zero_occ_atoms.id 
_pdbx_unobs_or_zero_occ_atoms.PDB_model_num 
_pdbx_unobs_or_zero_occ_atoms.polymer_flag 
_pdbx_unobs_or_zero_occ_atoms.occupancy_flag 
_pdbx_unobs_or_zero_occ_atoms.auth_asym_id 
_pdbx_unobs_or_zero_occ_atoms.auth_comp_id 
_pdbx_unobs_or_zero_occ_atoms.auth_seq_id 
_pdbx_unobs_or_zero_occ_atoms.PDB_ins_code 
_pdbx_unobs_or_zero_occ_atoms.auth_atom_id 
_pdbx_unobs_or_zero_occ_atoms.label_alt_id 
_pdbx_unobs_or_zero_occ_atoms.label_asym_id 
_pdbx_unobs_or_zero_occ_atoms.label_comp_id 
_pdbx_unobs_or_zero_occ_atoms.label_seq_id 
_pdbx_unobs_or_zero_occ_atoms.label_atom_id 
1  1 Y 1 A GLU 65 ? CG  ? A GLU 65 CG  
2  1 Y 1 A GLU 65 ? CD  ? A GLU 65 CD  
3  1 Y 1 A GLU 65 ? OE1 ? A GLU 65 OE1 
4  1 Y 1 A GLU 65 ? OE2 ? A GLU 65 OE2 
5  1 Y 1 A ARG 76 ? CG  ? A ARG 76 CG  
6  1 Y 1 A ARG 76 ? CD  ? A ARG 76 CD  
7  1 Y 1 A ARG 76 ? NE  ? A ARG 76 NE  
8  1 Y 1 A ARG 76 ? CZ  ? A ARG 76 CZ  
9  1 Y 1 A ARG 76 ? NH1 ? A ARG 76 NH1 
10 1 Y 1 A ARG 76 ? NH2 ? A ARG 76 NH2 
11 1 Y 1 A LYS 89 ? CG  ? A LYS 89 CG  
12 1 Y 1 A LYS 89 ? CD  ? A LYS 89 CD  
13 1 Y 1 A LYS 89 ? CE  ? A LYS 89 CE  
14 1 Y 1 A LYS 89 ? NZ  ? A LYS 89 NZ  
# 
loop_
_software.name 
_software.classification 
_software.version 
_software.citation_id 
_software.pdbx_ordinal 
REFMAC    refinement       5.2.0005 ? 1 
DENZO     'data reduction' .        ? 2 
SCALEPACK 'data scaling'   .        ? 3 
AMoRE     phasing          .        ? 4 
# 
_cell.entry_id           1YVD 
_cell.length_a           45.536 
_cell.length_b           45.536 
_cell.length_c           150.338 
_cell.angle_alpha        90.00 
_cell.angle_beta         90.00 
_cell.angle_gamma        90.00 
_cell.Z_PDB              8 
_cell.pdbx_unique_axis   ? 
# 
_symmetry.entry_id                         1YVD 
_symmetry.space_group_name_H-M             'P 43 21 2' 
_symmetry.pdbx_full_space_group_name_H-M   ? 
_symmetry.cell_setting                     ? 
_symmetry.Int_Tables_number                96 
_symmetry.space_group_name_Hall            ? 
# 
_exptl.entry_id          1YVD 
_exptl.method            'X-RAY DIFFRACTION' 
_exptl.crystals_number   1 
# 
_exptl_crystal.id                    1 
_exptl_crystal.density_meas          ? 
_exptl_crystal.density_Matthews      2.07 
_exptl_crystal.density_percent_sol   40.1 
_exptl_crystal.description           ? 
_exptl_crystal.F_000                 ? 
_exptl_crystal.preparation           ? 
# 
_exptl_crystal_grow.crystal_id      1 
_exptl_crystal_grow.method          'VAPOR DIFFUSION, HANGING DROP' 
_exptl_crystal_grow.temp            277 
_exptl_crystal_grow.temp_details    ? 
_exptl_crystal_grow.pH              6.0 
_exptl_crystal_grow.pdbx_details    
'PEG6000, Lithium chloride, MES, Glycerol, pH 6.0, VAPOR DIFFUSION, HANGING DROP, temperature 277K' 
_exptl_crystal_grow.pdbx_pH_range   . 
# 
_diffrn.id                     1 
_diffrn.ambient_temp           100 
_diffrn.ambient_temp_details   ? 
_diffrn.crystal_id             1 
# 
_diffrn_detector.diffrn_id              1 
_diffrn_detector.detector               'IMAGE PLATE' 
_diffrn_detector.type                   'MAR scanner 300 mm plate' 
_diffrn_detector.pdbx_collection_date   2003-01-01 
_diffrn_detector.details                ? 
# 
_diffrn_radiation.diffrn_id                        1 
_diffrn_radiation.wavelength_id                    1 
_diffrn_radiation.pdbx_monochromatic_or_laue_m_l   M 
_diffrn_radiation.monochromator                    'confocal blue optic device' 
_diffrn_radiation.pdbx_diffrn_protocol             'SINGLE WAVELENGTH' 
_diffrn_radiation.pdbx_scattering_type             x-ray 
# 
_diffrn_radiation_wavelength.id           1 
_diffrn_radiation_wavelength.wavelength   1.5418 
_diffrn_radiation_wavelength.wt           1.0 
# 
_diffrn_source.diffrn_id                   1 
_diffrn_source.source                      'ROTATING ANODE' 
_diffrn_source.type                        'RIGAKU RUH3R' 
_diffrn_source.pdbx_synchrotron_site       ? 
_diffrn_source.pdbx_synchrotron_beamline   ? 
_diffrn_source.pdbx_wavelength             1.5418 
_diffrn_source.pdbx_wavelength_list        ? 
# 
_reflns.entry_id                     1YVD 
_reflns.observed_criterion_sigma_F   0 
_reflns.observed_criterion_sigma_I   0 
_reflns.d_resolution_high            1.905 
_reflns.d_resolution_low             50.0 
_reflns.number_all                   ? 
_reflns.number_obs                   13168 
_reflns.percent_possible_obs         99.9 
_reflns.pdbx_Rmerge_I_obs            ? 
_reflns.pdbx_Rsym_value              0.086 
_reflns.pdbx_netI_over_sigmaI        33.9 
_reflns.B_iso_Wilson_estimate        31.0 
_reflns.pdbx_redundancy              9 
_reflns.R_free_details               ? 
_reflns.limit_h_max                  ? 
_reflns.limit_h_min                  ? 
_reflns.limit_k_max                  ? 
_reflns.limit_k_min                  ? 
_reflns.limit_l_max                  ? 
_reflns.limit_l_min                  ? 
_reflns.observed_criterion_F_max     ? 
_reflns.observed_criterion_F_min     ? 
_reflns.pdbx_chi_squared             ? 
_reflns.pdbx_scaling_rejects         ? 
_reflns.pdbx_diffrn_id               1 
_reflns.pdbx_ordinal                 1 
# 
_reflns_shell.d_res_high             1.90 
_reflns_shell.d_res_low              1.96 
_reflns_shell.percent_possible_all   99.9 
_reflns_shell.Rmerge_I_obs           ? 
_reflns_shell.pdbx_Rsym_value        0.224 
_reflns_shell.meanI_over_sigI_obs    10.4 
_reflns_shell.pdbx_redundancy        9 
_reflns_shell.percent_possible_obs   ? 
_reflns_shell.number_unique_all      1050 
_reflns_shell.number_measured_all    ? 
_reflns_shell.number_measured_obs    ? 
_reflns_shell.number_unique_obs      ? 
_reflns_shell.pdbx_chi_squared       ? 
_reflns_shell.pdbx_diffrn_id         ? 
_reflns_shell.pdbx_ordinal           1 
# 
_refine.entry_id                                 1YVD 
_refine.ls_number_reflns_obs                     11562 
_refine.ls_number_reflns_all                     13240 
_refine.pdbx_ls_sigma_I                          ? 
_refine.pdbx_ls_sigma_F                          0 
_refine.pdbx_data_cutoff_high_absF               ? 
_refine.pdbx_data_cutoff_low_absF                ? 
_refine.pdbx_data_cutoff_high_rms_absF           ? 
_refine.ls_d_res_low                             20 
_refine.ls_d_res_high                            1.93 
_refine.ls_percent_reflns_obs                    100.00 
_refine.ls_R_factor_obs                          0.19281 
_refine.ls_R_factor_all                          0.203 
_refine.ls_R_factor_R_work                       0.18952 
_refine.ls_R_factor_R_free                       0.2587 
_refine.ls_R_factor_R_free_error                 ? 
_refine.ls_R_factor_R_free_error_details         ? 
_refine.ls_percent_reflns_R_free                 4.9 
_refine.ls_number_reflns_R_free                  598 
_refine.ls_number_parameters                     ? 
_refine.ls_number_restraints                     ? 
_refine.occupancy_min                            ? 
_refine.occupancy_max                            ? 
_refine.correlation_coeff_Fo_to_Fc               0.950 
_refine.correlation_coeff_Fo_to_Fc_free          0.912 
_refine.B_iso_mean                               23.098 
_refine.aniso_B[1][1]                            0.20 
_refine.aniso_B[2][2]                            0.20 
_refine.aniso_B[3][3]                            -0.40 
_refine.aniso_B[1][2]                            0.00 
_refine.aniso_B[1][3]                            0.00 
_refine.aniso_B[2][3]                            0.00 
_refine.solvent_model_details                    MASK 
_refine.solvent_model_param_ksol                 ? 
_refine.solvent_model_param_bsol                 ? 
_refine.pdbx_solvent_vdw_probe_radii             1.20 
_refine.pdbx_solvent_ion_probe_radii             0.80 
_refine.pdbx_solvent_shrinkage_radii             0.80 
_refine.pdbx_ls_cross_valid_method               THROUGHOUT 
_refine.details                                  'HYDROGENS HAVE BEEN ADDED IN THE RIDING POSITIONS' 
_refine.pdbx_starting_model                      'Rab3a polyalanine' 
_refine.pdbx_method_to_determine_struct          'MOLECULAR REPLACEMENT' 
_refine.pdbx_isotropic_thermal_model             ? 
_refine.pdbx_stereochemistry_target_values       'MAXIMUM LIKELIHOOD' 
_refine.pdbx_stereochem_target_val_spec_case     ? 
_refine.pdbx_R_Free_selection_details            RANDOM 
_refine.pdbx_overall_ESU_R                       0.206 
_refine.pdbx_overall_ESU_R_Free                  0.188 
_refine.overall_SU_ML                            0.112 
_refine.overall_SU_B                             3.735 
_refine.ls_redundancy_reflns_obs                 ? 
_refine.B_iso_min                                ? 
_refine.B_iso_max                                ? 
_refine.overall_SU_R_Cruickshank_DPI             ? 
_refine.overall_SU_R_free                        ? 
_refine.ls_wR_factor_R_free                      ? 
_refine.ls_wR_factor_R_work                      ? 
_refine.overall_FOM_free_R_set                   ? 
_refine.overall_FOM_work_R_set                   ? 
_refine.pdbx_refine_id                           'X-RAY DIFFRACTION' 
_refine.pdbx_diffrn_id                           1 
_refine.pdbx_TLS_residual_ADP_flag               ? 
_refine.pdbx_overall_phase_error                 ? 
_refine.pdbx_overall_SU_R_free_Cruickshank_DPI   ? 
_refine.pdbx_overall_SU_R_Blow_DPI               ? 
_refine.pdbx_overall_SU_R_free_Blow_DPI          ? 
# 
_refine_hist.pdbx_refine_id                   'X-RAY DIFFRACTION' 
_refine_hist.cycle_id                         LAST 
_refine_hist.pdbx_number_atoms_protein        1312 
_refine_hist.pdbx_number_atoms_nucleic_acid   0 
_refine_hist.pdbx_number_atoms_ligand         33 
_refine_hist.number_atoms_solvent             248 
_refine_hist.number_atoms_total               1593 
_refine_hist.d_res_high                       1.93 
_refine_hist.d_res_low                        20 
# 
loop_
_refine_ls_restr.type 
_refine_ls_restr.dev_ideal 
_refine_ls_restr.dev_ideal_target 
_refine_ls_restr.weight 
_refine_ls_restr.number 
_refine_ls_restr.pdbx_refine_id 
_refine_ls_restr.pdbx_restraint_function 
r_bond_refined_d             0.009  0.022  ? 1373 'X-RAY DIFFRACTION' ? 
r_bond_other_d               ?      ?      ? ?    'X-RAY DIFFRACTION' ? 
r_angle_refined_deg          1.111  1.971  ? 1871 'X-RAY DIFFRACTION' ? 
r_angle_other_deg            ?      ?      ? ?    'X-RAY DIFFRACTION' ? 
r_dihedral_angle_1_deg       5.357  5.000  ? 165  'X-RAY DIFFRACTION' ? 
r_dihedral_angle_2_deg       29.675 23.710 ? 62   'X-RAY DIFFRACTION' ? 
r_dihedral_angle_3_deg       12.353 15.000 ? 227  'X-RAY DIFFRACTION' ? 
r_dihedral_angle_4_deg       18.848 15.000 ? 10   'X-RAY DIFFRACTION' ? 
r_chiral_restr               0.072  0.200  ? 211  'X-RAY DIFFRACTION' ? 
r_gen_planes_refined         0.003  0.020  ? 1022 'X-RAY DIFFRACTION' ? 
r_gen_planes_other           ?      ?      ? ?    'X-RAY DIFFRACTION' ? 
r_nbd_refined                0.197  0.200  ? 645  'X-RAY DIFFRACTION' ? 
r_nbd_other                  ?      ?      ? ?    'X-RAY DIFFRACTION' ? 
r_nbtor_refined              0.302  0.200  ? 934  'X-RAY DIFFRACTION' ? 
r_nbtor_other                ?      ?      ? ?    'X-RAY DIFFRACTION' ? 
r_xyhbond_nbd_refined        0.136  0.200  ? 204  'X-RAY DIFFRACTION' ? 
r_xyhbond_nbd_other          ?      ?      ? ?    'X-RAY DIFFRACTION' ? 
r_metal_ion_refined          0.061  0.200  ? 1    'X-RAY DIFFRACTION' ? 
r_metal_ion_other            ?      ?      ? ?    'X-RAY DIFFRACTION' ? 
r_symmetry_vdw_refined       0.178  0.200  ? 28   'X-RAY DIFFRACTION' ? 
r_symmetry_vdw_other         ?      ?      ? ?    'X-RAY DIFFRACTION' ? 
r_symmetry_hbond_refined     0.141  0.200  ? 40   'X-RAY DIFFRACTION' ? 
r_symmetry_hbond_other       ?      ?      ? ?    'X-RAY DIFFRACTION' ? 
r_symmetry_metal_ion_refined ?      ?      ? ?    'X-RAY DIFFRACTION' ? 
r_symmetry_metal_ion_other   ?      ?      ? ?    'X-RAY DIFFRACTION' ? 
r_mcbond_it                  0.600  1.500  ? 858  'X-RAY DIFFRACTION' ? 
r_mcbond_other               ?      ?      ? ?    'X-RAY DIFFRACTION' ? 
r_mcangle_it                 1.048  2.000  ? 1340 'X-RAY DIFFRACTION' ? 
r_scbond_it                  1.296  3.000  ? 609  'X-RAY DIFFRACTION' ? 
r_scangle_it                 1.984  4.500  ? 531  'X-RAY DIFFRACTION' ? 
r_rigid_bond_restr           ?      ?      ? ?    'X-RAY DIFFRACTION' ? 
r_sphericity_free            ?      ?      ? ?    'X-RAY DIFFRACTION' ? 
r_sphericity_bonded          ?      ?      ? ?    'X-RAY DIFFRACTION' ? 
# 
_refine_ls_shell.pdbx_total_number_of_bins_used   20 
_refine_ls_shell.d_res_high                       1.930 
_refine_ls_shell.d_res_low                        1.975 
_refine_ls_shell.number_reflns_R_work             775 
_refine_ls_shell.R_factor_R_work                  0.245 
_refine_ls_shell.percent_reflns_obs               100.00 
_refine_ls_shell.R_factor_R_free                  0.347 
_refine_ls_shell.R_factor_R_free_error            ? 
_refine_ls_shell.percent_reflns_R_free            ? 
_refine_ls_shell.number_reflns_R_free             50 
_refine_ls_shell.number_reflns_obs                ? 
_refine_ls_shell.redundancy_reflns_obs            ? 
_refine_ls_shell.number_reflns_all                ? 
_refine_ls_shell.pdbx_refine_id                   'X-RAY DIFFRACTION' 
_refine_ls_shell.R_factor_all                     ? 
# 
_struct.entry_id                  1YVD 
_struct.title                     'GppNHp-Bound Rab22 GTPase' 
_struct.pdbx_model_details        ? 
_struct.pdbx_CASP_flag            ? 
_struct.pdbx_model_type_details   ? 
# 
_struct_keywords.entry_id        1YVD 
_struct_keywords.pdbx_keywords   'PROTEIN TRANSPORT' 
_struct_keywords.text            'Rab GTPase, Rab22, Vesicular trafficking, protein transport' 
# 
loop_
_struct_asym.id 
_struct_asym.pdbx_blank_PDB_chainid_flag 
_struct_asym.pdbx_modified 
_struct_asym.entity_id 
_struct_asym.details 
A N N 1 ? 
B N N 2 ? 
C N N 3 ? 
D N N 4 ? 
# 
_struct_ref.id                         1 
_struct_ref.db_name                    UNP 
_struct_ref.db_code                    RB22A_MOUSE 
_struct_ref.pdbx_db_accession          P35285 
_struct_ref.entity_id                  1 
_struct_ref.pdbx_seq_one_letter_code   
;LRELKVCLLGDTGVGKSSIVWRFVEDSFDPNINPTIGASFMTKTVQYQNELHKFLIWDTAGQERFRALAPMYYRGSAAAI
IVYDITKEETFSTLKNWVRELRQHGPPSIVVAIAGNKCDLTDVREVMERDAKDYADSIHAIFVETSAKNAININELFIEI
SRRIPST
;
_struct_ref.pdbx_align_begin           3 
_struct_ref.pdbx_db_isoform            ? 
# 
_struct_ref_seq.align_id                      1 
_struct_ref_seq.ref_id                        1 
_struct_ref_seq.pdbx_PDB_id_code              1YVD 
_struct_ref_seq.pdbx_strand_id                A 
_struct_ref_seq.seq_align_beg                 3 
_struct_ref_seq.pdbx_seq_align_beg_ins_code   ? 
_struct_ref_seq.seq_align_end                 169 
_struct_ref_seq.pdbx_seq_align_end_ins_code   ? 
_struct_ref_seq.pdbx_db_accession             P35285 
_struct_ref_seq.db_align_beg                  3 
_struct_ref_seq.pdbx_db_align_beg_ins_code    ? 
_struct_ref_seq.db_align_end                  169 
_struct_ref_seq.pdbx_db_align_end_ins_code    ? 
_struct_ref_seq.pdbx_auth_seq_align_beg       3 
_struct_ref_seq.pdbx_auth_seq_align_end       169 
# 
loop_
_struct_ref_seq_dif.align_id 
_struct_ref_seq_dif.pdbx_pdb_id_code 
_struct_ref_seq_dif.mon_id 
_struct_ref_seq_dif.pdbx_pdb_strand_id 
_struct_ref_seq_dif.seq_num 
_struct_ref_seq_dif.pdbx_pdb_ins_code 
_struct_ref_seq_dif.pdbx_seq_db_name 
_struct_ref_seq_dif.pdbx_seq_db_accession_code 
_struct_ref_seq_dif.db_mon_id 
_struct_ref_seq_dif.pdbx_seq_db_seq_num 
_struct_ref_seq_dif.details 
_struct_ref_seq_dif.pdbx_auth_seq_num 
_struct_ref_seq_dif.pdbx_ordinal 
1 1YVD GLY A 1 ? UNP P35285 ? ? 'cloning artifact' 1 1 
1 1YVD SER A 2 ? UNP P35285 ? ? 'cloning artifact' 2 2 
# 
_pdbx_struct_assembly.id                   1 
_pdbx_struct_assembly.details              author_defined_assembly 
_pdbx_struct_assembly.method_details       ? 
_pdbx_struct_assembly.oligomeric_details   monomeric 
_pdbx_struct_assembly.oligomeric_count     1 
# 
_pdbx_struct_assembly_gen.assembly_id       1 
_pdbx_struct_assembly_gen.oper_expression   1 
_pdbx_struct_assembly_gen.asym_id_list      A,B,C,D 
# 
_pdbx_struct_oper_list.id                   1 
_pdbx_struct_oper_list.type                 'identity operation' 
_pdbx_struct_oper_list.name                 1_555 
_pdbx_struct_oper_list.symmetry_operation   x,y,z 
_pdbx_struct_oper_list.matrix[1][1]         1.0000000000 
_pdbx_struct_oper_list.matrix[1][2]         0.0000000000 
_pdbx_struct_oper_list.matrix[1][3]         0.0000000000 
_pdbx_struct_oper_list.vector[1]            0.0000000000 
_pdbx_struct_oper_list.matrix[2][1]         0.0000000000 
_pdbx_struct_oper_list.matrix[2][2]         1.0000000000 
_pdbx_struct_oper_list.matrix[2][3]         0.0000000000 
_pdbx_struct_oper_list.vector[2]            0.0000000000 
_pdbx_struct_oper_list.matrix[3][1]         0.0000000000 
_pdbx_struct_oper_list.matrix[3][2]         0.0000000000 
_pdbx_struct_oper_list.matrix[3][3]         1.0000000000 
_pdbx_struct_oper_list.vector[3]            0.0000000000 
# 
_struct_biol.id                    1 
_struct_biol.pdbx_parent_biol_id   ? 
_struct_biol.details               ? 
# 
loop_
_struct_conf.conf_type_id 
_struct_conf.id 
_struct_conf.pdbx_PDB_helix_id 
_struct_conf.beg_label_comp_id 
_struct_conf.beg_label_asym_id 
_struct_conf.beg_label_seq_id 
_struct_conf.pdbx_beg_PDB_ins_code 
_struct_conf.end_label_comp_id 
_struct_conf.end_label_asym_id 
_struct_conf.end_label_seq_id 
_struct_conf.pdbx_end_PDB_ins_code 
_struct_conf.beg_auth_comp_id 
_struct_conf.beg_auth_asym_id 
_struct_conf.beg_auth_seq_id 
_struct_conf.end_auth_comp_id 
_struct_conf.end_auth_asym_id 
_struct_conf.end_auth_seq_id 
_struct_conf.pdbx_PDB_helix_class 
_struct_conf.details 
_struct_conf.pdbx_PDB_helix_length 
HELX_P HELX_P1 1 GLY A 17  ? ASP A 28  ? GLY A 17  ASP A 28  1 ? 12 
HELX_P HELX_P2 2 GLN A 64  ? ALA A 69  ? GLN A 64  ALA A 69  5 ? 6  
HELX_P HELX_P3 3 LEU A 70  ? ARG A 76  ? LEU A 70  ARG A 76  1 ? 7  
HELX_P HELX_P4 4 LYS A 89  ? THR A 95  ? LYS A 89  THR A 95  1 ? 7  
HELX_P HELX_P5 5 THR A 95  ? GLY A 107 ? THR A 95  GLY A 107 1 ? 13 
HELX_P HELX_P6 6 LEU A 122 ? ARG A 126 ? LEU A 122 ARG A 126 5 ? 5  
HELX_P HELX_P7 7 MET A 129 ? ILE A 140 ? MET A 129 ILE A 140 1 ? 12 
HELX_P HELX_P8 8 ASN A 154 ? ILE A 166 ? ASN A 154 ILE A 166 1 ? 13 
# 
_struct_conf_type.id          HELX_P 
_struct_conf_type.criteria    ? 
_struct_conf_type.reference   ? 
# 
loop_
_struct_conn.id 
_struct_conn.conn_type_id 
_struct_conn.pdbx_leaving_atom_flag 
_struct_conn.pdbx_PDB_id 
_struct_conn.ptnr1_label_asym_id 
_struct_conn.ptnr1_label_comp_id 
_struct_conn.ptnr1_label_seq_id 
_struct_conn.ptnr1_label_atom_id 
_struct_conn.pdbx_ptnr1_label_alt_id 
_struct_conn.pdbx_ptnr1_PDB_ins_code 
_struct_conn.pdbx_ptnr1_standard_comp_id 
_struct_conn.ptnr1_symmetry 
_struct_conn.ptnr2_label_asym_id 
_struct_conn.ptnr2_label_comp_id 
_struct_conn.ptnr2_label_seq_id 
_struct_conn.ptnr2_label_atom_id 
_struct_conn.pdbx_ptnr2_label_alt_id 
_struct_conn.pdbx_ptnr2_PDB_ins_code 
_struct_conn.ptnr1_auth_asym_id 
_struct_conn.ptnr1_auth_comp_id 
_struct_conn.ptnr1_auth_seq_id 
_struct_conn.ptnr2_auth_asym_id 
_struct_conn.ptnr2_auth_comp_id 
_struct_conn.ptnr2_auth_seq_id 
_struct_conn.ptnr2_symmetry 
_struct_conn.pdbx_ptnr3_label_atom_id 
_struct_conn.pdbx_ptnr3_label_seq_id 
_struct_conn.pdbx_ptnr3_label_comp_id 
_struct_conn.pdbx_ptnr3_label_asym_id 
_struct_conn.pdbx_ptnr3_label_alt_id 
_struct_conn.pdbx_ptnr3_PDB_ins_code 
_struct_conn.details 
_struct_conn.pdbx_dist_value 
_struct_conn.pdbx_value_order 
_struct_conn.pdbx_role 
metalc1 metalc ? ? A SER 19 OG  ? ? ? 1_555 B MG  . MG  ? ? A SER 19  A MG  850 1_555 ? ? ? ? ? ? ? 2.065 ? ? 
metalc2 metalc ? ? A THR 37 OG1 ? ? ? 1_555 B MG  . MG  ? ? A THR 37  A MG  850 1_555 ? ? ? ? ? ? ? 2.200 ? ? 
metalc3 metalc ? ? B MG  .  MG  ? ? ? 1_555 C GNP . O2G ? ? A MG  850 A GNP 900 1_555 ? ? ? ? ? ? ? 1.930 ? ? 
metalc4 metalc ? ? B MG  .  MG  ? ? ? 1_555 C GNP . O2B ? ? A MG  850 A GNP 900 1_555 ? ? ? ? ? ? ? 2.060 ? ? 
metalc5 metalc ? ? B MG  .  MG  ? ? ? 1_555 D HOH . O   ? ? A MG  850 A HOH 903 1_555 ? ? ? ? ? ? ? 2.198 ? ? 
metalc6 metalc ? ? B MG  .  MG  ? ? ? 1_555 D HOH . O   ? ? A MG  850 A HOH 916 1_555 ? ? ? ? ? ? ? 2.073 ? ? 
# 
_struct_conn_type.id          metalc 
_struct_conn_type.criteria    ? 
_struct_conn_type.reference   ? 
# 
loop_
_pdbx_struct_conn_angle.id 
_pdbx_struct_conn_angle.ptnr1_label_atom_id 
_pdbx_struct_conn_angle.ptnr1_label_alt_id 
_pdbx_struct_conn_angle.ptnr1_label_asym_id 
_pdbx_struct_conn_angle.ptnr1_label_comp_id 
_pdbx_struct_conn_angle.ptnr1_label_seq_id 
_pdbx_struct_conn_angle.ptnr1_auth_atom_id 
_pdbx_struct_conn_angle.ptnr1_auth_asym_id 
_pdbx_struct_conn_angle.ptnr1_auth_comp_id 
_pdbx_struct_conn_angle.ptnr1_auth_seq_id 
_pdbx_struct_conn_angle.ptnr1_PDB_ins_code 
_pdbx_struct_conn_angle.ptnr1_symmetry 
_pdbx_struct_conn_angle.ptnr2_label_atom_id 
_pdbx_struct_conn_angle.ptnr2_label_alt_id 
_pdbx_struct_conn_angle.ptnr2_label_asym_id 
_pdbx_struct_conn_angle.ptnr2_label_comp_id 
_pdbx_struct_conn_angle.ptnr2_label_seq_id 
_pdbx_struct_conn_angle.ptnr2_auth_atom_id 
_pdbx_struct_conn_angle.ptnr2_auth_asym_id 
_pdbx_struct_conn_angle.ptnr2_auth_comp_id 
_pdbx_struct_conn_angle.ptnr2_auth_seq_id 
_pdbx_struct_conn_angle.ptnr2_PDB_ins_code 
_pdbx_struct_conn_angle.ptnr2_symmetry 
_pdbx_struct_conn_angle.ptnr3_label_atom_id 
_pdbx_struct_conn_angle.ptnr3_label_alt_id 
_pdbx_struct_conn_angle.ptnr3_label_asym_id 
_pdbx_struct_conn_angle.ptnr3_label_comp_id 
_pdbx_struct_conn_angle.ptnr3_label_seq_id 
_pdbx_struct_conn_angle.ptnr3_auth_atom_id 
_pdbx_struct_conn_angle.ptnr3_auth_asym_id 
_pdbx_struct_conn_angle.ptnr3_auth_comp_id 
_pdbx_struct_conn_angle.ptnr3_auth_seq_id 
_pdbx_struct_conn_angle.ptnr3_PDB_ins_code 
_pdbx_struct_conn_angle.ptnr3_symmetry 
_pdbx_struct_conn_angle.value 
_pdbx_struct_conn_angle.value_esd 
1  OG  ? A SER 19 ? A SER 19  ? 1_555 MG ? B MG . ? A MG 850 ? 1_555 OG1 ? A THR 37 ? A THR 37  ? 1_555 79.3  ? 
2  OG  ? A SER 19 ? A SER 19  ? 1_555 MG ? B MG . ? A MG 850 ? 1_555 O2G ? C GNP .  ? A GNP 900 ? 1_555 170.7 ? 
3  OG1 ? A THR 37 ? A THR 37  ? 1_555 MG ? B MG . ? A MG 850 ? 1_555 O2G ? C GNP .  ? A GNP 900 ? 1_555 91.6  ? 
4  OG  ? A SER 19 ? A SER 19  ? 1_555 MG ? B MG . ? A MG 850 ? 1_555 O2B ? C GNP .  ? A GNP 900 ? 1_555 99.6  ? 
5  OG1 ? A THR 37 ? A THR 37  ? 1_555 MG ? B MG . ? A MG 850 ? 1_555 O2B ? C GNP .  ? A GNP 900 ? 1_555 176.6 ? 
6  O2G ? C GNP .  ? A GNP 900 ? 1_555 MG ? B MG . ? A MG 850 ? 1_555 O2B ? C GNP .  ? A GNP 900 ? 1_555 89.4  ? 
7  OG  ? A SER 19 ? A SER 19  ? 1_555 MG ? B MG . ? A MG 850 ? 1_555 O   ? D HOH .  ? A HOH 903 ? 1_555 88.8  ? 
8  OG1 ? A THR 37 ? A THR 37  ? 1_555 MG ? B MG . ? A MG 850 ? 1_555 O   ? D HOH .  ? A HOH 903 ? 1_555 87.9  ? 
9  O2G ? C GNP .  ? A GNP 900 ? 1_555 MG ? B MG . ? A MG 850 ? 1_555 O   ? D HOH .  ? A HOH 903 ? 1_555 89.1  ? 
10 O2B ? C GNP .  ? A GNP 900 ? 1_555 MG ? B MG . ? A MG 850 ? 1_555 O   ? D HOH .  ? A HOH 903 ? 1_555 88.9  ? 
11 OG  ? A SER 19 ? A SER 19  ? 1_555 MG ? B MG . ? A MG 850 ? 1_555 O   ? D HOH .  ? A HOH 916 ? 1_555 92.6  ? 
12 OG1 ? A THR 37 ? A THR 37  ? 1_555 MG ? B MG . ? A MG 850 ? 1_555 O   ? D HOH .  ? A HOH 916 ? 1_555 93.5  ? 
13 O2G ? C GNP .  ? A GNP 900 ? 1_555 MG ? B MG . ? A MG 850 ? 1_555 O   ? D HOH .  ? A HOH 916 ? 1_555 89.7  ? 
14 O2B ? C GNP .  ? A GNP 900 ? 1_555 MG ? B MG . ? A MG 850 ? 1_555 O   ? D HOH .  ? A HOH 916 ? 1_555 89.8  ? 
15 O   ? D HOH .  ? A HOH 903 ? 1_555 MG ? B MG . ? A MG 850 ? 1_555 O   ? D HOH .  ? A HOH 916 ? 1_555 178.2 ? 
# 
_struct_sheet.id               A 
_struct_sheet.type             ? 
_struct_sheet.number_strands   6 
_struct_sheet.details          ? 
# 
loop_
_struct_sheet_order.sheet_id 
_struct_sheet_order.range_id_1 
_struct_sheet_order.range_id_2 
_struct_sheet_order.offset 
_struct_sheet_order.sense 
A 1 2 ? anti-parallel 
A 2 3 ? parallel      
A 3 4 ? parallel      
A 4 5 ? parallel      
A 5 6 ? parallel      
# 
loop_
_struct_sheet_range.sheet_id 
_struct_sheet_range.id 
_struct_sheet_range.beg_label_comp_id 
_struct_sheet_range.beg_label_asym_id 
_struct_sheet_range.beg_label_seq_id 
_struct_sheet_range.pdbx_beg_PDB_ins_code 
_struct_sheet_range.end_label_comp_id 
_struct_sheet_range.end_label_asym_id 
_struct_sheet_range.end_label_seq_id 
_struct_sheet_range.pdbx_end_PDB_ins_code 
_struct_sheet_range.beg_auth_comp_id 
_struct_sheet_range.beg_auth_asym_id 
_struct_sheet_range.beg_auth_seq_id 
_struct_sheet_range.end_auth_comp_id 
_struct_sheet_range.end_auth_asym_id 
_struct_sheet_range.end_auth_seq_id 
A 1 ALA A 40  ? TYR A 49  ? ALA A 40  TYR A 49  
A 2 GLU A 52  ? THR A 61  ? GLU A 52  THR A 61  
A 3 ARG A 4   ? LEU A 11  ? ARG A 4   LEU A 11  
A 4 ALA A 80  ? ASP A 86  ? ALA A 80  ASP A 86  
A 5 VAL A 112 ? ASN A 118 ? VAL A 112 ASN A 118 
A 6 ILE A 143 ? GLU A 146 ? ILE A 143 GLU A 146 
# 
loop_
_pdbx_struct_sheet_hbond.sheet_id 
_pdbx_struct_sheet_hbond.range_id_1 
_pdbx_struct_sheet_hbond.range_id_2 
_pdbx_struct_sheet_hbond.range_1_label_atom_id 
_pdbx_struct_sheet_hbond.range_1_label_comp_id 
_pdbx_struct_sheet_hbond.range_1_label_asym_id 
_pdbx_struct_sheet_hbond.range_1_label_seq_id 
_pdbx_struct_sheet_hbond.range_1_PDB_ins_code 
_pdbx_struct_sheet_hbond.range_1_auth_atom_id 
_pdbx_struct_sheet_hbond.range_1_auth_comp_id 
_pdbx_struct_sheet_hbond.range_1_auth_asym_id 
_pdbx_struct_sheet_hbond.range_1_auth_seq_id 
_pdbx_struct_sheet_hbond.range_2_label_atom_id 
_pdbx_struct_sheet_hbond.range_2_label_comp_id 
_pdbx_struct_sheet_hbond.range_2_label_asym_id 
_pdbx_struct_sheet_hbond.range_2_label_seq_id 
_pdbx_struct_sheet_hbond.range_2_PDB_ins_code 
_pdbx_struct_sheet_hbond.range_2_auth_atom_id 
_pdbx_struct_sheet_hbond.range_2_auth_comp_id 
_pdbx_struct_sheet_hbond.range_2_auth_asym_id 
_pdbx_struct_sheet_hbond.range_2_auth_seq_id 
A 1 2 N SER A 41  ? N SER A 41  O ASP A 60  ? O ASP A 60  
A 2 3 O LYS A 55  ? O LYS A 55  N ARG A 4   ? N ARG A 4   
A 3 4 N LEU A 11  ? N LEU A 11  O VAL A 84  ? O VAL A 84  
A 4 5 N ILE A 83  ? N ILE A 83  O ALA A 114 ? O ALA A 114 
A 5 6 N ILE A 115 ? N ILE A 115 O ILE A 143 ? O ILE A 143 
# 
loop_
_struct_site.id 
_struct_site.pdbx_evidence_code 
_struct_site.pdbx_auth_asym_id 
_struct_site.pdbx_auth_comp_id 
_struct_site.pdbx_auth_seq_id 
_struct_site.pdbx_auth_ins_code 
_struct_site.pdbx_num_residues 
_struct_site.details 
AC1 Software A MG  850 ? 5  'BINDING SITE FOR RESIDUE MG A 850'  
AC2 Software A GNP 900 ? 31 'BINDING SITE FOR RESIDUE GNP A 900' 
# 
loop_
_struct_site_gen.id 
_struct_site_gen.site_id 
_struct_site_gen.pdbx_num_res 
_struct_site_gen.label_comp_id 
_struct_site_gen.label_asym_id 
_struct_site_gen.label_seq_id 
_struct_site_gen.pdbx_auth_ins_code 
_struct_site_gen.auth_comp_id 
_struct_site_gen.auth_asym_id 
_struct_site_gen.auth_seq_id 
_struct_site_gen.label_atom_id 
_struct_site_gen.label_alt_id 
_struct_site_gen.symmetry 
_struct_site_gen.details 
1  AC1 5  SER A 19  ? SER A 19   . ? 1_555 ? 
2  AC1 5  THR A 37  ? THR A 37   . ? 1_555 ? 
3  AC1 5  GNP C .   ? GNP A 900  . ? 1_555 ? 
4  AC1 5  HOH D .   ? HOH A 903  . ? 1_555 ? 
5  AC1 5  HOH D .   ? HOH A 916  . ? 1_555 ? 
6  AC2 31 THR A 14  ? THR A 14   . ? 1_555 ? 
7  AC2 31 GLY A 15  ? GLY A 15   . ? 1_555 ? 
8  AC2 31 VAL A 16  ? VAL A 16   . ? 1_555 ? 
9  AC2 31 GLY A 17  ? GLY A 17   . ? 1_555 ? 
10 AC2 31 LYS A 18  ? LYS A 18   . ? 1_555 ? 
11 AC2 31 SER A 19  ? SER A 19   . ? 1_555 ? 
12 AC2 31 SER A 20  ? SER A 20   . ? 1_555 ? 
13 AC2 31 PHE A 30  ? PHE A 30   . ? 1_555 ? 
14 AC2 31 ASP A 31  ? ASP A 31   . ? 1_555 ? 
15 AC2 31 PRO A 32  ? PRO A 32   . ? 1_555 ? 
16 AC2 31 ILE A 34  ? ILE A 34   . ? 1_555 ? 
17 AC2 31 PRO A 36  ? PRO A 36   . ? 1_555 ? 
18 AC2 31 THR A 37  ? THR A 37   . ? 1_555 ? 
19 AC2 31 GLY A 63  ? GLY A 63   . ? 1_555 ? 
20 AC2 31 GLN A 105 ? GLN A 105  . ? 8_765 ? 
21 AC2 31 ASN A 118 ? ASN A 118  . ? 1_555 ? 
22 AC2 31 LYS A 119 ? LYS A 119  . ? 1_555 ? 
23 AC2 31 ASP A 121 ? ASP A 121  . ? 1_555 ? 
24 AC2 31 LEU A 122 ? LEU A 122  . ? 1_555 ? 
25 AC2 31 SER A 148 ? SER A 148  . ? 1_555 ? 
26 AC2 31 ALA A 149 ? ALA A 149  . ? 1_555 ? 
27 AC2 31 LYS A 150 ? LYS A 150  . ? 1_555 ? 
28 AC2 31 MG  B .   ? MG  A 850  . ? 1_555 ? 
29 AC2 31 HOH D .   ? HOH A 903  . ? 1_555 ? 
30 AC2 31 HOH D .   ? HOH A 914  . ? 1_555 ? 
31 AC2 31 HOH D .   ? HOH A 916  . ? 1_555 ? 
32 AC2 31 HOH D .   ? HOH A 938  . ? 1_555 ? 
33 AC2 31 HOH D .   ? HOH A 949  . ? 1_555 ? 
34 AC2 31 HOH D .   ? HOH A 970  . ? 1_555 ? 
35 AC2 31 HOH D .   ? HOH A 980  . ? 1_555 ? 
36 AC2 31 HOH D .   ? HOH A 1027 . ? 1_555 ? 
# 
_pdbx_validate_rmsd_bond.id                        1 
_pdbx_validate_rmsd_bond.PDB_model_num             1 
_pdbx_validate_rmsd_bond.auth_atom_id_1            CD 
_pdbx_validate_rmsd_bond.auth_asym_id_1            A 
_pdbx_validate_rmsd_bond.auth_comp_id_1            GLU 
_pdbx_validate_rmsd_bond.auth_seq_id_1             52 
_pdbx_validate_rmsd_bond.PDB_ins_code_1            ? 
_pdbx_validate_rmsd_bond.label_alt_id_1            ? 
_pdbx_validate_rmsd_bond.auth_atom_id_2            OE2 
_pdbx_validate_rmsd_bond.auth_asym_id_2            A 
_pdbx_validate_rmsd_bond.auth_comp_id_2            GLU 
_pdbx_validate_rmsd_bond.auth_seq_id_2             52 
_pdbx_validate_rmsd_bond.PDB_ins_code_2            ? 
_pdbx_validate_rmsd_bond.label_alt_id_2            ? 
_pdbx_validate_rmsd_bond.bond_value                1.324 
_pdbx_validate_rmsd_bond.bond_target_value         1.252 
_pdbx_validate_rmsd_bond.bond_deviation            0.072 
_pdbx_validate_rmsd_bond.bond_standard_deviation   0.011 
_pdbx_validate_rmsd_bond.linker_flag               N 
# 
loop_
_pdbx_validate_torsion.id 
_pdbx_validate_torsion.PDB_model_num 
_pdbx_validate_torsion.auth_comp_id 
_pdbx_validate_torsion.auth_asym_id 
_pdbx_validate_torsion.auth_seq_id 
_pdbx_validate_torsion.PDB_ins_code 
_pdbx_validate_torsion.label_alt_id 
_pdbx_validate_torsion.phi 
_pdbx_validate_torsion.psi 
1 1 GLN A 50  ? ? 53.91  -115.95 
2 1 LEU A 122 ? ? -94.13 56.32   
# 
_pdbx_struct_special_symmetry.id              1 
_pdbx_struct_special_symmetry.PDB_model_num   1 
_pdbx_struct_special_symmetry.auth_asym_id    A 
_pdbx_struct_special_symmetry.auth_comp_id    HOH 
_pdbx_struct_special_symmetry.auth_seq_id     1069 
_pdbx_struct_special_symmetry.PDB_ins_code    ? 
_pdbx_struct_special_symmetry.label_asym_id   D 
_pdbx_struct_special_symmetry.label_comp_id   HOH 
_pdbx_struct_special_symmetry.label_seq_id    . 
# 
loop_
_pdbx_unobs_or_zero_occ_residues.id 
_pdbx_unobs_or_zero_occ_residues.PDB_model_num 
_pdbx_unobs_or_zero_occ_residues.polymer_flag 
_pdbx_unobs_or_zero_occ_residues.occupancy_flag 
_pdbx_unobs_or_zero_occ_residues.auth_asym_id 
_pdbx_unobs_or_zero_occ_residues.auth_comp_id 
_pdbx_unobs_or_zero_occ_residues.auth_seq_id 
_pdbx_unobs_or_zero_occ_residues.PDB_ins_code 
_pdbx_unobs_or_zero_occ_residues.label_asym_id 
_pdbx_unobs_or_zero_occ_residues.label_comp_id 
_pdbx_unobs_or_zero_occ_residues.label_seq_id 
1 1 Y 1 A GLY 1   ? A GLY 1   
2 1 Y 1 A SER 168 ? A SER 168 
3 1 Y 1 A THR 169 ? A THR 169 
# 
loop_
_chem_comp_atom.comp_id 
_chem_comp_atom.atom_id 
_chem_comp_atom.type_symbol 
_chem_comp_atom.pdbx_aromatic_flag 
_chem_comp_atom.pdbx_stereo_config 
_chem_comp_atom.pdbx_ordinal 
ALA N      N  N N 1   
ALA CA     C  N S 2   
ALA C      C  N N 3   
ALA O      O  N N 4   
ALA CB     C  N N 5   
ALA OXT    O  N N 6   
ALA H      H  N N 7   
ALA H2     H  N N 8   
ALA HA     H  N N 9   
ALA HB1    H  N N 10  
ALA HB2    H  N N 11  
ALA HB3    H  N N 12  
ALA HXT    H  N N 13  
ARG N      N  N N 14  
ARG CA     C  N S 15  
ARG C      C  N N 16  
ARG O      O  N N 17  
ARG CB     C  N N 18  
ARG CG     C  N N 19  
ARG CD     C  N N 20  
ARG NE     N  N N 21  
ARG CZ     C  N N 22  
ARG NH1    N  N N 23  
ARG NH2    N  N N 24  
ARG OXT    O  N N 25  
ARG H      H  N N 26  
ARG H2     H  N N 27  
ARG HA     H  N N 28  
ARG HB2    H  N N 29  
ARG HB3    H  N N 30  
ARG HG2    H  N N 31  
ARG HG3    H  N N 32  
ARG HD2    H  N N 33  
ARG HD3    H  N N 34  
ARG HE     H  N N 35  
ARG HH11   H  N N 36  
ARG HH12   H  N N 37  
ARG HH21   H  N N 38  
ARG HH22   H  N N 39  
ARG HXT    H  N N 40  
ASN N      N  N N 41  
ASN CA     C  N S 42  
ASN C      C  N N 43  
ASN O      O  N N 44  
ASN CB     C  N N 45  
ASN CG     C  N N 46  
ASN OD1    O  N N 47  
ASN ND2    N  N N 48  
ASN OXT    O  N N 49  
ASN H      H  N N 50  
ASN H2     H  N N 51  
ASN HA     H  N N 52  
ASN HB2    H  N N 53  
ASN HB3    H  N N 54  
ASN HD21   H  N N 55  
ASN HD22   H  N N 56  
ASN HXT    H  N N 57  
ASP N      N  N N 58  
ASP CA     C  N S 59  
ASP C      C  N N 60  
ASP O      O  N N 61  
ASP CB     C  N N 62  
ASP CG     C  N N 63  
ASP OD1    O  N N 64  
ASP OD2    O  N N 65  
ASP OXT    O  N N 66  
ASP H      H  N N 67  
ASP H2     H  N N 68  
ASP HA     H  N N 69  
ASP HB2    H  N N 70  
ASP HB3    H  N N 71  
ASP HD2    H  N N 72  
ASP HXT    H  N N 73  
CYS N      N  N N 74  
CYS CA     C  N R 75  
CYS C      C  N N 76  
CYS O      O  N N 77  
CYS CB     C  N N 78  
CYS SG     S  N N 79  
CYS OXT    O  N N 80  
CYS H      H  N N 81  
CYS H2     H  N N 82  
CYS HA     H  N N 83  
CYS HB2    H  N N 84  
CYS HB3    H  N N 85  
CYS HG     H  N N 86  
CYS HXT    H  N N 87  
GLN N      N  N N 88  
GLN CA     C  N S 89  
GLN C      C  N N 90  
GLN O      O  N N 91  
GLN CB     C  N N 92  
GLN CG     C  N N 93  
GLN CD     C  N N 94  
GLN OE1    O  N N 95  
GLN NE2    N  N N 96  
GLN OXT    O  N N 97  
GLN H      H  N N 98  
GLN H2     H  N N 99  
GLN HA     H  N N 100 
GLN HB2    H  N N 101 
GLN HB3    H  N N 102 
GLN HG2    H  N N 103 
GLN HG3    H  N N 104 
GLN HE21   H  N N 105 
GLN HE22   H  N N 106 
GLN HXT    H  N N 107 
GLU N      N  N N 108 
GLU CA     C  N S 109 
GLU C      C  N N 110 
GLU O      O  N N 111 
GLU CB     C  N N 112 
GLU CG     C  N N 113 
GLU CD     C  N N 114 
GLU OE1    O  N N 115 
GLU OE2    O  N N 116 
GLU OXT    O  N N 117 
GLU H      H  N N 118 
GLU H2     H  N N 119 
GLU HA     H  N N 120 
GLU HB2    H  N N 121 
GLU HB3    H  N N 122 
GLU HG2    H  N N 123 
GLU HG3    H  N N 124 
GLU HE2    H  N N 125 
GLU HXT    H  N N 126 
GLY N      N  N N 127 
GLY CA     C  N N 128 
GLY C      C  N N 129 
GLY O      O  N N 130 
GLY OXT    O  N N 131 
GLY H      H  N N 132 
GLY H2     H  N N 133 
GLY HA2    H  N N 134 
GLY HA3    H  N N 135 
GLY HXT    H  N N 136 
GNP PG     P  N N 137 
GNP O1G    O  N N 138 
GNP O2G    O  N N 139 
GNP O3G    O  N N 140 
GNP N3B    N  N N 141 
GNP PB     P  N R 142 
GNP O1B    O  N N 143 
GNP O2B    O  N N 144 
GNP O3A    O  N N 145 
GNP PA     P  N S 146 
GNP O1A    O  N N 147 
GNP O2A    O  N N 148 
GNP "O5'"  O  N N 149 
GNP "C5'"  C  N N 150 
GNP "C4'"  C  N R 151 
GNP "O4'"  O  N N 152 
GNP "C3'"  C  N S 153 
GNP "O3'"  O  N N 154 
GNP "C2'"  C  N R 155 
GNP "O2'"  O  N N 156 
GNP "C1'"  C  N R 157 
GNP N9     N  Y N 158 
GNP C8     C  Y N 159 
GNP N7     N  Y N 160 
GNP C5     C  Y N 161 
GNP C6     C  Y N 162 
GNP O6     O  N N 163 
GNP N1     N  Y N 164 
GNP C2     C  Y N 165 
GNP N2     N  N N 166 
GNP N3     N  Y N 167 
GNP C4     C  Y N 168 
GNP HOG2   H  N N 169 
GNP HOG3   H  N N 170 
GNP HNB3   H  N N 171 
GNP HOB2   H  N N 172 
GNP HOA2   H  N N 173 
GNP "H5'2" H  N N 174 
GNP "H5'1" H  N N 175 
GNP "H4'"  H  N N 176 
GNP "H3'"  H  N N 177 
GNP "HO3'" H  N N 178 
GNP "H2'"  H  N N 179 
GNP "HO2'" H  N N 180 
GNP "H1'"  H  N N 181 
GNP H8     H  N N 182 
GNP HN1    H  N N 183 
GNP HN21   H  N N 184 
GNP HN22   H  N N 185 
HIS N      N  N N 186 
HIS CA     C  N S 187 
HIS C      C  N N 188 
HIS O      O  N N 189 
HIS CB     C  N N 190 
HIS CG     C  Y N 191 
HIS ND1    N  Y N 192 
HIS CD2    C  Y N 193 
HIS CE1    C  Y N 194 
HIS NE2    N  Y N 195 
HIS OXT    O  N N 196 
HIS H      H  N N 197 
HIS H2     H  N N 198 
HIS HA     H  N N 199 
HIS HB2    H  N N 200 
HIS HB3    H  N N 201 
HIS HD1    H  N N 202 
HIS HD2    H  N N 203 
HIS HE1    H  N N 204 
HIS HE2    H  N N 205 
HIS HXT    H  N N 206 
HOH O      O  N N 207 
HOH H1     H  N N 208 
HOH H2     H  N N 209 
ILE N      N  N N 210 
ILE CA     C  N S 211 
ILE C      C  N N 212 
ILE O      O  N N 213 
ILE CB     C  N S 214 
ILE CG1    C  N N 215 
ILE CG2    C  N N 216 
ILE CD1    C  N N 217 
ILE OXT    O  N N 218 
ILE H      H  N N 219 
ILE H2     H  N N 220 
ILE HA     H  N N 221 
ILE HB     H  N N 222 
ILE HG12   H  N N 223 
ILE HG13   H  N N 224 
ILE HG21   H  N N 225 
ILE HG22   H  N N 226 
ILE HG23   H  N N 227 
ILE HD11   H  N N 228 
ILE HD12   H  N N 229 
ILE HD13   H  N N 230 
ILE HXT    H  N N 231 
LEU N      N  N N 232 
LEU CA     C  N S 233 
LEU C      C  N N 234 
LEU O      O  N N 235 
LEU CB     C  N N 236 
LEU CG     C  N N 237 
LEU CD1    C  N N 238 
LEU CD2    C  N N 239 
LEU OXT    O  N N 240 
LEU H      H  N N 241 
LEU H2     H  N N 242 
LEU HA     H  N N 243 
LEU HB2    H  N N 244 
LEU HB3    H  N N 245 
LEU HG     H  N N 246 
LEU HD11   H  N N 247 
LEU HD12   H  N N 248 
LEU HD13   H  N N 249 
LEU HD21   H  N N 250 
LEU HD22   H  N N 251 
LEU HD23   H  N N 252 
LEU HXT    H  N N 253 
LYS N      N  N N 254 
LYS CA     C  N S 255 
LYS C      C  N N 256 
LYS O      O  N N 257 
LYS CB     C  N N 258 
LYS CG     C  N N 259 
LYS CD     C  N N 260 
LYS CE     C  N N 261 
LYS NZ     N  N N 262 
LYS OXT    O  N N 263 
LYS H      H  N N 264 
LYS H2     H  N N 265 
LYS HA     H  N N 266 
LYS HB2    H  N N 267 
LYS HB3    H  N N 268 
LYS HG2    H  N N 269 
LYS HG3    H  N N 270 
LYS HD2    H  N N 271 
LYS HD3    H  N N 272 
LYS HE2    H  N N 273 
LYS HE3    H  N N 274 
LYS HZ1    H  N N 275 
LYS HZ2    H  N N 276 
LYS HZ3    H  N N 277 
LYS HXT    H  N N 278 
MET N      N  N N 279 
MET CA     C  N S 280 
MET C      C  N N 281 
MET O      O  N N 282 
MET CB     C  N N 283 
MET CG     C  N N 284 
MET SD     S  N N 285 
MET CE     C  N N 286 
MET OXT    O  N N 287 
MET H      H  N N 288 
MET H2     H  N N 289 
MET HA     H  N N 290 
MET HB2    H  N N 291 
MET HB3    H  N N 292 
MET HG2    H  N N 293 
MET HG3    H  N N 294 
MET HE1    H  N N 295 
MET HE2    H  N N 296 
MET HE3    H  N N 297 
MET HXT    H  N N 298 
MG  MG     MG N N 299 
PHE N      N  N N 300 
PHE CA     C  N S 301 
PHE C      C  N N 302 
PHE O      O  N N 303 
PHE CB     C  N N 304 
PHE CG     C  Y N 305 
PHE CD1    C  Y N 306 
PHE CD2    C  Y N 307 
PHE CE1    C  Y N 308 
PHE CE2    C  Y N 309 
PHE CZ     C  Y N 310 
PHE OXT    O  N N 311 
PHE H      H  N N 312 
PHE H2     H  N N 313 
PHE HA     H  N N 314 
PHE HB2    H  N N 315 
PHE HB3    H  N N 316 
PHE HD1    H  N N 317 
PHE HD2    H  N N 318 
PHE HE1    H  N N 319 
PHE HE2    H  N N 320 
PHE HZ     H  N N 321 
PHE HXT    H  N N 322 
PRO N      N  N N 323 
PRO CA     C  N S 324 
PRO C      C  N N 325 
PRO O      O  N N 326 
PRO CB     C  N N 327 
PRO CG     C  N N 328 
PRO CD     C  N N 329 
PRO OXT    O  N N 330 
PRO H      H  N N 331 
PRO HA     H  N N 332 
PRO HB2    H  N N 333 
PRO HB3    H  N N 334 
PRO HG2    H  N N 335 
PRO HG3    H  N N 336 
PRO HD2    H  N N 337 
PRO HD3    H  N N 338 
PRO HXT    H  N N 339 
SER N      N  N N 340 
SER CA     C  N S 341 
SER C      C  N N 342 
SER O      O  N N 343 
SER CB     C  N N 344 
SER OG     O  N N 345 
SER OXT    O  N N 346 
SER H      H  N N 347 
SER H2     H  N N 348 
SER HA     H  N N 349 
SER HB2    H  N N 350 
SER HB3    H  N N 351 
SER HG     H  N N 352 
SER HXT    H  N N 353 
THR N      N  N N 354 
THR CA     C  N S 355 
THR C      C  N N 356 
THR O      O  N N 357 
THR CB     C  N R 358 
THR OG1    O  N N 359 
THR CG2    C  N N 360 
THR OXT    O  N N 361 
THR H      H  N N 362 
THR H2     H  N N 363 
THR HA     H  N N 364 
THR HB     H  N N 365 
THR HG1    H  N N 366 
THR HG21   H  N N 367 
THR HG22   H  N N 368 
THR HG23   H  N N 369 
THR HXT    H  N N 370 
TRP N      N  N N 371 
TRP CA     C  N S 372 
TRP C      C  N N 373 
TRP O      O  N N 374 
TRP CB     C  N N 375 
TRP CG     C  Y N 376 
TRP CD1    C  Y N 377 
TRP CD2    C  Y N 378 
TRP NE1    N  Y N 379 
TRP CE2    C  Y N 380 
TRP CE3    C  Y N 381 
TRP CZ2    C  Y N 382 
TRP CZ3    C  Y N 383 
TRP CH2    C  Y N 384 
TRP OXT    O  N N 385 
TRP H      H  N N 386 
TRP H2     H  N N 387 
TRP HA     H  N N 388 
TRP HB2    H  N N 389 
TRP HB3    H  N N 390 
TRP HD1    H  N N 391 
TRP HE1    H  N N 392 
TRP HE3    H  N N 393 
TRP HZ2    H  N N 394 
TRP HZ3    H  N N 395 
TRP HH2    H  N N 396 
TRP HXT    H  N N 397 
TYR N      N  N N 398 
TYR CA     C  N S 399 
TYR C      C  N N 400 
TYR O      O  N N 401 
TYR CB     C  N N 402 
TYR CG     C  Y N 403 
TYR CD1    C  Y N 404 
TYR CD2    C  Y N 405 
TYR CE1    C  Y N 406 
TYR CE2    C  Y N 407 
TYR CZ     C  Y N 408 
TYR OH     O  N N 409 
TYR OXT    O  N N 410 
TYR H      H  N N 411 
TYR H2     H  N N 412 
TYR HA     H  N N 413 
TYR HB2    H  N N 414 
TYR HB3    H  N N 415 
TYR HD1    H  N N 416 
TYR HD2    H  N N 417 
TYR HE1    H  N N 418 
TYR HE2    H  N N 419 
TYR HH     H  N N 420 
TYR HXT    H  N N 421 
VAL N      N  N N 422 
VAL CA     C  N S 423 
VAL C      C  N N 424 
VAL O      O  N N 425 
VAL CB     C  N N 426 
VAL CG1    C  N N 427 
VAL CG2    C  N N 428 
VAL OXT    O  N N 429 
VAL H      H  N N 430 
VAL H2     H  N N 431 
VAL HA     H  N N 432 
VAL HB     H  N N 433 
VAL HG11   H  N N 434 
VAL HG12   H  N N 435 
VAL HG13   H  N N 436 
VAL HG21   H  N N 437 
VAL HG22   H  N N 438 
VAL HG23   H  N N 439 
VAL HXT    H  N N 440 
# 
loop_
_chem_comp_bond.comp_id 
_chem_comp_bond.atom_id_1 
_chem_comp_bond.atom_id_2 
_chem_comp_bond.value_order 
_chem_comp_bond.pdbx_aromatic_flag 
_chem_comp_bond.pdbx_stereo_config 
_chem_comp_bond.pdbx_ordinal 
ALA N     CA     sing N N 1   
ALA N     H      sing N N 2   
ALA N     H2     sing N N 3   
ALA CA    C      sing N N 4   
ALA CA    CB     sing N N 5   
ALA CA    HA     sing N N 6   
ALA C     O      doub N N 7   
ALA C     OXT    sing N N 8   
ALA CB    HB1    sing N N 9   
ALA CB    HB2    sing N N 10  
ALA CB    HB3    sing N N 11  
ALA OXT   HXT    sing N N 12  
ARG N     CA     sing N N 13  
ARG N     H      sing N N 14  
ARG N     H2     sing N N 15  
ARG CA    C      sing N N 16  
ARG CA    CB     sing N N 17  
ARG CA    HA     sing N N 18  
ARG C     O      doub N N 19  
ARG C     OXT    sing N N 20  
ARG CB    CG     sing N N 21  
ARG CB    HB2    sing N N 22  
ARG CB    HB3    sing N N 23  
ARG CG    CD     sing N N 24  
ARG CG    HG2    sing N N 25  
ARG CG    HG3    sing N N 26  
ARG CD    NE     sing N N 27  
ARG CD    HD2    sing N N 28  
ARG CD    HD3    sing N N 29  
ARG NE    CZ     sing N N 30  
ARG NE    HE     sing N N 31  
ARG CZ    NH1    sing N N 32  
ARG CZ    NH2    doub N N 33  
ARG NH1   HH11   sing N N 34  
ARG NH1   HH12   sing N N 35  
ARG NH2   HH21   sing N N 36  
ARG NH2   HH22   sing N N 37  
ARG OXT   HXT    sing N N 38  
ASN N     CA     sing N N 39  
ASN N     H      sing N N 40  
ASN N     H2     sing N N 41  
ASN CA    C      sing N N 42  
ASN CA    CB     sing N N 43  
ASN CA    HA     sing N N 44  
ASN C     O      doub N N 45  
ASN C     OXT    sing N N 46  
ASN CB    CG     sing N N 47  
ASN CB    HB2    sing N N 48  
ASN CB    HB3    sing N N 49  
ASN CG    OD1    doub N N 50  
ASN CG    ND2    sing N N 51  
ASN ND2   HD21   sing N N 52  
ASN ND2   HD22   sing N N 53  
ASN OXT   HXT    sing N N 54  
ASP N     CA     sing N N 55  
ASP N     H      sing N N 56  
ASP N     H2     sing N N 57  
ASP CA    C      sing N N 58  
ASP CA    CB     sing N N 59  
ASP CA    HA     sing N N 60  
ASP C     O      doub N N 61  
ASP C     OXT    sing N N 62  
ASP CB    CG     sing N N 63  
ASP CB    HB2    sing N N 64  
ASP CB    HB3    sing N N 65  
ASP CG    OD1    doub N N 66  
ASP CG    OD2    sing N N 67  
ASP OD2   HD2    sing N N 68  
ASP OXT   HXT    sing N N 69  
CYS N     CA     sing N N 70  
CYS N     H      sing N N 71  
CYS N     H2     sing N N 72  
CYS CA    C      sing N N 73  
CYS CA    CB     sing N N 74  
CYS CA    HA     sing N N 75  
CYS C     O      doub N N 76  
CYS C     OXT    sing N N 77  
CYS CB    SG     sing N N 78  
CYS CB    HB2    sing N N 79  
CYS CB    HB3    sing N N 80  
CYS SG    HG     sing N N 81  
CYS OXT   HXT    sing N N 82  
GLN N     CA     sing N N 83  
GLN N     H      sing N N 84  
GLN N     H2     sing N N 85  
GLN CA    C      sing N N 86  
GLN CA    CB     sing N N 87  
GLN CA    HA     sing N N 88  
GLN C     O      doub N N 89  
GLN C     OXT    sing N N 90  
GLN CB    CG     sing N N 91  
GLN CB    HB2    sing N N 92  
GLN CB    HB3    sing N N 93  
GLN CG    CD     sing N N 94  
GLN CG    HG2    sing N N 95  
GLN CG    HG3    sing N N 96  
GLN CD    OE1    doub N N 97  
GLN CD    NE2    sing N N 98  
GLN NE2   HE21   sing N N 99  
GLN NE2   HE22   sing N N 100 
GLN OXT   HXT    sing N N 101 
GLU N     CA     sing N N 102 
GLU N     H      sing N N 103 
GLU N     H2     sing N N 104 
GLU CA    C      sing N N 105 
GLU CA    CB     sing N N 106 
GLU CA    HA     sing N N 107 
GLU C     O      doub N N 108 
GLU C     OXT    sing N N 109 
GLU CB    CG     sing N N 110 
GLU CB    HB2    sing N N 111 
GLU CB    HB3    sing N N 112 
GLU CG    CD     sing N N 113 
GLU CG    HG2    sing N N 114 
GLU CG    HG3    sing N N 115 
GLU CD    OE1    doub N N 116 
GLU CD    OE2    sing N N 117 
GLU OE2   HE2    sing N N 118 
GLU OXT   HXT    sing N N 119 
GLY N     CA     sing N N 120 
GLY N     H      sing N N 121 
GLY N     H2     sing N N 122 
GLY CA    C      sing N N 123 
GLY CA    HA2    sing N N 124 
GLY CA    HA3    sing N N 125 
GLY C     O      doub N N 126 
GLY C     OXT    sing N N 127 
GLY OXT   HXT    sing N N 128 
GNP PG    O1G    doub N N 129 
GNP PG    O2G    sing N N 130 
GNP PG    O3G    sing N N 131 
GNP PG    N3B    sing N N 132 
GNP O2G   HOG2   sing N N 133 
GNP O3G   HOG3   sing N N 134 
GNP N3B   PB     sing N N 135 
GNP N3B   HNB3   sing N N 136 
GNP PB    O1B    doub N N 137 
GNP PB    O2B    sing N N 138 
GNP PB    O3A    sing N N 139 
GNP O2B   HOB2   sing N N 140 
GNP O3A   PA     sing N N 141 
GNP PA    O1A    doub N N 142 
GNP PA    O2A    sing N N 143 
GNP PA    "O5'"  sing N N 144 
GNP O2A   HOA2   sing N N 145 
GNP "O5'" "C5'"  sing N N 146 
GNP "C5'" "C4'"  sing N N 147 
GNP "C5'" "H5'2" sing N N 148 
GNP "C5'" "H5'1" sing N N 149 
GNP "C4'" "O4'"  sing N N 150 
GNP "C4'" "C3'"  sing N N 151 
GNP "C4'" "H4'"  sing N N 152 
GNP "O4'" "C1'"  sing N N 153 
GNP "C3'" "O3'"  sing N N 154 
GNP "C3'" "C2'"  sing N N 155 
GNP "C3'" "H3'"  sing N N 156 
GNP "O3'" "HO3'" sing N N 157 
GNP "C2'" "O2'"  sing N N 158 
GNP "C2'" "C1'"  sing N N 159 
GNP "C2'" "H2'"  sing N N 160 
GNP "O2'" "HO2'" sing N N 161 
GNP "C1'" N9     sing N N 162 
GNP "C1'" "H1'"  sing N N 163 
GNP N9    C8     sing Y N 164 
GNP N9    C4     sing Y N 165 
GNP C8    N7     doub Y N 166 
GNP C8    H8     sing N N 167 
GNP N7    C5     sing Y N 168 
GNP C5    C6     sing Y N 169 
GNP C5    C4     doub Y N 170 
GNP C6    O6     doub N N 171 
GNP C6    N1     sing Y N 172 
GNP N1    C2     sing Y N 173 
GNP N1    HN1    sing N N 174 
GNP C2    N2     sing N N 175 
GNP C2    N3     doub Y N 176 
GNP N2    HN21   sing N N 177 
GNP N2    HN22   sing N N 178 
GNP N3    C4     sing Y N 179 
HIS N     CA     sing N N 180 
HIS N     H      sing N N 181 
HIS N     H2     sing N N 182 
HIS CA    C      sing N N 183 
HIS CA    CB     sing N N 184 
HIS CA    HA     sing N N 185 
HIS C     O      doub N N 186 
HIS C     OXT    sing N N 187 
HIS CB    CG     sing N N 188 
HIS CB    HB2    sing N N 189 
HIS CB    HB3    sing N N 190 
HIS CG    ND1    sing Y N 191 
HIS CG    CD2    doub Y N 192 
HIS ND1   CE1    doub Y N 193 
HIS ND1   HD1    sing N N 194 
HIS CD2   NE2    sing Y N 195 
HIS CD2   HD2    sing N N 196 
HIS CE1   NE2    sing Y N 197 
HIS CE1   HE1    sing N N 198 
HIS NE2   HE2    sing N N 199 
HIS OXT   HXT    sing N N 200 
HOH O     H1     sing N N 201 
HOH O     H2     sing N N 202 
ILE N     CA     sing N N 203 
ILE N     H      sing N N 204 
ILE N     H2     sing N N 205 
ILE CA    C      sing N N 206 
ILE CA    CB     sing N N 207 
ILE CA    HA     sing N N 208 
ILE C     O      doub N N 209 
ILE C     OXT    sing N N 210 
ILE CB    CG1    sing N N 211 
ILE CB    CG2    sing N N 212 
ILE CB    HB     sing N N 213 
ILE CG1   CD1    sing N N 214 
ILE CG1   HG12   sing N N 215 
ILE CG1   HG13   sing N N 216 
ILE CG2   HG21   sing N N 217 
ILE CG2   HG22   sing N N 218 
ILE CG2   HG23   sing N N 219 
ILE CD1   HD11   sing N N 220 
ILE CD1   HD12   sing N N 221 
ILE CD1   HD13   sing N N 222 
ILE OXT   HXT    sing N N 223 
LEU N     CA     sing N N 224 
LEU N     H      sing N N 225 
LEU N     H2     sing N N 226 
LEU CA    C      sing N N 227 
LEU CA    CB     sing N N 228 
LEU CA    HA     sing N N 229 
LEU C     O      doub N N 230 
LEU C     OXT    sing N N 231 
LEU CB    CG     sing N N 232 
LEU CB    HB2    sing N N 233 
LEU CB    HB3    sing N N 234 
LEU CG    CD1    sing N N 235 
LEU CG    CD2    sing N N 236 
LEU CG    HG     sing N N 237 
LEU CD1   HD11   sing N N 238 
LEU CD1   HD12   sing N N 239 
LEU CD1   HD13   sing N N 240 
LEU CD2   HD21   sing N N 241 
LEU CD2   HD22   sing N N 242 
LEU CD2   HD23   sing N N 243 
LEU OXT   HXT    sing N N 244 
LYS N     CA     sing N N 245 
LYS N     H      sing N N 246 
LYS N     H2     sing N N 247 
LYS CA    C      sing N N 248 
LYS CA    CB     sing N N 249 
LYS CA    HA     sing N N 250 
LYS C     O      doub N N 251 
LYS C     OXT    sing N N 252 
LYS CB    CG     sing N N 253 
LYS CB    HB2    sing N N 254 
LYS CB    HB3    sing N N 255 
LYS CG    CD     sing N N 256 
LYS CG    HG2    sing N N 257 
LYS CG    HG3    sing N N 258 
LYS CD    CE     sing N N 259 
LYS CD    HD2    sing N N 260 
LYS CD    HD3    sing N N 261 
LYS CE    NZ     sing N N 262 
LYS CE    HE2    sing N N 263 
LYS CE    HE3    sing N N 264 
LYS NZ    HZ1    sing N N 265 
LYS NZ    HZ2    sing N N 266 
LYS NZ    HZ3    sing N N 267 
LYS OXT   HXT    sing N N 268 
MET N     CA     sing N N 269 
MET N     H      sing N N 270 
MET N     H2     sing N N 271 
MET CA    C      sing N N 272 
MET CA    CB     sing N N 273 
MET CA    HA     sing N N 274 
MET C     O      doub N N 275 
MET C     OXT    sing N N 276 
MET CB    CG     sing N N 277 
MET CB    HB2    sing N N 278 
MET CB    HB3    sing N N 279 
MET CG    SD     sing N N 280 
MET CG    HG2    sing N N 281 
MET CG    HG3    sing N N 282 
MET SD    CE     sing N N 283 
MET CE    HE1    sing N N 284 
MET CE    HE2    sing N N 285 
MET CE    HE3    sing N N 286 
MET OXT   HXT    sing N N 287 
PHE N     CA     sing N N 288 
PHE N     H      sing N N 289 
PHE N     H2     sing N N 290 
PHE CA    C      sing N N 291 
PHE CA    CB     sing N N 292 
PHE CA    HA     sing N N 293 
PHE C     O      doub N N 294 
PHE C     OXT    sing N N 295 
PHE CB    CG     sing N N 296 
PHE CB    HB2    sing N N 297 
PHE CB    HB3    sing N N 298 
PHE CG    CD1    doub Y N 299 
PHE CG    CD2    sing Y N 300 
PHE CD1   CE1    sing Y N 301 
PHE CD1   HD1    sing N N 302 
PHE CD2   CE2    doub Y N 303 
PHE CD2   HD2    sing N N 304 
PHE CE1   CZ     doub Y N 305 
PHE CE1   HE1    sing N N 306 
PHE CE2   CZ     sing Y N 307 
PHE CE2   HE2    sing N N 308 
PHE CZ    HZ     sing N N 309 
PHE OXT   HXT    sing N N 310 
PRO N     CA     sing N N 311 
PRO N     CD     sing N N 312 
PRO N     H      sing N N 313 
PRO CA    C      sing N N 314 
PRO CA    CB     sing N N 315 
PRO CA    HA     sing N N 316 
PRO C     O      doub N N 317 
PRO C     OXT    sing N N 318 
PRO CB    CG     sing N N 319 
PRO CB    HB2    sing N N 320 
PRO CB    HB3    sing N N 321 
PRO CG    CD     sing N N 322 
PRO CG    HG2    sing N N 323 
PRO CG    HG3    sing N N 324 
PRO CD    HD2    sing N N 325 
PRO CD    HD3    sing N N 326 
PRO OXT   HXT    sing N N 327 
SER N     CA     sing N N 328 
SER N     H      sing N N 329 
SER N     H2     sing N N 330 
SER CA    C      sing N N 331 
SER CA    CB     sing N N 332 
SER CA    HA     sing N N 333 
SER C     O      doub N N 334 
SER C     OXT    sing N N 335 
SER CB    OG     sing N N 336 
SER CB    HB2    sing N N 337 
SER CB    HB3    sing N N 338 
SER OG    HG     sing N N 339 
SER OXT   HXT    sing N N 340 
THR N     CA     sing N N 341 
THR N     H      sing N N 342 
THR N     H2     sing N N 343 
THR CA    C      sing N N 344 
THR CA    CB     sing N N 345 
THR CA    HA     sing N N 346 
THR C     O      doub N N 347 
THR C     OXT    sing N N 348 
THR CB    OG1    sing N N 349 
THR CB    CG2    sing N N 350 
THR CB    HB     sing N N 351 
THR OG1   HG1    sing N N 352 
THR CG2   HG21   sing N N 353 
THR CG2   HG22   sing N N 354 
THR CG2   HG23   sing N N 355 
THR OXT   HXT    sing N N 356 
TRP N     CA     sing N N 357 
TRP N     H      sing N N 358 
TRP N     H2     sing N N 359 
TRP CA    C      sing N N 360 
TRP CA    CB     sing N N 361 
TRP CA    HA     sing N N 362 
TRP C     O      doub N N 363 
TRP C     OXT    sing N N 364 
TRP CB    CG     sing N N 365 
TRP CB    HB2    sing N N 366 
TRP CB    HB3    sing N N 367 
TRP CG    CD1    doub Y N 368 
TRP CG    CD2    sing Y N 369 
TRP CD1   NE1    sing Y N 370 
TRP CD1   HD1    sing N N 371 
TRP CD2   CE2    doub Y N 372 
TRP CD2   CE3    sing Y N 373 
TRP NE1   CE2    sing Y N 374 
TRP NE1   HE1    sing N N 375 
TRP CE2   CZ2    sing Y N 376 
TRP CE3   CZ3    doub Y N 377 
TRP CE3   HE3    sing N N 378 
TRP CZ2   CH2    doub Y N 379 
TRP CZ2   HZ2    sing N N 380 
TRP CZ3   CH2    sing Y N 381 
TRP CZ3   HZ3    sing N N 382 
TRP CH2   HH2    sing N N 383 
TRP OXT   HXT    sing N N 384 
TYR N     CA     sing N N 385 
TYR N     H      sing N N 386 
TYR N     H2     sing N N 387 
TYR CA    C      sing N N 388 
TYR CA    CB     sing N N 389 
TYR CA    HA     sing N N 390 
TYR C     O      doub N N 391 
TYR C     OXT    sing N N 392 
TYR CB    CG     sing N N 393 
TYR CB    HB2    sing N N 394 
TYR CB    HB3    sing N N 395 
TYR CG    CD1    doub Y N 396 
TYR CG    CD2    sing Y N 397 
TYR CD1   CE1    sing Y N 398 
TYR CD1   HD1    sing N N 399 
TYR CD2   CE2    doub Y N 400 
TYR CD2   HD2    sing N N 401 
TYR CE1   CZ     doub Y N 402 
TYR CE1   HE1    sing N N 403 
TYR CE2   CZ     sing Y N 404 
TYR CE2   HE2    sing N N 405 
TYR CZ    OH     sing N N 406 
TYR OH    HH     sing N N 407 
TYR OXT   HXT    sing N N 408 
VAL N     CA     sing N N 409 
VAL N     H      sing N N 410 
VAL N     H2     sing N N 411 
VAL CA    C      sing N N 412 
VAL CA    CB     sing N N 413 
VAL CA    HA     sing N N 414 
VAL C     O      doub N N 415 
VAL C     OXT    sing N N 416 
VAL CB    CG1    sing N N 417 
VAL CB    CG2    sing N N 418 
VAL CB    HB     sing N N 419 
VAL CG1   HG11   sing N N 420 
VAL CG1   HG12   sing N N 421 
VAL CG1   HG13   sing N N 422 
VAL CG2   HG21   sing N N 423 
VAL CG2   HG22   sing N N 424 
VAL CG2   HG23   sing N N 425 
VAL OXT   HXT    sing N N 426 
# 
_pdbx_initial_refinement_model.accession_code   ? 
_pdbx_initial_refinement_model.id               1 
_pdbx_initial_refinement_model.entity_id_list   ? 
_pdbx_initial_refinement_model.type             'experimental model' 
_pdbx_initial_refinement_model.source_name      Other 
_pdbx_initial_refinement_model.details          'Rab3a polyalanine' 
# 
_atom_sites.entry_id                    1YVD 
_atom_sites.fract_transf_matrix[1][1]   0.01620412 
_atom_sites.fract_transf_matrix[1][2]   -0.01048505 
_atom_sites.fract_transf_matrix[1][3]   -0.01047739 
_atom_sites.fract_transf_matrix[2][1]   -0.00767114 
_atom_sites.fract_transf_matrix[2][2]   -0.01921461 
_atom_sites.fract_transf_matrix[2][3]   0.00736463 
_atom_sites.fract_transf_matrix[3][1]   -0.00384177 
_atom_sites.fract_transf_matrix[3][2]   -0.00053741 
_atom_sites.fract_transf_matrix[3][3]   -0.00540380 
_atom_sites.fract_transf_vector[1]      0.714885 
_atom_sites.fract_transf_vector[2]      0.702875 
_atom_sites.fract_transf_vector[3]      0.300777 
# 
loop_
_atom_type.symbol 
C  
MG 
N  
O  
P  
S  
# 
loop_
_atom_site.group_PDB 
_atom_site.id 
_atom_site.type_symbol 
_atom_site.label_atom_id 
_atom_site.label_alt_id 
_atom_site.label_comp_id 
_atom_site.label_asym_id 
_atom_site.label_entity_id 
_atom_site.label_seq_id 
_atom_site.pdbx_PDB_ins_code 
_atom_site.Cartn_x 
_atom_site.Cartn_y 
_atom_site.Cartn_z 
_atom_site.occupancy 
_atom_site.B_iso_or_equiv 
_atom_site.pdbx_formal_charge 
_atom_site.auth_seq_id 
_atom_site.auth_comp_id 
_atom_site.auth_asym_id 
_atom_site.auth_atom_id 
_atom_site.pdbx_PDB_model_num 
ATOM   1    N  N     . SER A 1 2   ? -24.325 11.321  0.843   1.00 36.38  ? 2    SER A N     1 
ATOM   2    C  CA    . SER A 1 2   ? -23.618 10.516  1.883   1.00 36.11  ? 2    SER A CA    1 
ATOM   3    C  C     . SER A 1 2   ? -22.130 10.377  1.560   1.00 35.76  ? 2    SER A C     1 
ATOM   4    O  O     . SER A 1 2   ? -21.736 10.349  0.390   1.00 36.05  ? 2    SER A O     1 
ATOM   5    C  CB    . SER A 1 2   ? -24.259 9.134   2.020   1.00 36.17  ? 2    SER A CB    1 
ATOM   6    O  OG    . SER A 1 2   ? -24.074 8.368   0.838   1.00 37.10  ? 2    SER A OG    1 
ATOM   7    N  N     . LEU A 1 3   ? -21.320 10.264  2.610   1.00 34.83  ? 3    LEU A N     1 
ATOM   8    C  CA    . LEU A 1 3   ? -19.874 10.166  2.487   1.00 33.97  ? 3    LEU A CA    1 
ATOM   9    C  C     . LEU A 1 3   ? -19.330 9.168   3.506   1.00 33.00  ? 3    LEU A C     1 
ATOM   10   O  O     . LEU A 1 3   ? -19.739 9.165   4.671   1.00 33.14  ? 3    LEU A O     1 
ATOM   11   C  CB    . LEU A 1 3   ? -19.243 11.548  2.684   1.00 34.28  ? 3    LEU A CB    1 
ATOM   12   C  CG    . LEU A 1 3   ? -17.769 11.748  2.333   1.00 34.81  ? 3    LEU A CG    1 
ATOM   13   C  CD1   . LEU A 1 3   ? -17.579 13.073  1.620   1.00 35.61  ? 3    LEU A CD1   1 
ATOM   14   C  CD2   . LEU A 1 3   ? -16.901 11.664  3.581   1.00 34.83  ? 3    LEU A CD2   1 
ATOM   15   N  N     . ARG A 1 4   ? -18.405 8.323   3.061   1.00 31.47  ? 4    ARG A N     1 
ATOM   16   C  CA    . ARG A 1 4   ? -17.799 7.321   3.921   1.00 30.07  ? 4    ARG A CA    1 
ATOM   17   C  C     . ARG A 1 4   ? -16.287 7.513   4.063   1.00 29.02  ? 4    ARG A C     1 
ATOM   18   O  O     . ARG A 1 4   ? -15.561 7.467   3.078   1.00 28.39  ? 4    ARG A O     1 
ATOM   19   C  CB    . ARG A 1 4   ? -18.104 5.934   3.372   1.00 30.31  ? 4    ARG A CB    1 
ATOM   20   C  CG    . ARG A 1 4   ? -17.589 4.819   4.219   1.00 31.54  ? 4    ARG A CG    1 
ATOM   21   C  CD    . ARG A 1 4   ? -18.349 3.561   3.910   1.00 33.77  ? 4    ARG A CD    1 
ATOM   22   N  NE    . ARG A 1 4   ? -17.980 2.502   4.839   1.00 36.22  ? 4    ARG A NE    1 
ATOM   23   C  CZ    . ARG A 1 4   ? -18.319 1.228   4.693   1.00 36.33  ? 4    ARG A CZ    1 
ATOM   24   N  NH1   . ARG A 1 4   ? -19.042 0.845   3.648   1.00 36.66  ? 4    ARG A NH1   1 
ATOM   25   N  NH2   . ARG A 1 4   ? -17.925 0.338   5.591   1.00 37.78  ? 4    ARG A NH2   1 
ATOM   26   N  N     . GLU A 1 5   ? -15.827 7.708   5.297   1.00 27.78  ? 5    GLU A N     1 
ATOM   27   C  CA    . GLU A 1 5   ? -14.403 7.872   5.585   1.00 26.88  ? 5    GLU A CA    1 
ATOM   28   C  C     . GLU A 1 5   ? -13.709 6.535   5.774   1.00 25.57  ? 5    GLU A C     1 
ATOM   29   O  O     . GLU A 1 5   ? -14.146 5.700   6.569   1.00 25.47  ? 5    GLU A O     1 
ATOM   30   C  CB    . GLU A 1 5   ? -14.188 8.751   6.815   1.00 26.85  ? 5    GLU A CB    1 
ATOM   31   C  CG    . GLU A 1 5   ? -14.461 10.233  6.571   1.00 27.44  ? 5    GLU A CG    1 
ATOM   32   C  CD    . GLU A 1 5   ? -14.368 11.054  7.843   1.00 28.03  ? 5    GLU A CD    1 
ATOM   33   O  OE1   . GLU A 1 5   ? -14.132 10.463  8.918   1.00 29.69  ? 5    GLU A OE1   1 
ATOM   34   O  OE2   . GLU A 1 5   ? -14.537 12.289  7.766   1.00 29.69  ? 5    GLU A OE2   1 
ATOM   35   N  N     . LEU A 1 6   ? -12.619 6.347   5.040   1.00 23.80  ? 6    LEU A N     1 
ATOM   36   C  CA    . LEU A 1 6   ? -11.849 5.112   5.089   1.00 22.69  ? 6    LEU A CA    1 
ATOM   37   C  C     . LEU A 1 6   ? -10.374 5.425   5.305   1.00 21.70  ? 6    LEU A C     1 
ATOM   38   O  O     . LEU A 1 6   ? -9.700  5.917   4.398   1.00 20.92  ? 6    LEU A O     1 
ATOM   39   C  CB    . LEU A 1 6   ? -12.037 4.310   3.792   1.00 22.47  ? 6    LEU A CB    1 
ATOM   40   C  CG    . LEU A 1 6   ? -13.455 3.873   3.407   1.00 22.64  ? 6    LEU A CG    1 
ATOM   41   C  CD1   . LEU A 1 6   ? -13.449 3.300   1.996   1.00 22.31  ? 6    LEU A CD1   1 
ATOM   42   C  CD2   . LEU A 1 6   ? -14.033 2.862   4.403   1.00 22.79  ? 6    LEU A CD2   1 
ATOM   43   N  N     . LYS A 1 7   ? -9.883  5.156   6.515   1.00 20.77  ? 7    LYS A N     1 
ATOM   44   C  CA    . LYS A 1 7   ? -8.467  5.314   6.811   1.00 19.98  ? 7    LYS A CA    1 
ATOM   45   C  C     . LYS A 1 7   ? -7.691  4.145   6.204   1.00 19.35  ? 7    LYS A C     1 
ATOM   46   O  O     . LYS A 1 7   ? -8.013  2.972   6.445   1.00 18.73  ? 7    LYS A O     1 
ATOM   47   C  CB    . LYS A 1 7   ? -8.219  5.404   8.318   1.00 19.75  ? 7    LYS A CB    1 
ATOM   48   C  CG    . LYS A 1 7   ? -6.789  5.726   8.689   1.00 20.86  ? 7    LYS A CG    1 
ATOM   49   C  CD    . LYS A 1 7   ? -6.573  5.690   10.199  1.00 20.13  ? 7    LYS A CD    1 
ATOM   50   C  CE    . LYS A 1 7   ? -5.114  5.935   10.521  1.00 21.86  ? 7    LYS A CE    1 
ATOM   51   N  NZ    . LYS A 1 7   ? -4.750  5.593   11.920  1.00 22.55  ? 7    LYS A NZ    1 
ATOM   52   N  N     . VAL A 1 8   ? -6.676  4.486   5.412   1.00 18.12  ? 8    VAL A N     1 
ATOM   53   C  CA    . VAL A 1 8   ? -5.813  3.512   4.755   1.00 17.60  ? 8    VAL A CA    1 
ATOM   54   C  C     . VAL A 1 8   ? -4.356  3.876   5.044   1.00 17.59  ? 8    VAL A C     1 
ATOM   55   O  O     . VAL A 1 8   ? -3.950  5.019   4.834   1.00 17.33  ? 8    VAL A O     1 
ATOM   56   C  CB    . VAL A 1 8   ? -6.030  3.502   3.209   1.00 17.81  ? 8    VAL A CB    1 
ATOM   57   C  CG1   . VAL A 1 8   ? -5.116  2.485   2.545   1.00 16.86  ? 8    VAL A CG1   1 
ATOM   58   C  CG2   . VAL A 1 8   ? -7.483  3.213   2.853   1.00 17.24  ? 8    VAL A CG2   1 
ATOM   59   N  N     . CYS A 1 9   ? -3.579  2.915   5.530   1.00 17.56  ? 9    CYS A N     1 
ATOM   60   C  CA    . CYS A 1 9   ? -2.150  3.141   5.748   1.00 18.09  ? 9    CYS A CA    1 
ATOM   61   C  C     . CYS A 1 9   ? -1.290  2.319   4.793   1.00 17.65  ? 9    CYS A C     1 
ATOM   62   O  O     . CYS A 1 9   ? -1.631  1.192   4.454   1.00 17.76  ? 9    CYS A O     1 
ATOM   63   C  CB    . CYS A 1 9   ? -1.759  2.872   7.203   1.00 18.67  ? 9    CYS A CB    1 
ATOM   64   S  SG    . CYS A 1 9   ? -1.931  1.159   7.723   1.00 21.43  ? 9    CYS A SG    1 
ATOM   65   N  N     . LEU A 1 10  ? -0.184  2.909   4.352   1.00 17.12  ? 10   LEU A N     1 
ATOM   66   C  CA    . LEU A 1 10  ? 0.792   2.221   3.522   1.00 17.02  ? 10   LEU A CA    1 
ATOM   67   C  C     . LEU A 1 10  ? 1.988   1.858   4.363   1.00 16.87  ? 10   LEU A C     1 
ATOM   68   O  O     . LEU A 1 10  ? 2.526   2.699   5.077   1.00 17.03  ? 10   LEU A O     1 
ATOM   69   C  CB    . LEU A 1 10  ? 1.230   3.086   2.338   1.00 16.83  ? 10   LEU A CB    1 
ATOM   70   C  CG    . LEU A 1 10  ? 0.238   3.077   1.170   1.00 17.19  ? 10   LEU A CG    1 
ATOM   71   C  CD1   . LEU A 1 10  ? -0.893  4.056   1.412   1.00 17.19  ? 10   LEU A CD1   1 
ATOM   72   C  CD2   . LEU A 1 10  ? 0.970   3.381   -0.124  1.00 17.75  ? 10   LEU A CD2   1 
ATOM   73   N  N     . LEU A 1 11  ? 2.395   0.599   4.261   1.00 16.74  ? 11   LEU A N     1 
ATOM   74   C  CA    . LEU A 1 11  ? 3.492   0.046   5.052   1.00 16.99  ? 11   LEU A CA    1 
ATOM   75   C  C     . LEU A 1 11  ? 4.476   -0.655  4.127   1.00 17.02  ? 11   LEU A C     1 
ATOM   76   O  O     . LEU A 1 11  ? 4.092   -1.151  3.067   1.00 17.53  ? 11   LEU A O     1 
ATOM   77   C  CB    . LEU A 1 11  ? 2.939   -0.950  6.076   1.00 17.56  ? 11   LEU A CB    1 
ATOM   78   C  CG    . LEU A 1 11  ? 1.927   -0.426  7.105   1.00 18.27  ? 11   LEU A CG    1 
ATOM   79   C  CD1   . LEU A 1 11  ? 1.075   -1.571  7.654   1.00 19.33  ? 11   LEU A CD1   1 
ATOM   80   C  CD2   . LEU A 1 11  ? 2.640   0.308   8.247   1.00 20.11  ? 11   LEU A CD2   1 
ATOM   81   N  N     . GLY A 1 12  ? 5.744   -0.696  4.520   1.00 16.75  ? 12   GLY A N     1 
ATOM   82   C  CA    . GLY A 1 12  ? 6.776   -1.299  3.681   1.00 17.16  ? 12   GLY A CA    1 
ATOM   83   C  C     . GLY A 1 12  ? 8.143   -0.677  3.872   1.00 16.90  ? 12   GLY A C     1 
ATOM   84   O  O     . GLY A 1 12  ? 8.263   0.423   4.410   1.00 16.99  ? 12   GLY A O     1 
ATOM   85   N  N     . ASP A 1 13  ? 9.177   -1.389  3.431   1.00 17.39  ? 13   ASP A N     1 
ATOM   86   C  CA    . ASP A 1 13  ? 10.561  -0.935  3.569   1.00 17.86  ? 13   ASP A CA    1 
ATOM   87   C  C     . ASP A 1 13  ? 10.759  0.393   2.866   1.00 17.35  ? 13   ASP A C     1 
ATOM   88   O  O     . ASP A 1 13  ? 10.016  0.726   1.948   1.00 17.57  ? 13   ASP A O     1 
ATOM   89   C  CB    . ASP A 1 13  ? 11.534  -1.960  2.980   1.00 18.10  ? 13   ASP A CB    1 
ATOM   90   C  CG    . ASP A 1 13  ? 11.614  -3.240  3.800   1.00 21.22  ? 13   ASP A CG    1 
ATOM   91   O  OD1   . ASP A 1 13  ? 10.994  -3.319  4.888   1.00 23.23  ? 13   ASP A OD1   1 
ATOM   92   O  OD2   . ASP A 1 13  ? 12.304  -4.174  3.341   1.00 24.86  ? 13   ASP A OD2   1 
ATOM   93   N  N     . THR A 1 14  ? 11.755  1.158   3.302   1.00 17.15  ? 14   THR A N     1 
ATOM   94   C  CA    . THR A 1 14  ? 12.084  2.410   2.622   1.00 16.71  ? 14   THR A CA    1 
ATOM   95   C  C     . THR A 1 14  ? 12.456  2.096   1.179   1.00 15.83  ? 14   THR A C     1 
ATOM   96   O  O     . THR A 1 14  ? 13.066  1.066   0.904   1.00 15.03  ? 14   THR A O     1 
ATOM   97   C  CB    . THR A 1 14  ? 13.246  3.145   3.313   1.00 16.92  ? 14   THR A CB    1 
ATOM   98   O  OG1   . THR A 1 14  ? 12.810  3.567   4.600   1.00 20.95  ? 14   THR A OG1   1 
ATOM   99   C  CG2   . THR A 1 14  ? 13.649  4.379   2.558   1.00 15.70  ? 14   THR A CG2   1 
ATOM   100  N  N     . GLY A 1 15  ? 12.065  2.988   0.277   1.00 15.30  ? 15   GLY A N     1 
ATOM   101  C  CA    . GLY A 1 15  ? 12.433  2.898   -1.131  1.00 15.04  ? 15   GLY A CA    1 
ATOM   102  C  C     . GLY A 1 15  ? 11.510  2.110   -2.038  1.00 14.87  ? 15   GLY A C     1 
ATOM   103  O  O     . GLY A 1 15  ? 11.745  2.062   -3.250  1.00 15.43  ? 15   GLY A O     1 
ATOM   104  N  N     . VAL A 1 16  ? 10.466  1.484   -1.486  1.00 14.69  ? 16   VAL A N     1 
ATOM   105  C  CA    . VAL A 1 16  ? 9.592   0.624   -2.311  1.00 14.30  ? 16   VAL A CA    1 
ATOM   106  C  C     . VAL A 1 16  ? 8.578   1.397   -3.181  1.00 13.80  ? 16   VAL A C     1 
ATOM   107  O  O     . VAL A 1 16  ? 8.056   0.854   -4.156  1.00 13.19  ? 16   VAL A O     1 
ATOM   108  C  CB    . VAL A 1 16  ? 8.846   -0.481  -1.492  1.00 14.50  ? 16   VAL A CB    1 
ATOM   109  C  CG1   . VAL A 1 16  ? 9.842   -1.452  -0.841  1.00 15.23  ? 16   VAL A CG1   1 
ATOM   110  C  CG2   . VAL A 1 16  ? 7.893   0.138   -0.451  1.00 13.68  ? 16   VAL A CG2   1 
ATOM   111  N  N     . GLY A 1 17  ? 8.312   2.648   -2.813  1.00 13.28  ? 17   GLY A N     1 
ATOM   112  C  CA    . GLY A 1 17  ? 7.435   3.536   -3.581  1.00 12.88  ? 17   GLY A CA    1 
ATOM   113  C  C     . GLY A 1 17  ? 6.112   3.849   -2.902  1.00 12.52  ? 17   GLY A C     1 
ATOM   114  O  O     . GLY A 1 17  ? 5.152   4.196   -3.570  1.00 11.98  ? 17   GLY A O     1 
ATOM   115  N  N     . LYS A 1 18  ? 6.047   3.734   -1.573  1.00 12.48  ? 18   LYS A N     1 
ATOM   116  C  CA    . LYS A 1 18  ? 4.806   4.048   -0.850  1.00 11.97  ? 18   LYS A CA    1 
ATOM   117  C  C     . LYS A 1 18  ? 4.338   5.470   -1.172  1.00 11.62  ? 18   LYS A C     1 
ATOM   118  O  O     . LYS A 1 18  ? 3.191   5.671   -1.557  1.00 10.80  ? 18   LYS A O     1 
ATOM   119  C  CB    . LYS A 1 18  ? 4.976   3.883   0.668   1.00 12.27  ? 18   LYS A CB    1 
ATOM   120  C  CG    . LYS A 1 18  ? 5.362   2.472   1.111   1.00 12.50  ? 18   LYS A CG    1 
ATOM   121  C  CD    . LYS A 1 18  ? 5.514   2.383   2.629   1.00 13.01  ? 18   LYS A CD    1 
ATOM   122  C  CE    . LYS A 1 18  ? 6.693   3.223   3.127   1.00 13.54  ? 18   LYS A CE    1 
ATOM   123  N  NZ    . LYS A 1 18  ? 7.984   2.754   2.556   1.00 13.92  ? 18   LYS A NZ    1 
ATOM   124  N  N     . SER A 1 19  ? 5.234   6.447   -1.015  1.00 10.69  ? 19   SER A N     1 
ATOM   125  C  CA    . SER A 1 19  ? 4.883   7.840   -1.276  1.00 10.87  ? 19   SER A CA    1 
ATOM   126  C  C     . SER A 1 19  ? 4.509   8.066   -2.737  1.00 10.35  ? 19   SER A C     1 
ATOM   127  O  O     . SER A 1 19  ? 3.560   8.785   -3.027  1.00 9.88   ? 19   SER A O     1 
ATOM   128  C  CB    . SER A 1 19  ? 6.024   8.783   -0.887  1.00 11.40  ? 19   SER A CB    1 
ATOM   129  O  OG    . SER A 1 19  ? 6.227   8.779   0.525   1.00 10.47  ? 19   SER A OG    1 
ATOM   130  N  N     . SER A 1 20  ? 5.258   7.448   -3.645  1.00 10.04  ? 20   SER A N     1 
ATOM   131  C  CA    . SER A 1 20  ? 4.980   7.606   -5.079  1.00 10.48  ? 20   SER A CA    1 
ATOM   132  C  C     . SER A 1 20  ? 3.581   7.076   -5.432  1.00 10.11  ? 20   SER A C     1 
ATOM   133  O  O     . SER A 1 20  ? 2.862   7.689   -6.235  1.00 10.20  ? 20   SER A O     1 
ATOM   134  C  CB    . SER A 1 20  ? 6.067   6.930   -5.922  1.00 10.52  ? 20   SER A CB    1 
ATOM   135  O  OG    . SER A 1 20  ? 7.338   7.540   -5.714  1.00 11.46  ? 20   SER A OG    1 
ATOM   136  N  N     . ILE A 1 21  ? 3.184   5.958   -4.822  1.00 10.35  ? 21   ILE A N     1 
ATOM   137  C  CA    . ILE A 1 21  ? 1.826   5.414   -5.042  1.00 10.00  ? 21   ILE A CA    1 
ATOM   138  C  C     . ILE A 1 21  ? 0.767   6.450   -4.630  1.00 10.27  ? 21   ILE A C     1 
ATOM   139  O  O     . ILE A 1 21  ? -0.138  6.765   -5.404  1.00 10.19  ? 21   ILE A O     1 
ATOM   140  C  CB    . ILE A 1 21  ? 1.593   4.057   -4.302  1.00 10.19  ? 21   ILE A CB    1 
ATOM   141  C  CG1   . ILE A 1 21  ? 2.427   2.938   -4.930  1.00 10.19  ? 21   ILE A CG1   1 
ATOM   142  C  CG2   . ILE A 1 21  ? 0.099   3.664   -4.313  1.00 10.42  ? 21   ILE A CG2   1 
ATOM   143  C  CD1   . ILE A 1 21  ? 2.418   1.631   -4.135  1.00 10.29  ? 21   ILE A CD1   1 
ATOM   144  N  N     . VAL A 1 22  ? 0.900   6.986   -3.416  1.00 10.42  ? 22   VAL A N     1 
ATOM   145  C  CA    . VAL A 1 22  ? -0.037  7.989   -2.889  1.00 11.31  ? 22   VAL A CA    1 
ATOM   146  C  C     . VAL A 1 22  ? -0.060  9.267   -3.747  1.00 11.61  ? 22   VAL A C     1 
ATOM   147  O  O     . VAL A 1 22  ? -1.136  9.764   -4.105  1.00 10.93  ? 22   VAL A O     1 
ATOM   148  C  CB    . VAL A 1 22  ? 0.287   8.336   -1.413  1.00 11.23  ? 22   VAL A CB    1 
ATOM   149  C  CG1   . VAL A 1 22  ? -0.694  9.388   -0.872  1.00 11.64  ? 22   VAL A CG1   1 
ATOM   150  C  CG2   . VAL A 1 22  ? 0.249   7.076   -0.572  1.00 12.07  ? 22   VAL A CG2   1 
ATOM   151  N  N     . TRP A 1 23  ? 1.124   9.779   -4.082  1.00 11.72  ? 23   TRP A N     1 
ATOM   152  C  CA    . TRP A 1 23  ? 1.235   10.951  -4.976  1.00 12.56  ? 23   TRP A CA    1 
ATOM   153  C  C     . TRP A 1 23  ? 0.567   10.710  -6.337  1.00 11.93  ? 23   TRP A C     1 
ATOM   154  O  O     . TRP A 1 23  ? -0.141  11.566  -6.843  1.00 11.85  ? 23   TRP A O     1 
ATOM   155  C  CB    . TRP A 1 23  ? 2.692   11.346  -5.191  1.00 13.44  ? 23   TRP A CB    1 
ATOM   156  C  CG    . TRP A 1 23  ? 3.293   12.250  -4.148  1.00 15.26  ? 23   TRP A CG    1 
ATOM   157  C  CD1   . TRP A 1 23  ? 3.804   11.876  -2.929  1.00 17.23  ? 23   TRP A CD1   1 
ATOM   158  C  CD2   . TRP A 1 23  ? 3.498   13.669  -4.245  1.00 16.44  ? 23   TRP A CD2   1 
ATOM   159  N  NE1   . TRP A 1 23  ? 4.297   12.974  -2.262  1.00 16.91  ? 23   TRP A NE1   1 
ATOM   160  C  CE2   . TRP A 1 23  ? 4.130   14.084  -3.048  1.00 17.16  ? 23   TRP A CE2   1 
ATOM   161  C  CE3   . TRP A 1 23  ? 3.210   14.629  -5.226  1.00 16.73  ? 23   TRP A CE3   1 
ATOM   162  C  CZ2   . TRP A 1 23  ? 4.466   15.426  -2.796  1.00 17.58  ? 23   TRP A CZ2   1 
ATOM   163  C  CZ3   . TRP A 1 23  ? 3.546   15.960  -4.985  1.00 17.99  ? 23   TRP A CZ3   1 
ATOM   164  C  CH2   . TRP A 1 23  ? 4.175   16.346  -3.774  1.00 17.47  ? 23   TRP A CH2   1 
ATOM   165  N  N     . ARG A 1 24  ? 0.794   9.544   -6.929  1.00 12.08  ? 24   ARG A N     1 
ATOM   166  C  CA    . ARG A 1 24  ? 0.155   9.242   -8.206  1.00 11.90  ? 24   ARG A CA    1 
ATOM   167  C  C     . ARG A 1 24  ? -1.374  9.188   -8.054  1.00 12.13  ? 24   ARG A C     1 
ATOM   168  O  O     . ARG A 1 24  ? -2.088  9.787   -8.860  1.00 11.95  ? 24   ARG A O     1 
ATOM   169  C  CB    . ARG A 1 24  ? 0.714   7.966   -8.847  1.00 11.73  ? 24   ARG A CB    1 
ATOM   170  C  CG    . ARG A 1 24  ? -0.035  7.514   -10.129 1.00 10.96  ? 24   ARG A CG    1 
ATOM   171  C  CD    . ARG A 1 24  ? 0.037   8.562   -11.251 1.00 11.29  ? 24   ARG A CD    1 
ATOM   172  N  NE    . ARG A 1 24  ? 1.318   8.554   -11.973 1.00 11.73  ? 24   ARG A NE    1 
ATOM   173  C  CZ    . ARG A 1 24  ? 1.641   9.394   -12.960 1.00 12.23  ? 24   ARG A CZ    1 
ATOM   174  N  NH1   . ARG A 1 24  ? 0.792   10.342  -13.356 1.00 10.70  ? 24   ARG A NH1   1 
ATOM   175  N  NH2   . ARG A 1 24  ? 2.827   9.293   -13.551 1.00 11.53  ? 24   ARG A NH2   1 
ATOM   176  N  N     . PHE A 1 25  ? -1.864  8.501   -7.016  1.00 12.03  ? 25   PHE A N     1 
ATOM   177  C  CA    . PHE A 1 25  ? -3.314  8.375   -6.779  1.00 12.17  ? 25   PHE A CA    1 
ATOM   178  C  C     . PHE A 1 25  ? -3.990  9.739   -6.587  1.00 12.26  ? 25   PHE A C     1 
ATOM   179  O  O     . PHE A 1 25  ? -5.000  10.044  -7.240  1.00 11.99  ? 25   PHE A O     1 
ATOM   180  C  CB    . PHE A 1 25  ? -3.579  7.454   -5.562  1.00 12.01  ? 25   PHE A CB    1 
ATOM   181  C  CG    . PHE A 1 25  ? -5.036  7.133   -5.321  1.00 11.79  ? 25   PHE A CG    1 
ATOM   182  C  CD1   . PHE A 1 25  ? -5.844  6.637   -6.348  1.00 11.79  ? 25   PHE A CD1   1 
ATOM   183  C  CD2   . PHE A 1 25  ? -5.595  7.297   -4.044  1.00 12.16  ? 25   PHE A CD2   1 
ATOM   184  C  CE1   . PHE A 1 25  ? -7.192  6.330   -6.123  1.00 10.50  ? 25   PHE A CE1   1 
ATOM   185  C  CE2   . PHE A 1 25  ? -6.937  6.992   -3.799  1.00 11.91  ? 25   PHE A CE2   1 
ATOM   186  C  CZ    . PHE A 1 25  ? -7.742  6.500   -4.840  1.00 11.82  ? 25   PHE A CZ    1 
ATOM   187  N  N     . VAL A 1 26  ? -3.417  10.556  -5.706  1.00 11.77  ? 26   VAL A N     1 
ATOM   188  C  CA    . VAL A 1 26  ? -4.057  11.807  -5.267  1.00 12.21  ? 26   VAL A CA    1 
ATOM   189  C  C     . VAL A 1 26  ? -3.685  12.999  -6.131  1.00 12.64  ? 26   VAL A C     1 
ATOM   190  O  O     . VAL A 1 26  ? -4.566  13.727  -6.576  1.00 12.58  ? 26   VAL A O     1 
ATOM   191  C  CB    . VAL A 1 26  ? -3.722  12.137  -3.783  1.00 11.42  ? 26   VAL A CB    1 
ATOM   192  C  CG1   . VAL A 1 26  ? -4.424  13.444  -3.320  1.00 11.97  ? 26   VAL A CG1   1 
ATOM   193  C  CG2   . VAL A 1 26  ? -4.079  10.973  -2.885  1.00 11.94  ? 26   VAL A CG2   1 
ATOM   194  N  N     . GLU A 1 27  ? -2.384  13.196  -6.367  1.00 12.94  ? 27   GLU A N     1 
ATOM   195  C  CA    . GLU A 1 27  ? -1.911  14.381  -7.086  1.00 13.58  ? 27   GLU A CA    1 
ATOM   196  C  C     . GLU A 1 27  ? -1.667  14.138  -8.581  1.00 13.79  ? 27   GLU A C     1 
ATOM   197  O  O     . GLU A 1 27  ? -1.383  15.082  -9.317  1.00 13.49  ? 27   GLU A O     1 
ATOM   198  C  CB    . GLU A 1 27  ? -0.637  14.924  -6.427  1.00 13.98  ? 27   GLU A CB    1 
ATOM   199  C  CG    . GLU A 1 27  ? -0.835  15.452  -5.001  1.00 16.91  ? 27   GLU A CG    1 
ATOM   200  C  CD    . GLU A 1 27  ? -1.724  16.685  -4.928  1.00 19.86  ? 27   GLU A CD    1 
ATOM   201  O  OE1   . GLU A 1 27  ? -1.644  17.539  -5.832  1.00 23.54  ? 27   GLU A OE1   1 
ATOM   202  O  OE2   . GLU A 1 27  ? -2.498  16.811  -3.955  1.00 21.24  ? 27   GLU A OE2   1 
ATOM   203  N  N     . ASP A 1 28  ? -1.774  12.875  -9.010  1.00 13.63  ? 28   ASP A N     1 
ATOM   204  C  CA    . ASP A 1 28  ? -1.496  12.458  -10.391 1.00 13.56  ? 28   ASP A CA    1 
ATOM   205  C  C     . ASP A 1 28  ? -0.148  12.952  -10.904 1.00 13.78  ? 28   ASP A C     1 
ATOM   206  O  O     . ASP A 1 28  ? -0.034  13.486  -12.014 1.00 13.78  ? 28   ASP A O     1 
ATOM   207  C  CB    . ASP A 1 28  ? -2.617  12.865  -11.354 1.00 13.78  ? 28   ASP A CB    1 
ATOM   208  C  CG    . ASP A 1 28  ? -2.458  12.231  -12.737 1.00 13.41  ? 28   ASP A CG    1 
ATOM   209  O  OD1   . ASP A 1 28  ? -2.031  11.063  -12.809 1.00 11.62  ? 28   ASP A OD1   1 
ATOM   210  O  OD2   . ASP A 1 28  ? -2.758  12.910  -13.740 1.00 13.09  ? 28   ASP A OD2   1 
ATOM   211  N  N     . SER A 1 29  ? 0.877   12.764  -10.086 1.00 13.71  ? 29   SER A N     1 
ATOM   212  C  CA    . SER A 1 29  ? 2.218   13.120  -10.488 1.00 14.24  ? 29   SER A CA    1 
ATOM   213  C  C     . SER A 1 29  ? 3.214   12.085  -9.984  1.00 14.15  ? 29   SER A C     1 
ATOM   214  O  O     . SER A 1 29  ? 2.915   11.310  -9.062  1.00 14.20  ? 29   SER A O     1 
ATOM   215  C  CB    . SER A 1 29  ? 2.574   14.537  -10.017 1.00 14.26  ? 29   SER A CB    1 
ATOM   216  O  OG    . SER A 1 29  ? 2.680   14.612  -8.610  1.00 14.26  ? 29   SER A OG    1 
ATOM   217  N  N     . PHE A 1 30  ? 4.371   12.050  -10.638 1.00 13.78  ? 30   PHE A N     1 
ATOM   218  C  CA    . PHE A 1 30  ? 5.467   11.169  -10.267 1.00 13.78  ? 30   PHE A CA    1 
ATOM   219  C  C     . PHE A 1 30  ? 6.784   11.950  -10.289 1.00 14.47  ? 30   PHE A C     1 
ATOM   220  O  O     . PHE A 1 30  ? 7.034   12.764  -11.193 1.00 13.91  ? 30   PHE A O     1 
ATOM   221  C  CB    . PHE A 1 30  ? 5.531   9.955   -11.214 1.00 13.12  ? 30   PHE A CB    1 
ATOM   222  C  CG    . PHE A 1 30  ? 6.718   9.048   -10.965 1.00 13.31  ? 30   PHE A CG    1 
ATOM   223  C  CD1   . PHE A 1 30  ? 6.695   8.117   -9.929  1.00 12.92  ? 30   PHE A CD1   1 
ATOM   224  C  CD2   . PHE A 1 30  ? 7.855   9.136   -11.765 1.00 12.60  ? 30   PHE A CD2   1 
ATOM   225  C  CE1   . PHE A 1 30  ? 7.797   7.283   -9.688  1.00 13.45  ? 30   PHE A CE1   1 
ATOM   226  C  CE2   . PHE A 1 30  ? 8.964   8.312   -11.534 1.00 13.35  ? 30   PHE A CE2   1 
ATOM   227  C  CZ    . PHE A 1 30  ? 8.930   7.378   -10.492 1.00 12.57  ? 30   PHE A CZ    1 
ATOM   228  N  N     . ASP A 1 31  ? 7.619   11.699  -9.286  1.00 15.17  ? 31   ASP A N     1 
ATOM   229  C  CA    . ASP A 1 31  ? 8.873   12.413  -9.143  1.00 15.98  ? 31   ASP A CA    1 
ATOM   230  C  C     . ASP A 1 31  ? 9.990   11.408  -8.888  1.00 16.30  ? 31   ASP A C     1 
ATOM   231  O  O     . ASP A 1 31  ? 10.047  10.821  -7.804  1.00 16.20  ? 31   ASP A O     1 
ATOM   232  C  CB    . ASP A 1 31  ? 8.761   13.420  -7.989  1.00 16.47  ? 31   ASP A CB    1 
ATOM   233  C  CG    . ASP A 1 31  ? 10.055  14.172  -7.725  1.00 17.80  ? 31   ASP A CG    1 
ATOM   234  O  OD1   . ASP A 1 31  ? 10.952  14.189  -8.594  1.00 17.86  ? 31   ASP A OD1   1 
ATOM   235  O  OD2   . ASP A 1 31  ? 10.170  14.745  -6.625  1.00 21.08  ? 31   ASP A OD2   1 
ATOM   236  N  N     . PRO A 1 32  ? 10.879  11.199  -9.884  1.00 16.45  ? 32   PRO A N     1 
ATOM   237  C  CA    . PRO A 1 32  ? 12.017  10.300  -9.678  1.00 17.02  ? 32   PRO A CA    1 
ATOM   238  C  C     . PRO A 1 32  ? 12.930  10.722  -8.520  1.00 17.12  ? 32   PRO A C     1 
ATOM   239  O  O     . PRO A 1 32  ? 13.643  9.879   -7.969  1.00 17.80  ? 32   PRO A O     1 
ATOM   240  C  CB    . PRO A 1 32  ? 12.771  10.348  -11.019 1.00 17.32  ? 32   PRO A CB    1 
ATOM   241  C  CG    . PRO A 1 32  ? 12.247  11.529  -11.745 1.00 17.54  ? 32   PRO A CG    1 
ATOM   242  C  CD    . PRO A 1 32  ? 10.846  11.744  -11.252 1.00 16.70  ? 32   PRO A CD    1 
ATOM   243  N  N     . ASN A 1 33  ? 12.881  12.001  -8.154  1.00 17.19  ? 33   ASN A N     1 
ATOM   244  C  CA    . ASN A 1 33  ? 13.723  12.580  -7.091  1.00 17.52  ? 33   ASN A CA    1 
ATOM   245  C  C     . ASN A 1 33  ? 13.048  12.748  -5.729  1.00 17.31  ? 33   ASN A C     1 
ATOM   246  O  O     . ASN A 1 33  ? 13.591  13.410  -4.847  1.00 17.43  ? 33   ASN A O     1 
ATOM   247  C  CB    . ASN A 1 33  ? 14.269  13.927  -7.547  1.00 18.02  ? 33   ASN A CB    1 
ATOM   248  C  CG    . ASN A 1 33  ? 15.152  13.803  -8.762  1.00 19.24  ? 33   ASN A CG    1 
ATOM   249  O  OD1   . ASN A 1 33  ? 16.035  12.954  -8.812  1.00 20.91  ? 33   ASN A OD1   1 
ATOM   250  N  ND2   . ASN A 1 33  ? 14.904  14.640  -9.761  1.00 21.67  ? 33   ASN A ND2   1 
ATOM   251  N  N     . ILE A 1 34  ? 11.876  12.139  -5.549  1.00 17.16  ? 34   ILE A N     1 
ATOM   252  C  CA    . ILE A 1 34  ? 11.138  12.248  -4.284  1.00 17.00  ? 34   ILE A CA    1 
ATOM   253  C  C     . ILE A 1 34  ? 12.020  11.799  -3.102  1.00 17.24  ? 34   ILE A C     1 
ATOM   254  O  O     . ILE A 1 34  ? 12.757  10.821  -3.215  1.00 16.89  ? 34   ILE A O     1 
ATOM   255  C  CB    . ILE A 1 34  ? 9.777   11.482  -4.346  1.00 16.76  ? 34   ILE A CB    1 
ATOM   256  C  CG1   . ILE A 1 34  ? 8.961   11.696  -3.065  1.00 17.23  ? 34   ILE A CG1   1 
ATOM   257  C  CG2   . ILE A 1 34  ? 9.991   9.992   -4.628  1.00 16.99  ? 34   ILE A CG2   1 
ATOM   258  C  CD1   . ILE A 1 34  ? 7.509   11.261  -3.182  1.00 16.94  ? 34   ILE A CD1   1 
ATOM   259  N  N     . ASN A 1 35  ? 11.981  12.548  -2.000  1.00 17.97  ? 35   ASN A N     1 
ATOM   260  C  CA    . ASN A 1 35  ? 12.818  12.255  -0.829  1.00 18.70  ? 35   ASN A CA    1 
ATOM   261  C  C     . ASN A 1 35  ? 12.150  11.243  0.100   1.00 18.43  ? 35   ASN A C     1 
ATOM   262  O  O     . ASN A 1 35  ? 10.921  11.169  0.134   1.00 17.92  ? 35   ASN A O     1 
ATOM   263  C  CB    . ASN A 1 35  ? 13.134  13.542  -0.050  1.00 19.61  ? 35   ASN A CB    1 
ATOM   264  C  CG    . ASN A 1 35  ? 13.986  14.517  -0.844  1.00 21.62  ? 35   ASN A CG    1 
ATOM   265  O  OD1   . ASN A 1 35  ? 14.810  14.118  -1.667  1.00 25.15  ? 35   ASN A OD1   1 
ATOM   266  N  ND2   . ASN A 1 35  ? 13.790  15.803  -0.595  1.00 24.85  ? 35   ASN A ND2   1 
ATOM   267  N  N     . PRO A 1 36  ? 12.958  10.462  0.857   1.00 18.89  ? 36   PRO A N     1 
ATOM   268  C  CA    . PRO A 1 36  ? 12.411  9.587   1.899   1.00 18.57  ? 36   PRO A CA    1 
ATOM   269  C  C     . PRO A 1 36  ? 11.506  10.356  2.863   1.00 18.45  ? 36   PRO A C     1 
ATOM   270  O  O     . PRO A 1 36  ? 11.763  11.523  3.163   1.00 18.20  ? 36   PRO A O     1 
ATOM   271  C  CB    . PRO A 1 36  ? 13.656  9.066   2.612   1.00 18.66  ? 36   PRO A CB    1 
ATOM   272  C  CG    . PRO A 1 36  ? 14.740  9.162   1.596   1.00 19.31  ? 36   PRO A CG    1 
ATOM   273  C  CD    . PRO A 1 36  ? 14.428  10.355  0.766   1.00 18.75  ? 36   PRO A CD    1 
ATOM   274  N  N     . THR A 1 37  ? 10.437  9.704   3.309   1.00 18.19  ? 37   THR A N     1 
ATOM   275  C  CA    . THR A 1 37  ? 9.438   10.319  4.177   1.00 18.00  ? 37   THR A CA    1 
ATOM   276  C  C     . THR A 1 37  ? 9.949   10.374  5.616   1.00 18.30  ? 37   THR A C     1 
ATOM   277  O  O     . THR A 1 37  ? 10.574  9.426   6.104   1.00 17.51  ? 37   THR A O     1 
ATOM   278  C  CB    . THR A 1 37  ? 8.082   9.558   4.091   1.00 18.07  ? 37   THR A CB    1 
ATOM   279  O  OG1   . THR A 1 37  ? 7.636   9.554   2.724   1.00 17.82  ? 37   THR A OG1   1 
ATOM   280  C  CG2   . THR A 1 37  ? 7.012   10.195  4.947   1.00 17.88  ? 37   THR A CG2   1 
ATOM   281  N  N     . ILE A 1 38  ? 9.700   11.508  6.266   1.00 18.41  ? 38   ILE A N     1 
ATOM   282  C  CA    . ILE A 1 38  ? 10.061  11.715  7.668   1.00 18.74  ? 38   ILE A CA    1 
ATOM   283  C  C     . ILE A 1 38  ? 8.776   11.882  8.463   1.00 18.57  ? 38   ILE A C     1 
ATOM   284  O  O     . ILE A 1 38  ? 8.008   12.818  8.235   1.00 19.02  ? 38   ILE A O     1 
ATOM   285  C  CB    . ILE A 1 38  ? 11.015  12.944  7.837   1.00 19.13  ? 38   ILE A CB    1 
ATOM   286  C  CG1   . ILE A 1 38  ? 12.286  12.776  6.980   1.00 18.98  ? 38   ILE A CG1   1 
ATOM   287  C  CG2   . ILE A 1 38  ? 11.371  13.199  9.318   1.00 19.49  ? 38   ILE A CG2   1 
ATOM   288  C  CD1   . ILE A 1 38  ? 13.061  11.474  7.207   1.00 20.40  ? 38   ILE A CD1   1 
ATOM   289  N  N     . GLY A 1 39  ? 8.535   10.966  9.394   1.00 18.40  ? 39   GLY A N     1 
ATOM   290  C  CA    . GLY A 1 39  ? 7.253   10.922  10.094  1.00 17.97  ? 39   GLY A CA    1 
ATOM   291  C  C     . GLY A 1 39  ? 6.220   10.273  9.185   1.00 17.90  ? 39   GLY A C     1 
ATOM   292  O  O     . GLY A 1 39  ? 6.375   9.117   8.784   1.00 17.76  ? 39   GLY A O     1 
ATOM   293  N  N     . ALA A 1 40  ? 5.174   11.019  8.841   1.00 17.36  ? 40   ALA A N     1 
ATOM   294  C  CA    . ALA A 1 40  ? 4.172   10.515  7.905   1.00 17.49  ? 40   ALA A CA    1 
ATOM   295  C  C     . ALA A 1 40  ? 3.624   11.622  7.006   1.00 17.38  ? 40   ALA A C     1 
ATOM   296  O  O     . ALA A 1 40  ? 3.577   12.807  7.385   1.00 17.15  ? 40   ALA A O     1 
ATOM   297  C  CB    . ALA A 1 40  ? 3.030   9.777   8.651   1.00 17.80  ? 40   ALA A CB    1 
ATOM   298  N  N     . SER A 1 41  ? 3.228   11.225  5.803   1.00 16.81  ? 41   SER A N     1 
ATOM   299  C  CA    . SER A 1 41  ? 2.570   12.124  4.874   1.00 17.13  ? 41   SER A CA    1 
ATOM   300  C  C     . SER A 1 41  ? 1.095   11.749  4.844   1.00 16.74  ? 41   SER A C     1 
ATOM   301  O  O     . SER A 1 41  ? 0.753   10.572  4.865   1.00 16.55  ? 41   SER A O     1 
ATOM   302  C  CB    . SER A 1 41  ? 3.192   12.006  3.478   1.00 16.86  ? 41   SER A CB    1 
ATOM   303  O  OG    . SER A 1 41  ? 2.450   12.751  2.524   1.00 18.91  ? 41   SER A OG    1 
ATOM   304  N  N     . PHE A 1 42  ? 0.228   12.753  4.827   1.00 16.68  ? 42   PHE A N     1 
ATOM   305  C  CA    . PHE A 1 42  ? -1.211  12.511  4.807   1.00 16.82  ? 42   PHE A CA    1 
ATOM   306  C  C     . PHE A 1 42  ? -1.851  13.189  3.600   1.00 16.62  ? 42   PHE A C     1 
ATOM   307  O  O     . PHE A 1 42  ? -1.702  14.393  3.400   1.00 16.52  ? 42   PHE A O     1 
ATOM   308  C  CB    . PHE A 1 42  ? -1.880  13.001  6.099   1.00 16.91  ? 42   PHE A CB    1 
ATOM   309  C  CG    . PHE A 1 42  ? -3.372  12.792  6.122   1.00 16.91  ? 42   PHE A CG    1 
ATOM   310  C  CD1   . PHE A 1 42  ? -3.909  11.570  6.517   1.00 17.81  ? 42   PHE A CD1   1 
ATOM   311  C  CD2   . PHE A 1 42  ? -4.236  13.811  5.730   1.00 17.45  ? 42   PHE A CD2   1 
ATOM   312  C  CE1   . PHE A 1 42  ? -5.293  11.366  6.517   1.00 18.28  ? 42   PHE A CE1   1 
ATOM   313  C  CE2   . PHE A 1 42  ? -5.614  13.625  5.728   1.00 17.40  ? 42   PHE A CE2   1 
ATOM   314  C  CZ    . PHE A 1 42  ? -6.145  12.396  6.122   1.00 17.14  ? 42   PHE A CZ    1 
ATOM   315  N  N     . MET A 1 43  ? -2.566  12.399  2.802   1.00 16.48  ? 43   MET A N     1 
ATOM   316  C  CA    . MET A 1 43  ? -3.308  12.920  1.662   1.00 16.39  ? 43   MET A CA    1 
ATOM   317  C  C     . MET A 1 43  ? -4.664  12.260  1.615   1.00 16.20  ? 43   MET A C     1 
ATOM   318  O  O     . MET A 1 43  ? -4.881  11.220  2.236   1.00 15.77  ? 43   MET A O     1 
ATOM   319  C  CB    . MET A 1 43  ? -2.579  12.652  0.348   1.00 16.46  ? 43   MET A CB    1 
ATOM   320  C  CG    . MET A 1 43  ? -1.209  13.293  0.253   1.00 16.67  ? 43   MET A CG    1 
ATOM   321  S  SD    . MET A 1 43  ? -0.548  13.183  -1.411  1.00 16.80  ? 43   MET A SD    1 
ATOM   322  C  CE    . MET A 1 43  ? 1.047   13.988  -1.169  1.00 17.14  ? 43   MET A CE    1 
ATOM   323  N  N     . THR A 1 44  ? -5.580  12.888  0.891   1.00 16.02  ? 44   THR A N     1 
ATOM   324  C  CA    . THR A 1 44  ? -6.942  12.396  0.796   1.00 16.10  ? 44   THR A CA    1 
ATOM   325  C  C     . THR A 1 44  ? -7.495  12.502  -0.628  1.00 15.82  ? 44   THR A C     1 
ATOM   326  O  O     . THR A 1 44  ? -7.146  13.418  -1.370  1.00 15.93  ? 44   THR A O     1 
ATOM   327  C  CB    . THR A 1 44  ? -7.867  13.112  1.802   1.00 16.22  ? 44   THR A CB    1 
ATOM   328  O  OG1   . THR A 1 44  ? -9.169  12.528  1.746   1.00 17.21  ? 44   THR A OG1   1 
ATOM   329  C  CG2   . THR A 1 44  ? -7.965  14.620  1.507   1.00 16.78  ? 44   THR A CG2   1 
ATOM   330  N  N     . LYS A 1 45  ? -8.338  11.545  -1.006  1.00 15.62  ? 45   LYS A N     1 
ATOM   331  C  CA    . LYS A 1 45  ? -9.051  11.585  -2.288  1.00 15.53  ? 45   LYS A CA    1 
ATOM   332  C  C     . LYS A 1 45  ? -10.389 10.885  -2.096  1.00 15.49  ? 45   LYS A C     1 
ATOM   333  O  O     . LYS A 1 45  ? -10.455 9.847   -1.436  1.00 15.11  ? 45   LYS A O     1 
ATOM   334  C  CB    . LYS A 1 45  ? -8.232  10.899  -3.387  1.00 15.39  ? 45   LYS A CB    1 
ATOM   335  C  CG    . LYS A 1 45  ? -8.906  10.818  -4.762  1.00 16.13  ? 45   LYS A CG    1 
ATOM   336  C  CD    . LYS A 1 45  ? -8.003  10.056  -5.716  1.00 17.46  ? 45   LYS A CD    1 
ATOM   337  C  CE    . LYS A 1 45  ? -8.709  9.658   -6.992  1.00 18.96  ? 45   LYS A CE    1 
ATOM   338  N  NZ    . LYS A 1 45  ? -8.672  10.756  -7.979  1.00 20.74  ? 45   LYS A NZ    1 
ATOM   339  N  N     . THR A 1 46  ? -11.440 11.473  -2.657  1.00 15.84  ? 46   THR A N     1 
ATOM   340  C  CA    . THR A 1 46  ? -12.794 10.918  -2.575  1.00 16.70  ? 46   THR A CA    1 
ATOM   341  C  C     . THR A 1 46  ? -13.223 10.346  -3.929  1.00 16.93  ? 46   THR A C     1 
ATOM   342  O  O     . THR A 1 46  ? -13.119 11.010  -4.958  1.00 17.29  ? 46   THR A O     1 
ATOM   343  C  CB    . THR A 1 46  ? -13.820 11.961  -2.073  1.00 16.73  ? 46   THR A CB    1 
ATOM   344  O  OG1   . THR A 1 46  ? -13.350 12.545  -0.850  1.00 15.93  ? 46   THR A OG1   1 
ATOM   345  C  CG2   . THR A 1 46  ? -15.180 11.307  -1.829  1.00 16.51  ? 46   THR A CG2   1 
ATOM   346  N  N     . VAL A 1 47  ? -13.694 9.104   -3.913  1.00 17.37  ? 47   VAL A N     1 
ATOM   347  C  CA    . VAL A 1 47  ? -14.036 8.386   -5.133  1.00 18.03  ? 47   VAL A CA    1 
ATOM   348  C  C     . VAL A 1 47  ? -15.468 7.855   -5.025  1.00 18.37  ? 47   VAL A C     1 
ATOM   349  O  O     . VAL A 1 47  ? -15.865 7.328   -3.987  1.00 18.14  ? 47   VAL A O     1 
ATOM   350  C  CB    . VAL A 1 47  ? -13.057 7.199   -5.379  1.00 18.01  ? 47   VAL A CB    1 
ATOM   351  C  CG1   . VAL A 1 47  ? -13.404 6.452   -6.667  1.00 19.29  ? 47   VAL A CG1   1 
ATOM   352  C  CG2   . VAL A 1 47  ? -11.596 7.692   -5.433  1.00 17.32  ? 47   VAL A CG2   1 
ATOM   353  N  N     . GLN A 1 48  ? -16.236 7.993   -6.100  1.00 18.86  ? 48   GLN A N     1 
ATOM   354  C  CA    . GLN A 1 48  ? -17.550 7.354   -6.156  1.00 19.87  ? 48   GLN A CA    1 
ATOM   355  C  C     . GLN A 1 48  ? -17.370 5.833   -6.198  1.00 19.78  ? 48   GLN A C     1 
ATOM   356  O  O     . GLN A 1 48  ? -16.633 5.315   -7.044  1.00 19.51  ? 48   GLN A O     1 
ATOM   357  C  CB    . GLN A 1 48  ? -18.341 7.846   -7.371  1.00 20.07  ? 48   GLN A CB    1 
ATOM   358  C  CG    . GLN A 1 48  ? -19.785 7.303   -7.482  1.00 22.51  ? 48   GLN A CG    1 
ATOM   359  C  CD    . GLN A 1 48  ? -20.799 8.058   -6.626  1.00 25.75  ? 48   GLN A CD    1 
ATOM   360  O  OE1   . GLN A 1 48  ? -21.682 7.452   -6.018  1.00 28.67  ? 48   GLN A OE1   1 
ATOM   361  N  NE2   . GLN A 1 48  ? -20.686 9.380   -6.589  1.00 26.51  ? 48   GLN A NE2   1 
ATOM   362  N  N     . TYR A 1 49  ? -17.991 5.143   -5.246  1.00 19.94  ? 49   TYR A N     1 
ATOM   363  C  CA    . TYR A 1 49  ? -18.143 3.689   -5.311  1.00 20.79  ? 49   TYR A CA    1 
ATOM   364  C  C     . TYR A 1 49  ? -19.634 3.351   -5.259  1.00 21.46  ? 49   TYR A C     1 
ATOM   365  O  O     . TYR A 1 49  ? -20.266 3.490   -4.214  1.00 21.51  ? 49   TYR A O     1 
ATOM   366  C  CB    . TYR A 1 49  ? -17.395 2.979   -4.170  1.00 20.17  ? 49   TYR A CB    1 
ATOM   367  C  CG    . TYR A 1 49  ? -17.663 1.483   -4.113  1.00 19.72  ? 49   TYR A CG    1 
ATOM   368  C  CD1   . TYR A 1 49  ? -17.109 0.617   -5.063  1.00 18.44  ? 49   TYR A CD1   1 
ATOM   369  C  CD2   . TYR A 1 49  ? -18.473 0.935   -3.118  1.00 19.09  ? 49   TYR A CD2   1 
ATOM   370  C  CE1   . TYR A 1 49  ? -17.353 -0.757  -5.019  1.00 18.35  ? 49   TYR A CE1   1 
ATOM   371  C  CE2   . TYR A 1 49  ? -18.727 -0.439  -3.072  1.00 20.00  ? 49   TYR A CE2   1 
ATOM   372  C  CZ    . TYR A 1 49  ? -18.168 -1.272  -4.027  1.00 19.21  ? 49   TYR A CZ    1 
ATOM   373  O  OH    . TYR A 1 49  ? -18.421 -2.624  -3.974  1.00 19.37  ? 49   TYR A OH    1 
ATOM   374  N  N     . GLN A 1 50  ? -20.178 2.905   -6.390  1.00 22.63  ? 50   GLN A N     1 
ATOM   375  C  CA    . GLN A 1 50  ? -21.612 2.588   -6.512  1.00 24.28  ? 50   GLN A CA    1 
ATOM   376  C  C     . GLN A 1 50  ? -22.473 3.782   -6.077  1.00 24.82  ? 50   GLN A C     1 
ATOM   377  O  O     . GLN A 1 50  ? -22.406 4.830   -6.706  1.00 25.04  ? 50   GLN A O     1 
ATOM   378  C  CB    . GLN A 1 50  ? -21.966 1.301   -5.754  1.00 24.06  ? 50   GLN A CB    1 
ATOM   379  C  CG    . GLN A 1 50  ? -21.039 0.139   -6.109  1.00 24.86  ? 50   GLN A CG    1 
ATOM   380  C  CD    . GLN A 1 50  ? -21.471 -1.204  -5.544  1.00 24.82  ? 50   GLN A CD    1 
ATOM   381  O  OE1   . GLN A 1 50  ? -22.094 -1.297  -4.483  1.00 25.37  ? 50   GLN A OE1   1 
ATOM   382  N  NE2   . GLN A 1 50  ? -21.113 -2.263  -6.252  1.00 26.77  ? 50   GLN A NE2   1 
ATOM   383  N  N     . ASN A 1 51  ? -23.253 3.633   -5.007  1.00 25.99  ? 51   ASN A N     1 
ATOM   384  C  CA    . ASN A 1 51  ? -24.094 4.732   -4.517  1.00 27.09  ? 51   ASN A CA    1 
ATOM   385  C  C     . ASN A 1 51  ? -23.540 5.439   -3.286  1.00 27.02  ? 51   ASN A C     1 
ATOM   386  O  O     . ASN A 1 51  ? -24.285 6.063   -2.526  1.00 28.00  ? 51   ASN A O     1 
ATOM   387  C  CB    . ASN A 1 51  ? -25.534 4.265   -4.266  1.00 27.80  ? 51   ASN A CB    1 
ATOM   388  C  CG    . ASN A 1 51  ? -26.336 4.127   -5.550  1.00 29.98  ? 51   ASN A CG    1 
ATOM   389  O  OD1   . ASN A 1 51  ? -27.128 3.194   -5.700  1.00 32.78  ? 51   ASN A OD1   1 
ATOM   390  N  ND2   . ASN A 1 51  ? -26.132 5.052   -6.486  1.00 32.30  ? 51   ASN A ND2   1 
ATOM   391  N  N     . GLU A 1 52  ? -22.232 5.349   -3.084  1.00 26.39  ? 52   GLU A N     1 
ATOM   392  C  CA    . GLU A 1 52  ? -21.601 6.090   -2.002  1.00 26.04  ? 52   GLU A CA    1 
ATOM   393  C  C     . GLU A 1 52  ? -20.297 6.744   -2.428  1.00 24.82  ? 52   GLU A C     1 
ATOM   394  O  O     . GLU A 1 52  ? -19.777 6.468   -3.508  1.00 24.68  ? 52   GLU A O     1 
ATOM   395  C  CB    . GLU A 1 52  ? -21.415 5.228   -0.752  1.00 26.22  ? 52   GLU A CB    1 
ATOM   396  C  CG    . GLU A 1 52  ? -20.792 3.874   -0.968  1.00 26.76  ? 52   GLU A CG    1 
ATOM   397  C  CD    . GLU A 1 52  ? -20.824 3.031   0.290   1.00 27.13  ? 52   GLU A CD    1 
ATOM   398  O  OE1   . GLU A 1 52  ? -21.691 3.209   1.148   1.00 29.81  ? 52   GLU A OE1   1 
ATOM   399  O  OE2   . GLU A 1 52  ? -19.876 2.114   0.413   1.00 26.42  ? 52   GLU A OE2   1 
ATOM   400  N  N     . LEU A 1 53  ? -19.805 7.637   -1.579  1.00 23.66  ? 53   LEU A N     1 
ATOM   401  C  CA    . LEU A 1 53  ? -18.535 8.307   -1.796  1.00 22.62  ? 53   LEU A CA    1 
ATOM   402  C  C     . LEU A 1 53  ? -17.539 7.796   -0.770  1.00 21.45  ? 53   LEU A C     1 
ATOM   403  O  O     . LEU A 1 53  ? -17.822 7.780   0.425   1.00 21.89  ? 53   LEU A O     1 
ATOM   404  C  CB    . LEU A 1 53  ? -18.690 9.832   -1.690  1.00 22.89  ? 53   LEU A CB    1 
ATOM   405  C  CG    . LEU A 1 53  ? -19.397 10.559  -2.844  1.00 23.06  ? 53   LEU A CG    1 
ATOM   406  C  CD1   . LEU A 1 53  ? -19.893 11.938  -2.401  1.00 24.20  ? 53   LEU A CD1   1 
ATOM   407  C  CD2   . LEU A 1 53  ? -18.496 10.680  -4.069  1.00 24.23  ? 53   LEU A CD2   1 
ATOM   408  N  N     . HIS A 1 54  ? -16.381 7.354   -1.245  1.00 19.57  ? 54   HIS A N     1 
ATOM   409  C  CA    . HIS A 1 54  ? -15.344 6.859   -0.365  1.00 18.20  ? 54   HIS A CA    1 
ATOM   410  C  C     . HIS A 1 54  ? -14.260 7.912   -0.235  1.00 17.57  ? 54   HIS A C     1 
ATOM   411  O  O     . HIS A 1 54  ? -13.569 8.237   -1.205  1.00 16.81  ? 54   HIS A O     1 
ATOM   412  C  CB    . HIS A 1 54  ? -14.761 5.536   -0.873  1.00 17.95  ? 54   HIS A CB    1 
ATOM   413  C  CG    . HIS A 1 54  ? -15.683 4.366   -0.708  1.00 17.20  ? 54   HIS A CG    1 
ATOM   414  N  ND1   . HIS A 1 54  ? -15.361 3.099   -1.151  1.00 17.21  ? 54   HIS A ND1   1 
ATOM   415  C  CD2   . HIS A 1 54  ? -16.918 4.271   -0.159  1.00 16.82  ? 54   HIS A CD2   1 
ATOM   416  C  CE1   . HIS A 1 54  ? -16.349 2.269   -0.859  1.00 17.23  ? 54   HIS A CE1   1 
ATOM   417  N  NE2   . HIS A 1 54  ? -17.311 2.957   -0.269  1.00 16.90  ? 54   HIS A NE2   1 
ATOM   418  N  N     . LYS A 1 55  ? -14.154 8.477   0.961   1.00 16.79  ? 55   LYS A N     1 
ATOM   419  C  CA    . LYS A 1 55  ? -13.116 9.459   1.229   1.00 16.11  ? 55   LYS A CA    1 
ATOM   420  C  C     . LYS A 1 55  ? -11.940 8.734   1.853   1.00 15.44  ? 55   LYS A C     1 
ATOM   421  O  O     . LYS A 1 55  ? -11.971 8.348   3.027   1.00 15.32  ? 55   LYS A O     1 
ATOM   422  C  CB    . LYS A 1 55  ? -13.632 10.603  2.114   1.00 16.15  ? 55   LYS A CB    1 
ATOM   423  C  CG    . LYS A 1 55  ? -12.571 11.656  2.419   1.00 16.14  ? 55   LYS A CG    1 
ATOM   424  C  CD    . LYS A 1 55  ? -13.131 12.772  3.280   1.00 18.72  ? 55   LYS A CD    1 
ATOM   425  C  CE    . LYS A 1 55  ? -12.067 13.808  3.582   1.00 19.84  ? 55   LYS A CE    1 
ATOM   426  N  NZ    . LYS A 1 55  ? -12.674 14.973  4.296   1.00 22.21  ? 55   LYS A NZ    1 
ATOM   427  N  N     . PHE A 1 56  ? -10.921 8.501   1.036   1.00 15.14  ? 56   PHE A N     1 
ATOM   428  C  CA    . PHE A 1 56  ? -9.729  7.829   1.509   1.00 14.84  ? 56   PHE A CA    1 
ATOM   429  C  C     . PHE A 1 56  ? -8.887  8.816   2.299   1.00 15.00  ? 56   PHE A C     1 
ATOM   430  O  O     . PHE A 1 56  ? -8.502  9.871   1.774   1.00 15.02  ? 56   PHE A O     1 
ATOM   431  C  CB    . PHE A 1 56  ? -8.917  7.251   0.344   1.00 14.59  ? 56   PHE A CB    1 
ATOM   432  C  CG    . PHE A 1 56  ? -9.616  6.139   -0.393  1.00 14.37  ? 56   PHE A CG    1 
ATOM   433  C  CD1   . PHE A 1 56  ? -10.128 6.352   -1.669  1.00 13.91  ? 56   PHE A CD1   1 
ATOM   434  C  CD2   . PHE A 1 56  ? -9.737  4.878   0.176   1.00 14.33  ? 56   PHE A CD2   1 
ATOM   435  C  CE1   . PHE A 1 56  ? -10.757 5.323   -2.363  1.00 15.01  ? 56   PHE A CE1   1 
ATOM   436  C  CE2   . PHE A 1 56  ? -10.371 3.847   -0.511  1.00 14.87  ? 56   PHE A CE2   1 
ATOM   437  C  CZ    . PHE A 1 56  ? -10.879 4.072   -1.783  1.00 12.97  ? 56   PHE A CZ    1 
ATOM   438  N  N     . LEU A 1 57  ? -8.654  8.471   3.564   1.00 15.33  ? 57   LEU A N     1 
ATOM   439  C  CA    . LEU A 1 57  ? -7.739  9.188   4.461   1.00 15.40  ? 57   LEU A CA    1 
ATOM   440  C  C     . LEU A 1 57  ? -6.438  8.400   4.529   1.00 15.22  ? 57   LEU A C     1 
ATOM   441  O  O     . LEU A 1 57  ? -6.305  7.420   5.279   1.00 15.44  ? 57   LEU A O     1 
ATOM   442  C  CB    . LEU A 1 57  ? -8.358  9.344   5.857   1.00 15.83  ? 57   LEU A CB    1 
ATOM   443  C  CG    . LEU A 1 57  ? -9.825  9.781   5.904   1.00 16.15  ? 57   LEU A CG    1 
ATOM   444  C  CD1   . LEU A 1 57  ? -10.391 9.631   7.313   1.00 17.63  ? 57   LEU A CD1   1 
ATOM   445  C  CD2   . LEU A 1 57  ? -10.030 11.212  5.378   1.00 16.44  ? 57   LEU A CD2   1 
ATOM   446  N  N     . ILE A 1 58  ? -5.474  8.837   3.725   1.00 14.94  ? 58   ILE A N     1 
ATOM   447  C  CA    . ILE A 1 58  ? -4.327  8.007   3.381   1.00 14.95  ? 58   ILE A CA    1 
ATOM   448  C  C     . ILE A 1 58  ? -3.093  8.401   4.167   1.00 15.26  ? 58   ILE A C     1 
ATOM   449  O  O     . ILE A 1 58  ? -2.604  9.531   4.049   1.00 15.24  ? 58   ILE A O     1 
ATOM   450  C  CB    . ILE A 1 58  ? -4.012  8.074   1.866   1.00 14.89  ? 58   ILE A CB    1 
ATOM   451  C  CG1   . ILE A 1 58  ? -5.268  7.750   1.042   1.00 14.04  ? 58   ILE A CG1   1 
ATOM   452  C  CG2   . ILE A 1 58  ? -2.857  7.122   1.520   1.00 14.19  ? 58   ILE A CG2   1 
ATOM   453  C  CD1   . ILE A 1 58  ? -5.151  8.094   -0.439  1.00 14.45  ? 58   ILE A CD1   1 
ATOM   454  N  N     . TRP A 1 59  ? -2.607  7.449   4.952   1.00 15.35  ? 59   TRP A N     1 
ATOM   455  C  CA    . TRP A 1 59  ? -1.410  7.615   5.766   1.00 16.32  ? 59   TRP A CA    1 
ATOM   456  C  C     . TRP A 1 59  ? -0.203  6.987   5.096   1.00 15.92  ? 59   TRP A C     1 
ATOM   457  O  O     . TRP A 1 59  ? -0.082  5.768   5.003   1.00 15.82  ? 59   TRP A O     1 
ATOM   458  C  CB    . TRP A 1 59  ? -1.628  7.014   7.151   1.00 16.98  ? 59   TRP A CB    1 
ATOM   459  C  CG    . TRP A 1 59  ? -2.607  7.791   7.926   1.00 18.80  ? 59   TRP A CG    1 
ATOM   460  C  CD1   . TRP A 1 59  ? -3.961  7.832   7.743   1.00 19.99  ? 59   TRP A CD1   1 
ATOM   461  C  CD2   . TRP A 1 59  ? -2.318  8.678   9.004   1.00 20.91  ? 59   TRP A CD2   1 
ATOM   462  N  NE1   . TRP A 1 59  ? -4.534  8.689   8.648   1.00 20.51  ? 59   TRP A NE1   1 
ATOM   463  C  CE2   . TRP A 1 59  ? -3.544  9.219   9.439   1.00 21.33  ? 59   TRP A CE2   1 
ATOM   464  C  CE3   . TRP A 1 59  ? -1.136  9.067   9.647   1.00 22.55  ? 59   TRP A CE3   1 
ATOM   465  C  CZ2   . TRP A 1 59  ? -3.630  10.121  10.501  1.00 20.85  ? 59   TRP A CZ2   1 
ATOM   466  C  CZ3   . TRP A 1 59  ? -1.221  9.969   10.712  1.00 21.46  ? 59   TRP A CZ3   1 
ATOM   467  C  CH2   . TRP A 1 59  ? -2.458  10.488  11.118  1.00 21.19  ? 59   TRP A CH2   1 
ATOM   468  N  N     . ASP A 1 60  ? 0.690   7.851   4.635   1.00 16.15  ? 60   ASP A N     1 
ATOM   469  C  CA    . ASP A 1 60  ? 1.889   7.435   3.946   1.00 16.49  ? 60   ASP A CA    1 
ATOM   470  C  C     . ASP A 1 60  ? 3.041   7.448   4.946   1.00 16.88  ? 60   ASP A C     1 
ATOM   471  O  O     . ASP A 1 60  ? 3.608   8.501   5.246   1.00 16.26  ? 60   ASP A O     1 
ATOM   472  C  CB    . ASP A 1 60  ? 2.147   8.378   2.770   1.00 16.10  ? 60   ASP A CB    1 
ATOM   473  C  CG    . ASP A 1 60  ? 3.480   8.152   2.123   1.00 15.47  ? 60   ASP A CG    1 
ATOM   474  O  OD1   . ASP A 1 60  ? 3.932   6.990   2.097   1.00 13.82  ? 60   ASP A OD1   1 
ATOM   475  O  OD2   . ASP A 1 60  ? 4.068   9.147   1.641   1.00 14.25  ? 60   ASP A OD2   1 
ATOM   476  N  N     . THR A 1 61  ? 3.389   6.265   5.436   1.00 17.84  ? 61   THR A N     1 
ATOM   477  C  CA    . THR A 1 61  ? 4.302   6.125   6.570   1.00 19.35  ? 61   THR A CA    1 
ATOM   478  C  C     . THR A 1 61  ? 5.769   6.103   6.154   1.00 20.40  ? 61   THR A C     1 
ATOM   479  O  O     . THR A 1 61  ? 6.114   5.670   5.046   1.00 20.17  ? 61   THR A O     1 
ATOM   480  C  CB    . THR A 1 61  ? 3.990   4.843   7.396   1.00 18.93  ? 61   THR A CB    1 
ATOM   481  O  OG1   . THR A 1 61  ? 4.326   3.685   6.632   1.00 19.83  ? 61   THR A OG1   1 
ATOM   482  C  CG2   . THR A 1 61  ? 2.514   4.772   7.772   1.00 20.08  ? 61   THR A CG2   1 
ATOM   483  N  N     . ALA A 1 62  ? 6.639   6.551   7.054   1.00 21.65  ? 62   ALA A N     1 
ATOM   484  C  CA    . ALA A 1 62  ? 8.075   6.472   6.812   1.00 23.08  ? 62   ALA A CA    1 
ATOM   485  C  C     . ALA A 1 62  ? 8.565   5.035   6.950   1.00 24.28  ? 62   ALA A C     1 
ATOM   486  O  O     . ALA A 1 62  ? 8.328   4.382   7.971   1.00 24.35  ? 62   ALA A O     1 
ATOM   487  C  CB    . ALA A 1 62  ? 8.836   7.383   7.756   1.00 23.26  ? 62   ALA A CB    1 
ATOM   488  N  N     . GLY A 1 63  ? 9.245   4.547   5.915   1.00 25.37  ? 63   GLY A N     1 
ATOM   489  C  CA    . GLY A 1 63  ? 9.797   3.196   5.935   1.00 27.52  ? 63   GLY A CA    1 
ATOM   490  C  C     . GLY A 1 63  ? 11.104  3.070   6.705   1.00 28.77  ? 63   GLY A C     1 
ATOM   491  O  O     . GLY A 1 63  ? 11.456  1.977   7.150   1.00 29.22  ? 63   GLY A O     1 
ATOM   492  N  N     . GLN A 1 64  ? 11.843  4.174   6.843   1.00 30.22  ? 64   GLN A N     1 
ATOM   493  C  CA    . GLN A 1 64  ? 13.144  4.137   7.530   1.00 31.53  ? 64   GLN A CA    1 
ATOM   494  C  C     . GLN A 1 64  ? 12.977  3.586   8.953   1.00 32.06  ? 64   GLN A C     1 
ATOM   495  O  O     . GLN A 1 64  ? 12.050  3.972   9.670   1.00 32.01  ? 64   GLN A O     1 
ATOM   496  C  CB    . GLN A 1 64  ? 13.852  5.501   7.476   1.00 31.56  ? 64   GLN A CB    1 
ATOM   497  C  CG    . GLN A 1 64  ? 14.603  5.730   6.145   1.00 32.25  ? 64   GLN A CG    1 
ATOM   498  C  CD    . GLN A 1 64  ? 15.083  7.163   5.927   1.00 32.84  ? 64   GLN A CD    1 
ATOM   499  O  OE1   . GLN A 1 64  ? 14.301  8.113   5.968   1.00 35.16  ? 64   GLN A OE1   1 
ATOM   500  N  NE2   . GLN A 1 64  ? 16.377  7.317   5.667   1.00 34.89  ? 64   GLN A NE2   1 
ATOM   501  N  N     . GLU A 1 65  ? 13.853  2.653   9.324   1.00 32.80  ? 65   GLU A N     1 
ATOM   502  C  CA    . GLU A 1 65  ? 13.706  1.863   10.554  1.00 33.78  ? 65   GLU A CA    1 
ATOM   503  C  C     . GLU A 1 65  ? 13.446  2.683   11.823  1.00 34.33  ? 65   GLU A C     1 
ATOM   504  O  O     . GLU A 1 65  ? 12.706  2.236   12.704  1.00 34.36  ? 65   GLU A O     1 
ATOM   505  C  CB    . GLU A 1 65  ? 14.910  0.932   10.748  1.00 33.79  ? 65   GLU A CB    1 
ATOM   506  N  N     . ARG A 1 66  ? 14.027  3.882   11.905  1.00 35.00  ? 66   ARG A N     1 
ATOM   507  C  CA    . ARG A 1 66  ? 13.854  4.732   13.099  1.00 35.80  ? 66   ARG A CA    1 
ATOM   508  C  C     . ARG A 1 66  ? 12.400  5.173   13.325  1.00 36.26  ? 66   ARG A C     1 
ATOM   509  O  O     . ARG A 1 66  ? 12.069  5.734   14.371  1.00 36.27  ? 66   ARG A O     1 
ATOM   510  C  CB    . ARG A 1 66  ? 14.821  5.932   13.101  1.00 35.77  ? 66   ARG A CB    1 
ATOM   511  C  CG    . ARG A 1 66  ? 14.567  7.021   12.058  1.00 35.86  ? 66   ARG A CG    1 
ATOM   512  C  CD    . ARG A 1 66  ? 15.592  8.150   12.218  1.00 35.82  ? 66   ARG A CD    1 
ATOM   513  N  NE    . ARG A 1 66  ? 15.298  9.312   11.380  1.00 36.64  ? 66   ARG A NE    1 
ATOM   514  C  CZ    . ARG A 1 66  ? 14.648  10.403  11.790  1.00 37.14  ? 66   ARG A CZ    1 
ATOM   515  N  NH1   . ARG A 1 66  ? 14.213  10.503  13.042  1.00 37.15  ? 66   ARG A NH1   1 
ATOM   516  N  NH2   . ARG A 1 66  ? 14.431  11.405  10.943  1.00 36.15  ? 66   ARG A NH2   1 
ATOM   517  N  N     . PHE A 1 67  ? 11.540  4.899   12.345  1.00 36.86  ? 67   PHE A N     1 
ATOM   518  C  CA    . PHE A 1 67  ? 10.126  5.262   12.428  1.00 37.42  ? 67   PHE A CA    1 
ATOM   519  C  C     . PHE A 1 67  ? 9.197   4.064   12.613  1.00 37.86  ? 67   PHE A C     1 
ATOM   520  O  O     . PHE A 1 67  ? 7.984   4.236   12.771  1.00 37.89  ? 67   PHE A O     1 
ATOM   521  C  CB    . PHE A 1 67  ? 9.706   6.049   11.183  1.00 37.46  ? 67   PHE A CB    1 
ATOM   522  C  CG    . PHE A 1 67  ? 10.328  7.412   11.084  1.00 37.41  ? 67   PHE A CG    1 
ATOM   523  C  CD1   . PHE A 1 67  ? 11.356  7.654   10.178  1.00 37.40  ? 67   PHE A CD1   1 
ATOM   524  C  CD2   . PHE A 1 67  ? 9.885   8.455   11.896  1.00 37.68  ? 67   PHE A CD2   1 
ATOM   525  C  CE1   . PHE A 1 67  ? 11.928  8.913   10.077  1.00 37.13  ? 67   PHE A CE1   1 
ATOM   526  C  CE2   . PHE A 1 67  ? 10.457  9.719   11.808  1.00 37.46  ? 67   PHE A CE2   1 
ATOM   527  C  CZ    . PHE A 1 67  ? 11.477  9.948   10.897  1.00 37.53  ? 67   PHE A CZ    1 
ATOM   528  N  N     . ARG A 1 68  ? 9.765   2.857   12.599  1.00 38.32  ? 68   ARG A N     1 
ATOM   529  C  CA    . ARG A 1 68  ? 8.976   1.624   12.692  1.00 38.90  ? 68   ARG A CA    1 
ATOM   530  C  C     . ARG A 1 68  ? 8.094   1.582   13.940  1.00 38.76  ? 68   ARG A C     1 
ATOM   531  O  O     . ARG A 1 68  ? 6.940   1.170   13.866  1.00 38.69  ? 68   ARG A O     1 
ATOM   532  C  CB    . ARG A 1 68  ? 9.883   0.388   12.632  1.00 39.13  ? 68   ARG A CB    1 
ATOM   533  C  CG    . ARG A 1 68  ? 9.170   -0.895  12.205  1.00 40.61  ? 68   ARG A CG    1 
ATOM   534  C  CD    . ARG A 1 68  ? 10.041  -1.696  11.241  1.00 43.33  ? 68   ARG A CD    1 
ATOM   535  N  NE    . ARG A 1 68  ? 10.148  -1.042  9.935   1.00 45.17  ? 68   ARG A NE    1 
ATOM   536  C  CZ    . ARG A 1 68  ? 11.201  -1.129  9.122   1.00 45.82  ? 68   ARG A CZ    1 
ATOM   537  N  NH1   . ARG A 1 68  ? 12.272  -1.837  9.470   1.00 45.59  ? 68   ARG A NH1   1 
ATOM   538  N  NH2   . ARG A 1 68  ? 11.186  -0.497  7.956   1.00 46.34  ? 68   ARG A NH2   1 
ATOM   539  N  N     . ALA A 1 69  ? 8.642   2.027   15.071  1.00 38.73  ? 69   ALA A N     1 
ATOM   540  C  CA    . ALA A 1 69  ? 7.916   2.058   16.347  1.00 38.78  ? 69   ALA A CA    1 
ATOM   541  C  C     . ALA A 1 69  ? 6.597   2.829   16.272  1.00 38.68  ? 69   ALA A C     1 
ATOM   542  O  O     . ALA A 1 69  ? 5.677   2.575   17.052  1.00 38.63  ? 69   ALA A O     1 
ATOM   543  C  CB    . ALA A 1 69  ? 8.799   2.633   17.443  1.00 38.80  ? 69   ALA A CB    1 
ATOM   544  N  N     . LEU A 1 70  ? 6.513   3.765   15.328  1.00 38.47  ? 70   LEU A N     1 
ATOM   545  C  CA    . LEU A 1 70  ? 5.325   4.595   15.159  1.00 38.38  ? 70   LEU A CA    1 
ATOM   546  C  C     . LEU A 1 70  ? 4.206   3.896   14.384  1.00 38.35  ? 70   LEU A C     1 
ATOM   547  O  O     . LEU A 1 70  ? 3.078   4.387   14.360  1.00 38.15  ? 70   LEU A O     1 
ATOM   548  C  CB    . LEU A 1 70  ? 5.690   5.920   14.476  1.00 38.38  ? 70   LEU A CB    1 
ATOM   549  C  CG    . LEU A 1 70  ? 6.711   6.837   15.167  1.00 38.76  ? 70   LEU A CG    1 
ATOM   550  C  CD1   . LEU A 1 70  ? 6.999   8.067   14.309  1.00 38.54  ? 70   LEU A CD1   1 
ATOM   551  C  CD2   . LEU A 1 70  ? 6.245   7.245   16.560  1.00 38.84  ? 70   LEU A CD2   1 
ATOM   552  N  N     . ALA A 1 71  ? 4.518   2.756   13.767  1.00 38.47  ? 71   ALA A N     1 
ATOM   553  C  CA    . ALA A 1 71  ? 3.573   2.050   12.886  1.00 38.73  ? 71   ALA A CA    1 
ATOM   554  C  C     . ALA A 1 71  ? 2.189   1.770   13.492  1.00 38.84  ? 71   ALA A C     1 
ATOM   555  O  O     . ALA A 1 71  ? 1.181   2.012   12.825  1.00 39.24  ? 71   ALA A O     1 
ATOM   556  C  CB    . ALA A 1 71  ? 4.194   0.768   12.313  1.00 38.65  ? 71   ALA A CB    1 
ATOM   557  N  N     . PRO A 1 72  ? 2.129   1.252   14.741  1.00 38.92  ? 72   PRO A N     1 
ATOM   558  C  CA    . PRO A 1 72  ? 0.836   1.003   15.399  1.00 38.87  ? 72   PRO A CA    1 
ATOM   559  C  C     . PRO A 1 72  ? -0.111  2.197   15.441  1.00 38.62  ? 72   PRO A C     1 
ATOM   560  O  O     . PRO A 1 72  ? -1.323  2.022   15.340  1.00 38.47  ? 72   PRO A O     1 
ATOM   561  C  CB    . PRO A 1 72  ? 1.231   0.581   16.823  1.00 39.08  ? 72   PRO A CB    1 
ATOM   562  C  CG    . PRO A 1 72  ? 2.675   0.934   16.960  1.00 39.07  ? 72   PRO A CG    1 
ATOM   563  C  CD    . PRO A 1 72  ? 3.245   0.813   15.597  1.00 39.08  ? 72   PRO A CD    1 
ATOM   564  N  N     . MET A 1 73  ? 0.446   3.397   15.584  1.00 38.45  ? 73   MET A N     1 
ATOM   565  C  CA    . MET A 1 73  ? -0.325  4.639   15.552  1.00 38.03  ? 73   MET A CA    1 
ATOM   566  C  C     . MET A 1 73  ? -1.065  4.796   14.223  1.00 37.24  ? 73   MET A C     1 
ATOM   567  O  O     . MET A 1 73  ? -2.190  5.321   14.172  1.00 37.15  ? 73   MET A O     1 
ATOM   568  C  CB    . MET A 1 73  ? 0.623   5.817   15.785  1.00 38.07  ? 73   MET A CB    1 
ATOM   569  C  CG    . MET A 1 73  ? -0.014  7.196   15.826  1.00 38.69  ? 73   MET A CG    1 
ATOM   570  S  SD    . MET A 1 73  ? 1.135   8.436   16.482  1.00 39.40  ? 73   MET A SD    1 
ATOM   571  C  CE    . MET A 1 73  ? 2.618   8.069   15.544  1.00 36.66  ? 73   MET A CE    1 
ATOM   572  N  N     . TYR A 1 74  ? -0.431  4.321   13.153  1.00 36.30  ? 74   TYR A N     1 
ATOM   573  C  CA    . TYR A 1 74  ? -0.974  4.465   11.807  1.00 35.21  ? 74   TYR A CA    1 
ATOM   574  C  C     . TYR A 1 74  ? -1.987  3.395   11.428  1.00 34.46  ? 74   TYR A C     1 
ATOM   575  O  O     . TYR A 1 74  ? -3.001  3.700   10.805  1.00 34.46  ? 74   TYR A O     1 
ATOM   576  C  CB    . TYR A 1 74  ? 0.163   4.515   10.785  1.00 35.28  ? 74   TYR A CB    1 
ATOM   577  C  CG    . TYR A 1 74  ? 1.191   5.571   11.093  1.00 34.72  ? 74   TYR A CG    1 
ATOM   578  C  CD1   . TYR A 1 74  ? 2.522   5.231   11.304  1.00 34.63  ? 74   TYR A CD1   1 
ATOM   579  C  CD2   . TYR A 1 74  ? 0.830   6.915   11.187  1.00 34.93  ? 74   TYR A CD2   1 
ATOM   580  C  CE1   . TYR A 1 74  ? 3.473   6.205   11.588  1.00 35.04  ? 74   TYR A CE1   1 
ATOM   581  C  CE2   . TYR A 1 74  ? 1.771   7.899   11.474  1.00 34.73  ? 74   TYR A CE2   1 
ATOM   582  C  CZ    . TYR A 1 74  ? 3.090   7.535   11.673  1.00 34.89  ? 74   TYR A CZ    1 
ATOM   583  O  OH    . TYR A 1 74  ? 4.029   8.496   11.959  1.00 35.60  ? 74   TYR A OH    1 
ATOM   584  N  N     . TYR A 1 75  ? -1.731  2.143   11.792  1.00 33.74  ? 75   TYR A N     1 
ATOM   585  C  CA    . TYR A 1 75  ? -2.688  1.099   11.428  1.00 33.01  ? 75   TYR A CA    1 
ATOM   586  C  C     . TYR A 1 75  ? -3.912  1.016   12.345  1.00 32.15  ? 75   TYR A C     1 
ATOM   587  O  O     . TYR A 1 75  ? -4.934  0.455   11.959  1.00 32.13  ? 75   TYR A O     1 
ATOM   588  C  CB    . TYR A 1 75  ? -2.041  -0.270  11.110  1.00 33.42  ? 75   TYR A CB    1 
ATOM   589  C  CG    . TYR A 1 75  ? -1.073  -0.873  12.112  1.00 33.37  ? 75   TYR A CG    1 
ATOM   590  C  CD1   . TYR A 1 75  ? -1.523  -1.403  13.321  1.00 33.78  ? 75   TYR A CD1   1 
ATOM   591  C  CD2   . TYR A 1 75  ? 0.285   -0.993  11.810  1.00 33.60  ? 75   TYR A CD2   1 
ATOM   592  C  CE1   . TYR A 1 75  ? -0.638  -1.997  14.229  1.00 33.86  ? 75   TYR A CE1   1 
ATOM   593  C  CE2   . TYR A 1 75  ? 1.176   -1.581  12.709  1.00 34.00  ? 75   TYR A CE2   1 
ATOM   594  C  CZ    . TYR A 1 75  ? 0.705   -2.082  13.917  1.00 33.96  ? 75   TYR A CZ    1 
ATOM   595  O  OH    . TYR A 1 75  ? 1.574   -2.665  14.814  1.00 34.07  ? 75   TYR A OH    1 
ATOM   596  N  N     . ARG A 1 76  ? -3.824  1.619   13.532  1.00 31.17  ? 76   ARG A N     1 
ATOM   597  C  CA    . ARG A 1 76  ? -4.979  1.732   14.422  1.00 29.76  ? 76   ARG A CA    1 
ATOM   598  C  C     . ARG A 1 76  ? -6.120  2.499   13.758  1.00 28.72  ? 76   ARG A C     1 
ATOM   599  O  O     . ARG A 1 76  ? -5.934  3.612   13.264  1.00 29.03  ? 76   ARG A O     1 
ATOM   600  C  CB    . ARG A 1 76  ? -4.581  2.387   15.755  1.00 30.38  ? 76   ARG A CB    1 
ATOM   601  N  N     . GLY A 1 77  ? -7.299  1.888   13.725  1.00 27.19  ? 77   GLY A N     1 
ATOM   602  C  CA    . GLY A 1 77  ? -8.467  2.513   13.120  1.00 25.71  ? 77   GLY A CA    1 
ATOM   603  C  C     . GLY A 1 77  ? -8.523  2.493   11.600  1.00 24.19  ? 77   GLY A C     1 
ATOM   604  O  O     . GLY A 1 77  ? -9.466  3.024   11.008  1.00 24.28  ? 77   GLY A O     1 
ATOM   605  N  N     . SER A 1 78  ? -7.528  1.879   10.964  1.00 23.25  ? 78   SER A N     1 
ATOM   606  C  CA    . SER A 1 78  ? -7.493  1.786   9.500   1.00 22.16  ? 78   SER A CA    1 
ATOM   607  C  C     . SER A 1 78  ? -8.533  0.793   8.974   1.00 21.23  ? 78   SER A C     1 
ATOM   608  O  O     . SER A 1 78  ? -8.648  -0.320  9.487   1.00 20.90  ? 78   SER A O     1 
ATOM   609  C  CB    . SER A 1 78  ? -6.103  1.371   9.010   1.00 22.58  ? 78   SER A CB    1 
ATOM   610  O  OG    . SER A 1 78  ? -5.111  2.328   9.344   1.00 22.98  ? 78   SER A OG    1 
ATOM   611  N  N     . ALA A 1 79  ? -9.277  1.208   7.949   1.00 20.22  ? 79   ALA A N     1 
ATOM   612  C  CA    . ALA A 1 79  ? -10.167 0.308   7.203   1.00 19.38  ? 79   ALA A CA    1 
ATOM   613  C  C     . ALA A 1 79  ? -9.376  -0.646  6.300   1.00 18.94  ? 79   ALA A C     1 
ATOM   614  O  O     . ALA A 1 79  ? -9.825  -1.762  6.002   1.00 18.61  ? 79   ALA A O     1 
ATOM   615  C  CB    . ALA A 1 79  ? -11.154 1.111   6.389   1.00 19.67  ? 79   ALA A CB    1 
ATOM   616  N  N     . ALA A 1 80  ? -8.191  -0.213  5.876   1.00 17.80  ? 80   ALA A N     1 
ATOM   617  C  CA    . ALA A 1 80  ? -7.320  -1.050  5.052   1.00 17.15  ? 80   ALA A CA    1 
ATOM   618  C  C     . ALA A 1 80  ? -5.848  -0.755  5.289   1.00 16.60  ? 80   ALA A C     1 
ATOM   619  O  O     . ALA A 1 80  ? -5.483  0.358   5.681   1.00 16.54  ? 80   ALA A O     1 
ATOM   620  C  CB    . ALA A 1 80  ? -7.656  -0.870  3.571   1.00 16.95  ? 80   ALA A CB    1 
ATOM   621  N  N     . ALA A 1 81  ? -5.007  -1.751  5.031   1.00 16.15  ? 81   ALA A N     1 
ATOM   622  C  CA    . ALA A 1 81  ? -3.562  -1.545  5.003   1.00 16.21  ? 81   ALA A CA    1 
ATOM   623  C  C     . ALA A 1 81  ? -2.984  -2.024  3.679   1.00 16.03  ? 81   ALA A C     1 
ATOM   624  O  O     . ALA A 1 81  ? -3.280  -3.134  3.229   1.00 16.51  ? 81   ALA A O     1 
ATOM   625  C  CB    . ALA A 1 81  ? -2.887  -2.243  6.165   1.00 15.86  ? 81   ALA A CB    1 
ATOM   626  N  N     . ILE A 1 82  ? -2.172  -1.177  3.053   1.00 15.27  ? 82   ILE A N     1 
ATOM   627  C  CA    . ILE A 1 82  ? -1.475  -1.546  1.826   1.00 14.43  ? 82   ILE A CA    1 
ATOM   628  C  C     . ILE A 1 82  ? -0.012  -1.806  2.159   1.00 14.39  ? 82   ILE A C     1 
ATOM   629  O  O     . ILE A 1 82  ? 0.709   -0.893  2.565   1.00 14.31  ? 82   ILE A O     1 
ATOM   630  C  CB    . ILE A 1 82  ? -1.587  -0.446  0.726   1.00 14.45  ? 82   ILE A CB    1 
ATOM   631  C  CG1   . ILE A 1 82  ? -3.053  -0.055  0.487   1.00 13.92  ? 82   ILE A CG1   1 
ATOM   632  C  CG2   . ILE A 1 82  ? -0.912  -0.922  -0.566  1.00 14.75  ? 82   ILE A CG2   1 
ATOM   633  C  CD1   . ILE A 1 82  ? -3.240  1.223   -0.317  1.00 14.24  ? 82   ILE A CD1   1 
ATOM   634  N  N     . ILE A 1 83  ? 0.417   -3.055  2.018   1.00 13.60  ? 83   ILE A N     1 
ATOM   635  C  CA    . ILE A 1 83  ? 1.813   -3.404  2.228   1.00 14.47  ? 83   ILE A CA    1 
ATOM   636  C  C     . ILE A 1 83  ? 2.515   -3.430  0.878   1.00 13.63  ? 83   ILE A C     1 
ATOM   637  O  O     . ILE A 1 83  ? 2.165   -4.212  -0.008  1.00 13.79  ? 83   ILE A O     1 
ATOM   638  C  CB    . ILE A 1 83  ? 2.008   -4.754  2.978   1.00 14.33  ? 83   ILE A CB    1 
ATOM   639  C  CG1   . ILE A 1 83  ? 1.018   -4.866  4.146   1.00 15.86  ? 83   ILE A CG1   1 
ATOM   640  C  CG2   . ILE A 1 83  ? 3.461   -4.858  3.468   1.00 16.49  ? 83   ILE A CG2   1 
ATOM   641  C  CD1   . ILE A 1 83  ? 0.905   -6.256  4.780   1.00 14.54  ? 83   ILE A CD1   1 
ATOM   642  N  N     . VAL A 1 84  ? 3.489   -2.545  0.733   1.00 13.49  ? 84   VAL A N     1 
ATOM   643  C  CA    . VAL A 1 84  ? 4.178   -2.355  -0.536  1.00 13.00  ? 84   VAL A CA    1 
ATOM   644  C  C     . VAL A 1 84  ? 5.569   -3.000  -0.507  1.00 13.35  ? 84   VAL A C     1 
ATOM   645  O  O     . VAL A 1 84  ? 6.331   -2.832  0.448   1.00 13.37  ? 84   VAL A O     1 
ATOM   646  C  CB    . VAL A 1 84  ? 4.296   -0.845  -0.887  1.00 12.98  ? 84   VAL A CB    1 
ATOM   647  C  CG1   . VAL A 1 84  ? 4.819   -0.662  -2.326  1.00 12.84  ? 84   VAL A CG1   1 
ATOM   648  C  CG2   . VAL A 1 84  ? 2.942   -0.124  -0.705  1.00 11.54  ? 84   VAL A CG2   1 
ATOM   649  N  N     . TYR A 1 85  ? 5.877   -3.755  -1.552  1.00 13.58  ? 85   TYR A N     1 
ATOM   650  C  CA    . TYR A 1 85  ? 7.230   -4.234  -1.780  1.00 14.07  ? 85   TYR A CA    1 
ATOM   651  C  C     . TYR A 1 85  ? 7.662   -3.784  -3.173  1.00 14.64  ? 85   TYR A C     1 
ATOM   652  O  O     . TYR A 1 85  ? 6.851   -3.263  -3.947  1.00 14.76  ? 85   TYR A O     1 
ATOM   653  C  CB    . TYR A 1 85  ? 7.309   -5.764  -1.623  1.00 13.53  ? 85   TYR A CB    1 
ATOM   654  C  CG    . TYR A 1 85  ? 6.634   -6.553  -2.725  1.00 13.46  ? 85   TYR A CG    1 
ATOM   655  C  CD1   . TYR A 1 85  ? 7.369   -7.027  -3.817  1.00 13.48  ? 85   TYR A CD1   1 
ATOM   656  C  CD2   . TYR A 1 85  ? 5.258   -6.819  -2.684  1.00 12.58  ? 85   TYR A CD2   1 
ATOM   657  C  CE1   . TYR A 1 85  ? 6.757   -7.749  -4.835  1.00 13.21  ? 85   TYR A CE1   1 
ATOM   658  C  CE2   . TYR A 1 85  ? 4.643   -7.548  -3.690  1.00 12.63  ? 85   TYR A CE2   1 
ATOM   659  C  CZ    . TYR A 1 85  ? 5.392   -8.006  -4.761  1.00 13.08  ? 85   TYR A CZ    1 
ATOM   660  O  OH    . TYR A 1 85  ? 4.780   -8.717  -5.765  1.00 14.25  ? 85   TYR A OH    1 
ATOM   661  N  N     . ASP A 1 86  ? 8.936   -3.989  -3.477  1.00 15.37  ? 86   ASP A N     1 
ATOM   662  C  CA    . ASP A 1 86  ? 9.537   -3.589  -4.745  1.00 16.13  ? 86   ASP A CA    1 
ATOM   663  C  C     . ASP A 1 86  ? 9.809   -4.859  -5.555  1.00 16.44  ? 86   ASP A C     1 
ATOM   664  O  O     . ASP A 1 86  ? 10.566  -5.722  -5.106  1.00 16.91  ? 86   ASP A O     1 
ATOM   665  C  CB    . ASP A 1 86  ? 10.839  -2.839  -4.425  1.00 16.15  ? 86   ASP A CB    1 
ATOM   666  C  CG    . ASP A 1 86  ? 11.596  -2.363  -5.660  1.00 15.47  ? 86   ASP A CG    1 
ATOM   667  O  OD1   . ASP A 1 86  ? 11.354  -2.843  -6.780  1.00 14.85  ? 86   ASP A OD1   1 
ATOM   668  O  OD2   . ASP A 1 86  ? 12.466  -1.491  -5.486  1.00 16.58  ? 86   ASP A OD2   1 
ATOM   669  N  N     . ILE A 1 87  ? 9.208   -4.984  -6.740  1.00 16.94  ? 87   ILE A N     1 
ATOM   670  C  CA    . ILE A 1 87  ? 9.366   -6.223  -7.541  1.00 17.68  ? 87   ILE A CA    1 
ATOM   671  C  C     . ILE A 1 87  ? 10.817  -6.523  -7.972  1.00 18.20  ? 87   ILE A C     1 
ATOM   672  O  O     . ILE A 1 87  ? 11.133  -7.647  -8.367  1.00 18.66  ? 87   ILE A O     1 
ATOM   673  C  CB    . ILE A 1 87  ? 8.412   -6.302  -8.786  1.00 17.20  ? 87   ILE A CB    1 
ATOM   674  C  CG1   . ILE A 1 87  ? 8.823   -5.308  -9.885  1.00 17.83  ? 87   ILE A CG1   1 
ATOM   675  C  CG2   . ILE A 1 87  ? 6.942   -6.140  -8.373  1.00 16.77  ? 87   ILE A CG2   1 
ATOM   676  C  CD1   . ILE A 1 87  ? 8.506   -5.815  -11.316 1.00 17.25  ? 87   ILE A CD1   1 
ATOM   677  N  N     . THR A 1 88  ? 11.682  -5.516  -7.886  1.00 18.98  ? 88   THR A N     1 
ATOM   678  C  CA    . THR A 1 88  ? 13.086  -5.646  -8.289  1.00 19.68  ? 88   THR A CA    1 
ATOM   679  C  C     . THR A 1 88  ? 14.028  -6.001  -7.125  1.00 21.01  ? 88   THR A C     1 
ATOM   680  O  O     . THR A 1 88  ? 15.242  -6.148  -7.325  1.00 21.23  ? 88   THR A O     1 
ATOM   681  C  CB    . THR A 1 88  ? 13.582  -4.355  -8.987  1.00 19.32  ? 88   THR A CB    1 
ATOM   682  O  OG1   . THR A 1 88  ? 13.709  -3.290  -8.032  1.00 18.76  ? 88   THR A OG1   1 
ATOM   683  C  CG2   . THR A 1 88  ? 12.605  -3.943  -10.077 1.00 17.95  ? 88   THR A CG2   1 
ATOM   684  N  N     . LYS A 1 89  ? 13.468  -6.131  -5.922  1.00 22.20  ? 89   LYS A N     1 
ATOM   685  C  CA    . LYS A 1 89  ? 14.247  -6.437  -4.727  1.00 23.83  ? 89   LYS A CA    1 
ATOM   686  C  C     . LYS A 1 89  ? 13.568  -7.518  -3.882  1.00 25.20  ? 89   LYS A C     1 
ATOM   687  O  O     . LYS A 1 89  ? 12.628  -7.237  -3.121  1.00 24.87  ? 89   LYS A O     1 
ATOM   688  C  CB    . LYS A 1 89  ? 14.489  -5.166  -3.911  1.00 23.62  ? 89   LYS A CB    1 
ATOM   689  N  N     . GLU A 1 90  ? 14.048  -8.754  -4.024  1.00 26.96  ? 90   GLU A N     1 
ATOM   690  C  CA    . GLU A 1 90  ? 13.450  -9.904  -3.334  1.00 29.36  ? 90   GLU A CA    1 
ATOM   691  C  C     . GLU A 1 90  ? 13.385  -9.719  -1.811  1.00 29.48  ? 90   GLU A C     1 
ATOM   692  O  O     . GLU A 1 90  ? 12.444  -10.188 -1.162  1.00 29.82  ? 90   GLU A O     1 
ATOM   693  C  CB    . GLU A 1 90  ? 14.140  -11.225 -3.730  1.00 29.27  ? 90   GLU A CB    1 
ATOM   694  C  CG    . GLU A 1 90  ? 15.653  -11.257 -3.546  1.00 31.19  ? 90   GLU A CG    1 
ATOM   695  C  CD    . GLU A 1 90  ? 16.314  -12.506 -4.132  1.00 31.86  ? 90   GLU A CD    1 
ATOM   696  O  OE1   . GLU A 1 90  ? 15.602  -13.490 -4.454  1.00 34.89  ? 90   GLU A OE1   1 
ATOM   697  O  OE2   . GLU A 1 90  ? 17.559  -12.497 -4.271  1.00 34.44  ? 90   GLU A OE2   1 
ATOM   698  N  N     . GLU A 1 91  ? 14.363  -9.000  -1.264  1.00 30.07  ? 91   GLU A N     1 
ATOM   699  C  CA    . GLU A 1 91  ? 14.429  -8.674  0.167   1.00 30.79  ? 91   GLU A CA    1 
ATOM   700  C  C     . GLU A 1 91  ? 13.157  -8.011  0.707   1.00 31.00  ? 91   GLU A C     1 
ATOM   701  O  O     . GLU A 1 91  ? 12.757  -8.267  1.845   1.00 31.01  ? 91   GLU A O     1 
ATOM   702  C  CB    . GLU A 1 91  ? 15.627  -7.764  0.469   1.00 31.00  ? 91   GLU A CB    1 
ATOM   703  C  CG    . GLU A 1 91  ? 16.890  -8.066  -0.321  1.00 32.38  ? 91   GLU A CG    1 
ATOM   704  C  CD    . GLU A 1 91  ? 16.880  -7.456  -1.714  1.00 32.90  ? 91   GLU A CD    1 
ATOM   705  O  OE1   . GLU A 1 91  ? 16.868  -6.213  -1.826  1.00 33.65  ? 91   GLU A OE1   1 
ATOM   706  O  OE2   . GLU A 1 91  ? 16.897  -8.226  -2.696  1.00 33.44  ? 91   GLU A OE2   1 
ATOM   707  N  N     . THR A 1 92  ? 12.536  -7.154  -0.102  1.00 31.23  ? 92   THR A N     1 
ATOM   708  C  CA    . THR A 1 92  ? 11.313  -6.447  0.306   1.00 31.45  ? 92   THR A CA    1 
ATOM   709  C  C     . THR A 1 92  ? 10.087  -7.363  0.288   1.00 32.11  ? 92   THR A C     1 
ATOM   710  O  O     . THR A 1 92  ? 9.106   -7.098  0.979   1.00 31.98  ? 92   THR A O     1 
ATOM   711  C  CB    . THR A 1 92  ? 11.031  -5.194  -0.565  1.00 31.14  ? 92   THR A CB    1 
ATOM   712  O  OG1   . THR A 1 92  ? 10.808  -5.586  -1.925  1.00 29.90  ? 92   THR A OG1   1 
ATOM   713  C  CG2   . THR A 1 92  ? 12.191  -4.206  -0.496  1.00 30.70  ? 92   THR A CG2   1 
ATOM   714  N  N     . PHE A 1 93  ? 10.152  -8.426  -0.509  1.00 33.30  ? 93   PHE A N     1 
ATOM   715  C  CA    . PHE A 1 93  ? 9.113   -9.452  -0.525  1.00 34.68  ? 93   PHE A CA    1 
ATOM   716  C  C     . PHE A 1 93  ? 9.317   -10.417 0.639   1.00 35.62  ? 93   PHE A C     1 
ATOM   717  O  O     . PHE A 1 93  ? 8.395   -10.648 1.414   1.00 35.94  ? 93   PHE A O     1 
ATOM   718  C  CB    . PHE A 1 93  ? 9.099   -10.211 -1.854  1.00 34.63  ? 93   PHE A CB    1 
ATOM   719  C  CG    . PHE A 1 93  ? 8.065   -11.311 -1.918  1.00 35.52  ? 93   PHE A CG    1 
ATOM   720  C  CD1   . PHE A 1 93  ? 6.703   -11.010 -1.894  1.00 35.73  ? 93   PHE A CD1   1 
ATOM   721  C  CD2   . PHE A 1 93  ? 8.452   -12.647 -2.001  1.00 35.58  ? 93   PHE A CD2   1 
ATOM   722  C  CE1   . PHE A 1 93  ? 5.745   -12.024 -1.948  1.00 35.98  ? 93   PHE A CE1   1 
ATOM   723  C  CE2   . PHE A 1 93  ? 7.502   -13.666 -2.055  1.00 36.20  ? 93   PHE A CE2   1 
ATOM   724  C  CZ    . PHE A 1 93  ? 6.145   -13.352 -2.029  1.00 35.61  ? 93   PHE A CZ    1 
ATOM   725  N  N     . SER A 1 94  ? 10.527  -10.970 0.751   1.00 36.40  ? 94   SER A N     1 
ATOM   726  C  CA    . SER A 1 94  ? 10.920  -11.813 1.893   1.00 37.23  ? 94   SER A CA    1 
ATOM   727  C  C     . SER A 1 94  ? 10.431  -11.205 3.201   1.00 37.36  ? 94   SER A C     1 
ATOM   728  O  O     . SER A 1 94  ? 9.942   -11.914 4.086   1.00 38.14  ? 94   SER A O     1 
ATOM   729  C  CB    . SER A 1 94  ? 12.443  -11.962 1.940   1.00 37.00  ? 94   SER A CB    1 
ATOM   730  O  OG    . SER A 1 94  ? 12.943  -12.461 0.711   1.00 38.56  ? 94   SER A OG    1 
ATOM   731  N  N     . THR A 1 95  ? 10.553  -9.884  3.287   1.00 37.50  ? 95   THR A N     1 
ATOM   732  C  CA    . THR A 1 95  ? 10.168  -9.090  4.449   1.00 37.42  ? 95   THR A CA    1 
ATOM   733  C  C     . THR A 1 95  ? 8.659   -8.916  4.592   1.00 36.99  ? 95   THR A C     1 
ATOM   734  O  O     . THR A 1 95  ? 8.176   -8.530  5.659   1.00 37.04  ? 95   THR A O     1 
ATOM   735  C  CB    . THR A 1 95  ? 10.859  -7.702  4.381   1.00 37.53  ? 95   THR A CB    1 
ATOM   736  O  OG1   . THR A 1 95  ? 12.271  -7.877  4.552   1.00 38.96  ? 95   THR A OG1   1 
ATOM   737  C  CG2   . THR A 1 95  ? 10.343  -6.740  5.448   1.00 37.68  ? 95   THR A CG2   1 
ATOM   738  N  N     . LEU A 1 96  ? 7.919   -9.193  3.517   1.00 36.52  ? 96   LEU A N     1 
ATOM   739  C  CA    . LEU A 1 96  ? 6.468   -9.000  3.490   1.00 35.63  ? 96   LEU A CA    1 
ATOM   740  C  C     . LEU A 1 96  ? 5.764   -9.721  4.632   1.00 35.01  ? 96   LEU A C     1 
ATOM   741  O  O     . LEU A 1 96  ? 4.875   -9.146  5.276   1.00 34.58  ? 96   LEU A O     1 
ATOM   742  C  CB    . LEU A 1 96  ? 5.890   -9.460  2.142   1.00 35.94  ? 96   LEU A CB    1 
ATOM   743  C  CG    . LEU A 1 96  ? 4.528   -8.956  1.667   1.00 35.51  ? 96   LEU A CG    1 
ATOM   744  C  CD1   . LEU A 1 96  ? 4.542   -7.456  1.421   1.00 35.49  ? 96   LEU A CD1   1 
ATOM   745  C  CD2   . LEU A 1 96  ? 4.152   -9.696  0.401   1.00 35.58  ? 96   LEU A CD2   1 
ATOM   746  N  N     . LYS A 1 97  ? 6.167   -10.972 4.874   1.00 34.21  ? 97   LYS A N     1 
ATOM   747  C  CA    . LYS A 1 97  ? 5.615   -11.772 5.966   1.00 33.87  ? 97   LYS A CA    1 
ATOM   748  C  C     . LYS A 1 97  ? 5.761   -11.092 7.322   1.00 33.06  ? 97   LYS A C     1 
ATOM   749  O  O     . LYS A 1 97  ? 4.896   -11.248 8.177   1.00 32.82  ? 97   LYS A O     1 
ATOM   750  C  CB    . LYS A 1 97  ? 6.206   -13.196 5.999   1.00 33.87  ? 97   LYS A CB    1 
ATOM   751  C  CG    . LYS A 1 97  ? 7.717   -13.311 6.232   1.00 34.27  ? 97   LYS A CG    1 
ATOM   752  C  CD    . LYS A 1 97  ? 8.166   -14.768 6.132   1.00 34.52  ? 97   LYS A CD    1 
ATOM   753  C  CE    . LYS A 1 97  ? 9.642   -14.926 6.450   1.00 36.16  ? 97   LYS A CE    1 
ATOM   754  N  NZ    . LYS A 1 97  ? 10.167  -16.261 6.047   1.00 35.65  ? 97   LYS A NZ    1 
ATOM   755  N  N     . ASN A 1 98  ? 6.843   -10.331 7.504   1.00 32.10  ? 98   ASN A N     1 
ATOM   756  C  CA    . ASN A 1 98  ? 7.075   -9.615  8.762   1.00 31.53  ? 98   ASN A CA    1 
ATOM   757  C  C     . ASN A 1 98  ? 6.040   -8.513  8.978   1.00 30.58  ? 98   ASN A C     1 
ATOM   758  O  O     . ASN A 1 98  ? 5.500   -8.369  10.072  1.00 30.24  ? 98   ASN A O     1 
ATOM   759  C  CB    . ASN A 1 98  ? 8.505   -9.059  8.842   1.00 31.67  ? 98   ASN A CB    1 
ATOM   760  C  CG    . ASN A 1 98  ? 9.578   -10.139 8.662   1.00 33.28  ? 98   ASN A CG    1 
ATOM   761  O  OD1   . ASN A 1 98  ? 9.301   -11.342 8.736   1.00 34.18  ? 98   ASN A OD1   1 
ATOM   762  N  ND2   . ASN A 1 98  ? 10.814  -9.703  8.413   1.00 33.97  ? 98   ASN A ND2   1 
ATOM   763  N  N     . TRP A 1 99  ? 5.759   -7.748  7.923   1.00 29.91  ? 99   TRP A N     1 
ATOM   764  C  CA    . TRP A 1 99  ? 4.706   -6.736  7.952   1.00 29.14  ? 99   TRP A CA    1 
ATOM   765  C  C     . TRP A 1 99  ? 3.329   -7.357  8.209   1.00 28.82  ? 99   TRP A C     1 
ATOM   766  O  O     . TRP A 1 99  ? 2.545   -6.837  9.009   1.00 28.18  ? 99   TRP A O     1 
ATOM   767  C  CB    . TRP A 1 99  ? 4.681   -5.951  6.636   1.00 29.35  ? 99   TRP A CB    1 
ATOM   768  C  CG    . TRP A 1 99  ? 5.884   -5.091  6.415   1.00 29.37  ? 99   TRP A CG    1 
ATOM   769  C  CD1   . TRP A 1 99  ? 6.928   -5.340  5.565   1.00 29.46  ? 99   TRP A CD1   1 
ATOM   770  C  CD2   . TRP A 1 99  ? 6.169   -3.843  7.048   1.00 29.15  ? 99   TRP A CD2   1 
ATOM   771  N  NE1   . TRP A 1 99  ? 7.849   -4.324  5.639   1.00 29.94  ? 99   TRP A NE1   1 
ATOM   772  C  CE2   . TRP A 1 99  ? 7.408   -3.391  6.540   1.00 29.41  ? 99   TRP A CE2   1 
ATOM   773  C  CE3   . TRP A 1 99  ? 5.505   -3.066  8.003   1.00 29.24  ? 99   TRP A CE3   1 
ATOM   774  C  CZ2   . TRP A 1 99  ? 7.992   -2.194  6.949   1.00 29.61  ? 99   TRP A CZ2   1 
ATOM   775  C  CZ3   . TRP A 1 99  ? 6.087   -1.875  8.412   1.00 29.38  ? 99   TRP A CZ3   1 
ATOM   776  C  CH2   . TRP A 1 99  ? 7.316   -1.453  7.887   1.00 29.79  ? 99   TRP A CH2   1 
ATOM   777  N  N     . VAL A 1 100 ? 3.036   -8.459  7.517   1.00 28.48  ? 100  VAL A N     1 
ATOM   778  C  CA    . VAL A 1 100 ? 1.775   -9.178  7.716   1.00 28.55  ? 100  VAL A CA    1 
ATOM   779  C  C     . VAL A 1 100 ? 1.675   -9.691  9.153   1.00 29.11  ? 100  VAL A C     1 
ATOM   780  O  O     . VAL A 1 100 ? 0.632   -9.537  9.803   1.00 28.65  ? 100  VAL A O     1 
ATOM   781  C  CB    . VAL A 1 100 ? 1.615   -10.348 6.707   1.00 28.76  ? 100  VAL A CB    1 
ATOM   782  C  CG1   . VAL A 1 100 ? 0.396   -11.215 7.044   1.00 27.66  ? 100  VAL A CG1   1 
ATOM   783  C  CG2   . VAL A 1 100 ? 1.503   -9.811  5.285   1.00 27.40  ? 100  VAL A CG2   1 
ATOM   784  N  N     . ARG A 1 101 ? 2.770   -10.282 9.640   1.00 29.71  ? 101  ARG A N     1 
ATOM   785  C  CA    . ARG A 1 101 ? 2.854   -10.773 11.019  1.00 30.64  ? 101  ARG A CA    1 
ATOM   786  C  C     . ARG A 1 101 ? 2.524   -9.652  11.998  1.00 30.71  ? 101  ARG A C     1 
ATOM   787  O  O     . ARG A 1 101 ? 1.668   -9.815  12.863  1.00 30.44  ? 101  ARG A O     1 
ATOM   788  C  CB    . ARG A 1 101 ? 4.241   -11.358 11.303  1.00 30.63  ? 101  ARG A CB    1 
ATOM   789  C  CG    . ARG A 1 101 ? 4.452   -11.909 12.720  1.00 32.54  ? 101  ARG A CG    1 
ATOM   790  C  CD    . ARG A 1 101 ? 5.942   -12.081 13.005  1.00 35.69  ? 101  ARG A CD    1 
ATOM   791  N  NE    . ARG A 1 101 ? 6.684   -10.865 12.668  1.00 39.09  ? 101  ARG A NE    1 
ATOM   792  C  CZ    . ARG A 1 101 ? 8.007   -10.770 12.572  1.00 41.29  ? 101  ARG A CZ    1 
ATOM   793  N  NH1   . ARG A 1 101 ? 8.786   -11.826 12.788  1.00 42.89  ? 101  ARG A NH1   1 
ATOM   794  N  NH2   . ARG A 1 101 ? 8.555   -9.604  12.253  1.00 42.78  ? 101  ARG A NH2   1 
ATOM   795  N  N     . GLU A 1 102 ? 3.183   -8.506  11.830  1.00 31.06  ? 102  GLU A N     1 
ATOM   796  C  CA    . GLU A 1 102 ? 2.987   -7.358  12.713  1.00 31.93  ? 102  GLU A CA    1 
ATOM   797  C  C     . GLU A 1 102 ? 1.546   -6.843  12.727  1.00 31.87  ? 102  GLU A C     1 
ATOM   798  O  O     . GLU A 1 102 ? 1.052   -6.390  13.756  1.00 31.75  ? 102  GLU A O     1 
ATOM   799  C  CB    . GLU A 1 102 ? 3.966   -6.237  12.341  1.00 32.23  ? 102  GLU A CB    1 
ATOM   800  C  CG    . GLU A 1 102 ? 5.229   -6.134  13.229  1.00 34.29  ? 102  GLU A CG    1 
ATOM   801  C  CD    . GLU A 1 102 ? 5.895   -7.469  13.578  1.00 36.46  ? 102  GLU A CD    1 
ATOM   802  O  OE1   . GLU A 1 102 ? 5.671   -8.486  12.885  1.00 37.57  ? 102  GLU A OE1   1 
ATOM   803  O  OE2   . GLU A 1 102 ? 6.670   -7.496  14.558  1.00 37.93  ? 102  GLU A OE2   1 
ATOM   804  N  N     . LEU A 1 103 ? 0.884   -6.927  11.576  1.00 32.13  ? 103  LEU A N     1 
ATOM   805  C  CA    . LEU A 1 103 ? -0.483  -6.448  11.404  1.00 32.21  ? 103  LEU A CA    1 
ATOM   806  C  C     . LEU A 1 103 ? -1.477  -7.457  11.982  1.00 32.65  ? 103  LEU A C     1 
ATOM   807  O  O     . LEU A 1 103 ? -2.531  -7.085  12.506  1.00 32.48  ? 103  LEU A O     1 
ATOM   808  C  CB    . LEU A 1 103 ? -0.736  -6.218  9.910   1.00 32.38  ? 103  LEU A CB    1 
ATOM   809  C  CG    . LEU A 1 103 ? -1.738  -5.181  9.399   1.00 32.28  ? 103  LEU A CG    1 
ATOM   810  C  CD1   . LEU A 1 103 ? -1.535  -3.797  10.014  1.00 31.30  ? 103  LEU A CD1   1 
ATOM   811  C  CD2   . LEU A 1 103 ? -1.635  -5.124  7.876   1.00 32.07  ? 103  LEU A CD2   1 
ATOM   812  N  N     . ARG A 1 104 ? -1.126  -8.736  11.855  1.00 32.85  ? 104  ARG A N     1 
ATOM   813  C  CA    . ARG A 1 104 ? -1.802  -9.842  12.524  1.00 33.44  ? 104  ARG A CA    1 
ATOM   814  C  C     . ARG A 1 104 ? -1.723  -9.691  14.054  1.00 33.13  ? 104  ARG A C     1 
ATOM   815  O  O     . ARG A 1 104 ? -2.744  -9.772  14.744  1.00 33.21  ? 104  ARG A O     1 
ATOM   816  C  CB    . ARG A 1 104 ? -1.166  -11.165 12.058  1.00 33.36  ? 104  ARG A CB    1 
ATOM   817  C  CG    . ARG A 1 104 ? -1.590  -12.439 12.795  1.00 34.54  ? 104  ARG A CG    1 
ATOM   818  C  CD    . ARG A 1 104 ? -1.050  -13.676 12.069  1.00 34.38  ? 104  ARG A CD    1 
ATOM   819  N  NE    . ARG A 1 104 ? 0.344   -13.971 12.404  1.00 36.17  ? 104  ARG A NE    1 
ATOM   820  C  CZ    . ARG A 1 104 ? 1.283   -14.303 11.517  1.00 37.14  ? 104  ARG A CZ    1 
ATOM   821  N  NH1   . ARG A 1 104 ? 1.000   -14.358 10.219  1.00 36.55  ? 104  ARG A NH1   1 
ATOM   822  N  NH2   . ARG A 1 104 ? 2.521   -14.557 11.926  1.00 38.05  ? 104  ARG A NH2   1 
ATOM   823  N  N     . GLN A 1 105 ? -0.516  -9.449  14.567  1.00 32.55  ? 105  GLN A N     1 
ATOM   824  C  CA    . GLN A 1 105 ? -0.269  -9.428  16.017  1.00 32.16  ? 105  GLN A CA    1 
ATOM   825  C  C     . GLN A 1 105 ? -0.737  -8.168  16.741  1.00 31.86  ? 105  GLN A C     1 
ATOM   826  O  O     . GLN A 1 105 ? -1.050  -8.220  17.932  1.00 31.80  ? 105  GLN A O     1 
ATOM   827  C  CB    . GLN A 1 105 ? 1.220   -9.640  16.317  1.00 32.18  ? 105  GLN A CB    1 
ATOM   828  C  CG    . GLN A 1 105 ? 1.749   -11.005 15.932  1.00 32.09  ? 105  GLN A CG    1 
ATOM   829  C  CD    . GLN A 1 105 ? 3.177   -11.228 16.379  1.00 32.17  ? 105  GLN A CD    1 
ATOM   830  O  OE1   . GLN A 1 105 ? 3.828   -10.324 16.907  1.00 33.24  ? 105  GLN A OE1   1 
ATOM   831  N  NE2   . GLN A 1 105 ? 3.671   -12.439 16.177  1.00 31.33  ? 105  GLN A NE2   1 
ATOM   832  N  N     . HIS A 1 106 ? -0.759  -7.037  16.042  1.00 31.76  ? 106  HIS A N     1 
ATOM   833  C  CA    . HIS A 1 106 ? -0.999  -5.749  16.701  1.00 31.76  ? 106  HIS A CA    1 
ATOM   834  C  C     . HIS A 1 106 ? -2.040  -4.853  16.023  1.00 31.52  ? 106  HIS A C     1 
ATOM   835  O  O     . HIS A 1 106 ? -2.435  -3.827  16.588  1.00 31.22  ? 106  HIS A O     1 
ATOM   836  C  CB    . HIS A 1 106 ? 0.316   -4.976  16.867  1.00 31.99  ? 106  HIS A CB    1 
ATOM   837  C  CG    . HIS A 1 106 ? 1.405   -5.761  17.535  1.00 32.68  ? 106  HIS A CG    1 
ATOM   838  N  ND1   . HIS A 1 106 ? 2.492   -6.260  16.847  1.00 33.89  ? 106  HIS A ND1   1 
ATOM   839  C  CD2   . HIS A 1 106 ? 1.575   -6.131  18.826  1.00 33.50  ? 106  HIS A CD2   1 
ATOM   840  C  CE1   . HIS A 1 106 ? 3.283   -6.907  17.686  1.00 33.68  ? 106  HIS A CE1   1 
ATOM   841  N  NE2   . HIS A 1 106 ? 2.752   -6.841  18.895  1.00 34.03  ? 106  HIS A NE2   1 
ATOM   842  N  N     . GLY A 1 107 ? -2.467  -5.227  14.818  1.00 30.88  ? 107  GLY A N     1 
ATOM   843  C  CA    . GLY A 1 107 ? -3.423  -4.416  14.058  1.00 30.60  ? 107  GLY A CA    1 
ATOM   844  C  C     . GLY A 1 107 ? -4.881  -4.744  14.350  1.00 30.42  ? 107  GLY A C     1 
ATOM   845  O  O     . GLY A 1 107 ? -5.164  -5.671  15.111  1.00 30.69  ? 107  GLY A O     1 
ATOM   846  N  N     . PRO A 1 108 ? -5.819  -3.991  13.742  1.00 30.18  ? 108  PRO A N     1 
ATOM   847  C  CA    . PRO A 1 108 ? -7.252  -4.226  13.933  1.00 30.02  ? 108  PRO A CA    1 
ATOM   848  C  C     . PRO A 1 108 ? -7.663  -5.633  13.481  1.00 30.06  ? 108  PRO A C     1 
ATOM   849  O  O     . PRO A 1 108 ? -7.074  -6.165  12.527  1.00 29.67  ? 108  PRO A O     1 
ATOM   850  C  CB    . PRO A 1 108 ? -7.908  -3.172  13.031  1.00 30.14  ? 108  PRO A CB    1 
ATOM   851  C  CG    . PRO A 1 108 ? -6.868  -2.118  12.830  1.00 29.69  ? 108  PRO A CG    1 
ATOM   852  C  CD    . PRO A 1 108 ? -5.568  -2.864  12.822  1.00 30.32  ? 108  PRO A CD    1 
ATOM   853  N  N     . PRO A 1 109 ? -8.674  -6.232  14.148  1.00 29.63  ? 109  PRO A N     1 
ATOM   854  C  CA    . PRO A 1 109 ? -9.055  -7.619  13.860  1.00 29.45  ? 109  PRO A CA    1 
ATOM   855  C  C     . PRO A 1 109 ? -9.560  -7.840  12.428  1.00 29.11  ? 109  PRO A C     1 
ATOM   856  O  O     . PRO A 1 109 ? -9.259  -8.873  11.831  1.00 29.55  ? 109  PRO A O     1 
ATOM   857  C  CB    . PRO A 1 109 ? -10.183 -7.902  14.871  1.00 29.60  ? 109  PRO A CB    1 
ATOM   858  C  CG    . PRO A 1 109 ? -10.080 -6.840  15.895  1.00 29.54  ? 109  PRO A CG    1 
ATOM   859  C  CD    . PRO A 1 109 ? -9.526  -5.639  15.196  1.00 29.88  ? 109  PRO A CD    1 
ATOM   860  N  N     . SER A 1 110 ? -10.302 -6.881  11.884  1.00 28.42  ? 110  SER A N     1 
ATOM   861  C  CA    . SER A 1 110 ? -10.937 -7.058  10.577  1.00 28.14  ? 110  SER A CA    1 
ATOM   862  C  C     . SER A 1 110 ? -10.435 -6.090  9.490   1.00 27.16  ? 110  SER A C     1 
ATOM   863  O  O     . SER A 1 110 ? -11.208 -5.650  8.629   1.00 27.06  ? 110  SER A O     1 
ATOM   864  C  CB    . SER A 1 110 ? -12.462 -6.961  10.704  1.00 28.34  ? 110  SER A CB    1 
ATOM   865  O  OG    . SER A 1 110 ? -12.890 -5.604  10.716  1.00 30.95  ? 110  SER A OG    1 
ATOM   866  N  N     . ILE A 1 111 ? -9.144  -5.778  9.519   1.00 25.58  ? 111  ILE A N     1 
ATOM   867  C  CA    . ILE A 1 111 ? -8.569  -4.879  8.512   1.00 24.24  ? 111  ILE A CA    1 
ATOM   868  C  C     . ILE A 1 111 ? -8.539  -5.534  7.122   1.00 23.08  ? 111  ILE A C     1 
ATOM   869  O  O     . ILE A 1 111 ? -8.271  -6.726  7.005   1.00 23.21  ? 111  ILE A O     1 
ATOM   870  C  CB    . ILE A 1 111 ? -7.153  -4.403  8.921   1.00 23.99  ? 111  ILE A CB    1 
ATOM   871  C  CG1   . ILE A 1 111 ? -6.666  -3.278  7.991   1.00 23.65  ? 111  ILE A CG1   1 
ATOM   872  C  CG2   . ILE A 1 111 ? -6.166  -5.578  8.962   1.00 24.60  ? 111  ILE A CG2   1 
ATOM   873  C  CD1   . ILE A 1 111 ? -5.655  -2.354  8.612   1.00 22.79  ? 111  ILE A CD1   1 
ATOM   874  N  N     . VAL A 1 112 ? -8.821  -4.758  6.081   1.00 21.78  ? 112  VAL A N     1 
ATOM   875  C  CA    . VAL A 1 112 ? -8.623  -5.234  4.707   1.00 20.50  ? 112  VAL A CA    1 
ATOM   876  C  C     . VAL A 1 112 ? -7.132  -5.129  4.382   1.00 19.72  ? 112  VAL A C     1 
ATOM   877  O  O     . VAL A 1 112 ? -6.545  -4.053  4.484   1.00 19.61  ? 112  VAL A O     1 
ATOM   878  C  CB    . VAL A 1 112 ? -9.473  -4.434  3.679   1.00 20.51  ? 112  VAL A CB    1 
ATOM   879  C  CG1   . VAL A 1 112 ? -9.093  -4.792  2.235   1.00 19.55  ? 112  VAL A CG1   1 
ATOM   880  C  CG2   . VAL A 1 112 ? -10.953 -4.665  3.899   1.00 20.39  ? 112  VAL A CG2   1 
ATOM   881  N  N     . VAL A 1 113 ? -6.518  -6.250  4.012   1.00 18.77  ? 113  VAL A N     1 
ATOM   882  C  CA    . VAL A 1 113 ? -5.101  -6.264  3.681   1.00 18.07  ? 113  VAL A CA    1 
ATOM   883  C  C     . VAL A 1 113 ? -4.915  -6.252  2.163   1.00 17.49  ? 113  VAL A C     1 
ATOM   884  O  O     . VAL A 1 113 ? -5.536  -7.035  1.444   1.00 16.79  ? 113  VAL A O     1 
ATOM   885  C  CB    . VAL A 1 113 ? -4.365  -7.470  4.317   1.00 18.10  ? 113  VAL A CB    1 
ATOM   886  C  CG1   . VAL A 1 113 ? -2.875  -7.489  3.919   1.00 18.08  ? 113  VAL A CG1   1 
ATOM   887  C  CG2   . VAL A 1 113 ? -4.517  -7.455  5.850   1.00 19.43  ? 113  VAL A CG2   1 
ATOM   888  N  N     . ALA A 1 114 ? -4.058  -5.351  1.691   1.00 16.40  ? 114  ALA A N     1 
ATOM   889  C  CA    . ALA A 1 114 ? -3.704  -5.287  0.280   1.00 15.96  ? 114  ALA A CA    1 
ATOM   890  C  C     . ALA A 1 114 ? -2.190  -5.329  0.113   1.00 15.74  ? 114  ALA A C     1 
ATOM   891  O  O     . ALA A 1 114 ? -1.455  -4.674  0.854   1.00 15.95  ? 114  ALA A O     1 
ATOM   892  C  CB    . ALA A 1 114 ? -4.277  -4.022  -0.354  1.00 16.04  ? 114  ALA A CB    1 
ATOM   893  N  N     . ILE A 1 115 ? -1.733  -6.114  -0.853  1.00 15.05  ? 115  ILE A N     1 
ATOM   894  C  CA    . ILE A 1 115 ? -0.312  -6.227  -1.148  1.00 14.97  ? 115  ILE A CA    1 
ATOM   895  C  C     . ILE A 1 115 ? -0.070  -5.646  -2.534  1.00 14.61  ? 115  ILE A C     1 
ATOM   896  O  O     . ILE A 1 115 ? -0.699  -6.057  -3.518  1.00 14.09  ? 115  ILE A O     1 
ATOM   897  C  CB    . ILE A 1 115 ? 0.171   -7.692  -1.073  1.00 15.38  ? 115  ILE A CB    1 
ATOM   898  C  CG1   . ILE A 1 115 ? 0.237   -8.149  0.397   1.00 16.85  ? 115  ILE A CG1   1 
ATOM   899  C  CG2   . ILE A 1 115 ? 1.529   -7.872  -1.773  1.00 14.94  ? 115  ILE A CG2   1 
ATOM   900  C  CD1   . ILE A 1 115 ? 0.303   -9.641  0.564   1.00 18.72  ? 115  ILE A CD1   1 
ATOM   901  N  N     . ALA A 1 116 ? 0.837   -4.677  -2.590  1.00 13.78  ? 116  ALA A N     1 
ATOM   902  C  CA    . ALA A 1 116 ? 1.200   -4.031  -3.840  1.00 13.64  ? 116  ALA A CA    1 
ATOM   903  C  C     . ALA A 1 116 ? 2.656   -4.324  -4.201  1.00 13.34  ? 116  ALA A C     1 
ATOM   904  O  O     . ALA A 1 116 ? 3.573   -3.928  -3.478  1.00 12.52  ? 116  ALA A O     1 
ATOM   905  C  CB    . ALA A 1 116 ? 0.964   -2.530  -3.745  1.00 13.59  ? 116  ALA A CB    1 
ATOM   906  N  N     . GLY A 1 117 ? 2.849   -5.022  -5.319  1.00 13.14  ? 117  GLY A N     1 
ATOM   907  C  CA    . GLY A 1 117 ? 4.180   -5.231  -5.898  1.00 12.73  ? 117  GLY A CA    1 
ATOM   908  C  C     . GLY A 1 117 ? 4.526   -4.067  -6.808  1.00 12.96  ? 117  GLY A C     1 
ATOM   909  O  O     . GLY A 1 117 ? 4.153   -4.051  -7.983  1.00 12.80  ? 117  GLY A O     1 
ATOM   910  N  N     . ASN A 1 118 ? 5.232   -3.087  -6.258  1.00 12.57  ? 118  ASN A N     1 
ATOM   911  C  CA    . ASN A 1 118 ? 5.442   -1.814  -6.953  1.00 12.36  ? 118  ASN A CA    1 
ATOM   912  C  C     . ASN A 1 118 ? 6.697   -1.791  -7.854  1.00 12.63  ? 118  ASN A C     1 
ATOM   913  O  O     . ASN A 1 118 ? 7.565   -2.665  -7.765  1.00 12.71  ? 118  ASN A O     1 
ATOM   914  C  CB    . ASN A 1 118 ? 5.429   -0.655  -5.938  1.00 12.02  ? 118  ASN A CB    1 
ATOM   915  C  CG    . ASN A 1 118 ? 5.338   0.722   -6.603  1.00 11.58  ? 118  ASN A CG    1 
ATOM   916  O  OD1   . ASN A 1 118 ? 4.453   0.980   -7.409  1.00 11.89  ? 118  ASN A OD1   1 
ATOM   917  N  ND2   . ASN A 1 118 ? 6.260   1.606   -6.253  1.00 10.80  ? 118  ASN A ND2   1 
ATOM   918  N  N     . LYS A 1 119 ? 6.764   -0.776  -8.713  1.00 12.80  ? 119  LYS A N     1 
ATOM   919  C  CA    . LYS A 1 119 ? 7.780   -0.629  -9.765  1.00 13.25  ? 119  LYS A CA    1 
ATOM   920  C  C     . LYS A 1 119 ? 7.669   -1.728  -10.816 1.00 12.99  ? 119  LYS A C     1 
ATOM   921  O  O     . LYS A 1 119 ? 8.678   -2.200  -11.340 1.00 13.07  ? 119  LYS A O     1 
ATOM   922  C  CB    . LYS A 1 119 ? 9.210   -0.535  -9.196  1.00 12.82  ? 119  LYS A CB    1 
ATOM   923  C  CG    . LYS A 1 119 ? 9.358   0.421   -8.020  1.00 14.11  ? 119  LYS A CG    1 
ATOM   924  C  CD    . LYS A 1 119 ? 10.806  0.709   -7.698  1.00 13.87  ? 119  LYS A CD    1 
ATOM   925  C  CE    . LYS A 1 119 ? 10.888  1.453   -6.379  1.00 14.44  ? 119  LYS A CE    1 
ATOM   926  N  NZ    . LYS A 1 119 ? 12.278  1.637   -5.903  1.00 15.68  ? 119  LYS A NZ    1 
ATOM   927  N  N     . CYS A 1 120 ? 6.436   -2.116  -11.148 1.00 13.15  ? 120  CYS A N     1 
ATOM   928  C  CA    . CYS A 1 120 ? 6.224   -3.209  -12.100 1.00 13.72  ? 120  CYS A CA    1 
ATOM   929  C  C     . CYS A 1 120 ? 6.640   -2.828  -13.532 1.00 13.86  ? 120  CYS A C     1 
ATOM   930  O  O     . CYS A 1 120 ? 6.720   -3.683  -14.412 1.00 14.44  ? 120  CYS A O     1 
ATOM   931  C  CB    . CYS A 1 120 ? 4.782   -3.750  -12.034 1.00 13.47  ? 120  CYS A CB    1 
ATOM   932  S  SG    . CYS A 1 120 ? 3.514   -2.678  -12.729 1.00 14.10  ? 120  CYS A SG    1 
ATOM   933  N  N     . ASP A 1 121 ? 6.903   -1.545  -13.750 1.00 14.02  ? 121  ASP A N     1 
ATOM   934  C  CA    . ASP A 1 121 ? 7.457   -1.064  -15.023 1.00 14.89  ? 121  ASP A CA    1 
ATOM   935  C  C     . ASP A 1 121 ? 8.918   -1.507  -15.234 1.00 15.40  ? 121  ASP A C     1 
ATOM   936  O  O     . ASP A 1 121 ? 9.436   -1.487  -16.359 1.00 15.63  ? 121  ASP A O     1 
ATOM   937  C  CB    . ASP A 1 121 ? 7.331   0.467   -15.124 1.00 14.53  ? 121  ASP A CB    1 
ATOM   938  C  CG    . ASP A 1 121 ? 8.034   1.199   -13.980 1.00 14.09  ? 121  ASP A CG    1 
ATOM   939  O  OD1   . ASP A 1 121 ? 7.480   1.252   -12.853 1.00 14.10  ? 121  ASP A OD1   1 
ATOM   940  O  OD2   . ASP A 1 121 ? 9.135   1.738   -14.211 1.00 13.08  ? 121  ASP A OD2   1 
ATOM   941  N  N     . LEU A 1 122 ? 9.574   -1.920  -14.159 1.00 16.06  ? 122  LEU A N     1 
ATOM   942  C  CA    . LEU A 1 122 ? 10.983  -2.319  -14.225 1.00 17.07  ? 122  LEU A CA    1 
ATOM   943  C  C     . LEU A 1 122 ? 11.152  -3.830  -14.425 1.00 18.44  ? 122  LEU A C     1 
ATOM   944  O  O     . LEU A 1 122 ? 11.831  -4.518  -13.651 1.00 17.75  ? 122  LEU A O     1 
ATOM   945  C  CB    . LEU A 1 122 ? 11.733  -1.812  -12.989 1.00 17.00  ? 122  LEU A CB    1 
ATOM   946  C  CG    . LEU A 1 122 ? 11.680  -0.306  -12.712 1.00 15.32  ? 122  LEU A CG    1 
ATOM   947  C  CD1   . LEU A 1 122 ? 12.386  0.016   -11.401 1.00 15.63  ? 122  LEU A CD1   1 
ATOM   948  C  CD2   . LEU A 1 122 ? 12.270  0.499   -13.857 1.00 15.28  ? 122  LEU A CD2   1 
ATOM   949  N  N     . THR A 1 123 ? 10.540  -4.329  -15.498 1.00 20.36  ? 123  THR A N     1 
ATOM   950  C  CA    . THR A 1 123 ? 10.471  -5.766  -15.769 1.00 22.57  ? 123  THR A CA    1 
ATOM   951  C  C     . THR A 1 123 ? 11.828  -6.433  -16.029 1.00 23.30  ? 123  THR A C     1 
ATOM   952  O  O     . THR A 1 123 ? 12.032  -7.584  -15.640 1.00 24.45  ? 123  THR A O     1 
ATOM   953  C  CB    . THR A 1 123 ? 9.526   -6.061  -16.943 1.00 22.56  ? 123  THR A CB    1 
ATOM   954  O  OG1   . THR A 1 123 ? 9.968   -5.337  -18.098 1.00 23.84  ? 123  THR A OG1   1 
ATOM   955  C  CG2   . THR A 1 123 ? 8.105   -5.642  -16.600 1.00 23.27  ? 123  THR A CG2   1 
ATOM   956  N  N     . ASP A 1 124 ? 12.751  -5.721  -16.673 1.00 24.43  ? 124  ASP A N     1 
ATOM   957  C  CA    . ASP A 1 124 ? 14.070  -6.292  -16.994 1.00 25.12  ? 124  ASP A CA    1 
ATOM   958  C  C     . ASP A 1 124 ? 14.847  -6.723  -15.745 1.00 25.25  ? 124  ASP A C     1 
ATOM   959  O  O     . ASP A 1 124 ? 15.599  -7.712  -15.778 1.00 25.44  ? 124  ASP A O     1 
ATOM   960  C  CB    . ASP A 1 124 ? 14.905  -5.309  -17.823 1.00 25.92  ? 124  ASP A CB    1 
ATOM   961  C  CG    . ASP A 1 124 ? 14.371  -5.127  -19.241 1.00 27.38  ? 124  ASP A CG    1 
ATOM   962  O  OD1   . ASP A 1 124 ? 13.536  -5.939  -19.697 1.00 29.82  ? 124  ASP A OD1   1 
ATOM   963  O  OD2   . ASP A 1 124 ? 14.795  -4.163  -19.908 1.00 29.18  ? 124  ASP A OD2   1 
ATOM   964  N  N     . VAL A 1 125 ? 14.645  -5.993  -14.645 1.00 24.68  ? 125  VAL A N     1 
ATOM   965  C  CA    . VAL A 1 125 ? 15.352  -6.258  -13.390 1.00 24.10  ? 125  VAL A CA    1 
ATOM   966  C  C     . VAL A 1 125 ? 14.453  -6.852  -12.293 1.00 23.74  ? 125  VAL A C     1 
ATOM   967  O  O     . VAL A 1 125 ? 14.765  -6.752  -11.107 1.00 23.12  ? 125  VAL A O     1 
ATOM   968  C  CB    . VAL A 1 125 ? 16.132  -5.009  -12.868 1.00 24.09  ? 125  VAL A CB    1 
ATOM   969  C  CG1   . VAL A 1 125 ? 17.341  -4.725  -13.754 1.00 24.12  ? 125  VAL A CG1   1 
ATOM   970  C  CG2   . VAL A 1 125 ? 15.224  -3.778  -12.782 1.00 23.80  ? 125  VAL A CG2   1 
ATOM   971  N  N     . ARG A 1 126 ? 13.350  -7.478  -12.706 1.00 23.65  ? 126  ARG A N     1 
ATOM   972  C  CA    . ARG A 1 126 ? 12.442  -8.172  -11.790 1.00 23.53  ? 126  ARG A CA    1 
ATOM   973  C  C     . ARG A 1 126 ? 13.158  -9.274  -10.990 1.00 23.97  ? 126  ARG A C     1 
ATOM   974  O  O     . ARG A 1 126 ? 13.942  -10.056 -11.542 1.00 23.81  ? 126  ARG A O     1 
ATOM   975  C  CB    . ARG A 1 126 ? 11.276  -8.780  -12.573 1.00 23.66  ? 126  ARG A CB    1 
ATOM   976  C  CG    . ARG A 1 126 ? 10.391  -9.715  -11.757 1.00 23.25  ? 126  ARG A CG    1 
ATOM   977  C  CD    . ARG A 1 126 ? 9.386   -10.454 -12.630 1.00 22.70  ? 126  ARG A CD    1 
ATOM   978  N  NE    . ARG A 1 126 ? 8.399   -9.551  -13.224 1.00 21.89  ? 126  ARG A NE    1 
ATOM   979  C  CZ    . ARG A 1 126 ? 7.296   -9.137  -12.606 1.00 20.13  ? 126  ARG A CZ    1 
ATOM   980  N  NH1   . ARG A 1 126 ? 7.030   -9.537  -11.365 1.00 19.37  ? 126  ARG A NH1   1 
ATOM   981  N  NH2   . ARG A 1 126 ? 6.458   -8.322  -13.231 1.00 17.83  ? 126  ARG A NH2   1 
ATOM   982  N  N     . GLU A 1 127 ? 12.884  -9.321  -9.692  1.00 24.20  ? 127  GLU A N     1 
ATOM   983  C  CA    . GLU A 1 127 ? 13.407  -10.376 -8.834  1.00 24.52  ? 127  GLU A CA    1 
ATOM   984  C  C     . GLU A 1 127 ? 12.297  -11.234 -8.224  1.00 24.62  ? 127  GLU A C     1 
ATOM   985  O  O     . GLU A 1 127 ? 12.486  -12.441 -8.019  1.00 24.59  ? 127  GLU A O     1 
ATOM   986  C  CB    . GLU A 1 127 ? 14.290  -9.782  -7.746  1.00 24.83  ? 127  GLU A CB    1 
ATOM   987  C  CG    . GLU A 1 127 ? 15.601  -9.221  -8.278  1.00 25.48  ? 127  GLU A CG    1 
ATOM   988  C  CD    . GLU A 1 127 ? 16.578  -8.899  -7.175  1.00 27.11  ? 127  GLU A CD    1 
ATOM   989  O  OE1   . GLU A 1 127 ? 16.312  -9.278  -6.017  1.00 27.99  ? 127  GLU A OE1   1 
ATOM   990  O  OE2   . GLU A 1 127 ? 17.607  -8.252  -7.461  1.00 27.67  ? 127  GLU A OE2   1 
ATOM   991  N  N     . VAL A 1 128 ? 11.148  -10.609 -7.950  1.00 24.24  ? 128  VAL A N     1 
ATOM   992  C  CA    . VAL A 1 128 ? 9.959   -11.308 -7.425  1.00 23.58  ? 128  VAL A CA    1 
ATOM   993  C  C     . VAL A 1 128 ? 9.007   -11.677 -8.568  1.00 23.43  ? 128  VAL A C     1 
ATOM   994  O  O     . VAL A 1 128 ? 8.433   -10.792 -9.220  1.00 22.82  ? 128  VAL A O     1 
ATOM   995  C  CB    . VAL A 1 128 ? 9.163   -10.436 -6.407  1.00 23.81  ? 128  VAL A CB    1 
ATOM   996  C  CG1   . VAL A 1 128 ? 8.037   -11.243 -5.764  1.00 23.49  ? 128  VAL A CG1   1 
ATOM   997  C  CG2   . VAL A 1 128 ? 10.081  -9.837  -5.338  1.00 23.60  ? 128  VAL A CG2   1 
ATOM   998  N  N     . MET A 1 129 ? 8.826   -12.979 -8.800  1.00 22.41  ? 129  MET A N     1 
ATOM   999  C  CA    . MET A 1 129 ? 7.878   -13.441 -9.812  1.00 22.13  ? 129  MET A CA    1 
ATOM   1000 C  C     . MET A 1 129 ? 6.452   -13.112 -9.371  1.00 21.05  ? 129  MET A C     1 
ATOM   1001 O  O     . MET A 1 129 ? 6.100   -13.306 -8.203  1.00 19.73  ? 129  MET A O     1 
ATOM   1002 C  CB    . MET A 1 129 ? 8.019   -14.948 -10.075 1.00 22.57  ? 129  MET A CB    1 
ATOM   1003 C  CG    . MET A 1 129 ? 9.397   -15.391 -10.593 1.00 24.70  ? 129  MET A CG    1 
ATOM   1004 S  SD    . MET A 1 129 ? 9.949   -14.591 -12.124 1.00 30.69  ? 129  MET A SD    1 
ATOM   1005 C  CE    . MET A 1 129 ? 8.704   -15.139 -13.283 1.00 29.61  ? 129  MET A CE    1 
ATOM   1006 N  N     . GLU A 1 130 ? 5.645   -12.601 -10.302 1.00 20.54  ? 130  GLU A N     1 
ATOM   1007 C  CA    . GLU A 1 130 ? 4.261   -12.232 -9.987  1.00 20.53  ? 130  GLU A CA    1 
ATOM   1008 C  C     . GLU A 1 130 ? 3.509   -13.399 -9.368  1.00 20.62  ? 130  GLU A C     1 
ATOM   1009 O  O     . GLU A 1 130 ? 2.851   -13.236 -8.344  1.00 19.78  ? 130  GLU A O     1 
ATOM   1010 C  CB    . GLU A 1 130 ? 3.509   -11.727 -11.223 1.00 20.64  ? 130  GLU A CB    1 
ATOM   1011 C  CG    . GLU A 1 130 ? 2.128   -11.160 -10.896 1.00 20.70  ? 130  GLU A CG    1 
ATOM   1012 C  CD    . GLU A 1 130 ? 1.435   -10.511 -12.083 1.00 21.06  ? 130  GLU A CD    1 
ATOM   1013 O  OE1   . GLU A 1 130 ? 2.064   -10.355 -13.154 1.00 21.44  ? 130  GLU A OE1   1 
ATOM   1014 O  OE2   . GLU A 1 130 ? 0.252   -10.142 -11.932 1.00 22.26  ? 130  GLU A OE2   1 
ATOM   1015 N  N     . ARG A 1 131 ? 3.640   -14.573 -9.988  1.00 21.16  ? 131  ARG A N     1 
ATOM   1016 C  CA    . ARG A 1 131 ? 2.945   -15.778 -9.550  1.00 22.03  ? 131  ARG A CA    1 
ATOM   1017 C  C     . ARG A 1 131 ? 3.239   -16.113 -8.092  1.00 21.00  ? 131  ARG A C     1 
ATOM   1018 O  O     . ARG A 1 131 ? 2.343   -16.519 -7.367  1.00 21.05  ? 131  ARG A O     1 
ATOM   1019 C  CB    . ARG A 1 131 ? 3.257   -16.971 -10.475 1.00 22.10  ? 131  ARG A CB    1 
ATOM   1020 C  CG    . ARG A 1 131 ? 4.723   -17.423 -10.476 1.00 24.26  ? 131  ARG A CG    1 
ATOM   1021 C  CD    . ARG A 1 131 ? 5.048   -18.356 -11.649 1.00 25.25  ? 131  ARG A CD    1 
ATOM   1022 N  NE    . ARG A 1 131 ? 6.428   -18.832 -11.564 1.00 31.72  ? 131  ARG A NE    1 
ATOM   1023 C  CZ    . ARG A 1 131 ? 7.042   -19.566 -12.491 1.00 34.51  ? 131  ARG A CZ    1 
ATOM   1024 N  NH1   . ARG A 1 131 ? 6.409   -19.922 -13.602 1.00 36.54  ? 131  ARG A NH1   1 
ATOM   1025 N  NH2   . ARG A 1 131 ? 8.302   -19.945 -12.303 1.00 36.72  ? 131  ARG A NH2   1 
ATOM   1026 N  N     . ASP A 1 132 ? 4.487   -15.911 -7.664  1.00 20.19  ? 132  ASP A N     1 
ATOM   1027 C  CA    . ASP A 1 132 ? 4.886   -16.233 -6.297  1.00 19.49  ? 132  ASP A CA    1 
ATOM   1028 C  C     . ASP A 1 132 ? 4.266   -15.286 -5.275  1.00 18.33  ? 132  ASP A C     1 
ATOM   1029 O  O     . ASP A 1 132 ? 3.800   -15.721 -4.221  1.00 17.47  ? 132  ASP A O     1 
ATOM   1030 C  CB    . ASP A 1 132 ? 6.408   -16.258 -6.171  1.00 19.95  ? 132  ASP A CB    1 
ATOM   1031 C  CG    . ASP A 1 132 ? 7.024   -17.466 -6.860  1.00 21.35  ? 132  ASP A CG    1 
ATOM   1032 O  OD1   . ASP A 1 132 ? 6.397   -18.544 -6.837  1.00 24.12  ? 132  ASP A OD1   1 
ATOM   1033 O  OD2   . ASP A 1 132 ? 8.135   -17.338 -7.421  1.00 22.75  ? 132  ASP A OD2   1 
ATOM   1034 N  N     . ALA A 1 133 ? 4.248   -13.996 -5.607  1.00 17.03  ? 133  ALA A N     1 
ATOM   1035 C  CA    . ALA A 1 133 ? 3.639   -12.985 -4.746  1.00 15.87  ? 133  ALA A CA    1 
ATOM   1036 C  C     . ALA A 1 133 ? 2.109   -13.099 -4.749  1.00 15.25  ? 133  ALA A C     1 
ATOM   1037 O  O     . ALA A 1 133 ? 1.472   -12.935 -3.701  1.00 14.81  ? 133  ALA A O     1 
ATOM   1038 C  CB    . ALA A 1 133 ? 4.081   -11.601 -5.174  1.00 15.80  ? 133  ALA A CB    1 
ATOM   1039 N  N     . LYS A 1 134 ? 1.533   -13.381 -5.921  1.00 14.54  ? 134  LYS A N     1 
ATOM   1040 C  CA    . LYS A 1 134 ? 0.088   -13.644 -6.031  1.00 14.83  ? 134  LYS A CA    1 
ATOM   1041 C  C     . LYS A 1 134 ? -0.305  -14.850 -5.175  1.00 15.12  ? 134  LYS A C     1 
ATOM   1042 O  O     . LYS A 1 134 ? -1.275  -14.778 -4.409  1.00 14.78  ? 134  LYS A O     1 
ATOM   1043 C  CB    . LYS A 1 134 ? -0.339  -13.845 -7.497  1.00 14.36  ? 134  LYS A CB    1 
ATOM   1044 C  CG    . LYS A 1 134 ? -1.842  -14.138 -7.721  1.00 14.11  ? 134  LYS A CG    1 
ATOM   1045 C  CD    . LYS A 1 134 ? -2.779  -13.121 -7.018  1.00 14.21  ? 134  LYS A CD    1 
ATOM   1046 C  CE    . LYS A 1 134 ? -4.205  -13.175 -7.554  1.00 14.72  ? 134  LYS A CE    1 
ATOM   1047 N  NZ    . LYS A 1 134 ? -4.851  -14.529 -7.538  1.00 16.13  ? 134  LYS A NZ    1 
ATOM   1048 N  N     . ASP A 1 135 ? 0.456   -15.940 -5.302  1.00 15.46  ? 135  ASP A N     1 
ATOM   1049 C  CA    . ASP A 1 135 ? 0.241   -17.143 -4.474  1.00 16.75  ? 135  ASP A CA    1 
ATOM   1050 C  C     . ASP A 1 135 ? 0.242   -16.811 -2.986  1.00 16.33  ? 135  ASP A C     1 
ATOM   1051 O  O     . ASP A 1 135 ? -0.626  -17.269 -2.242  1.00 16.06  ? 135  ASP A O     1 
ATOM   1052 C  CB    . ASP A 1 135 ? 1.286   -18.231 -4.778  1.00 17.29  ? 135  ASP A CB    1 
ATOM   1053 C  CG    . ASP A 1 135 ? 1.052   -18.918 -6.119  1.00 19.89  ? 135  ASP A CG    1 
ATOM   1054 O  OD1   . ASP A 1 135 ? -0.007  -18.686 -6.745  1.00 22.86  ? 135  ASP A OD1   1 
ATOM   1055 O  OD2   . ASP A 1 135 ? 1.936   -19.688 -6.555  1.00 21.96  ? 135  ASP A OD2   1 
ATOM   1056 N  N     . TYR A 1 136 ? 1.199   -15.993 -2.560  1.00 16.59  ? 136  TYR A N     1 
ATOM   1057 C  CA    . TYR A 1 136 ? 1.274   -15.595 -1.161  1.00 16.41  ? 136  TYR A CA    1 
ATOM   1058 C  C     . TYR A 1 136 ? 0.089   -14.742 -0.707  1.00 15.93  ? 136  TYR A C     1 
ATOM   1059 O  O     . TYR A 1 136 ? -0.516  -15.021 0.325   1.00 15.49  ? 136  TYR A O     1 
ATOM   1060 C  CB    . TYR A 1 136 ? 2.602   -14.895 -0.826  1.00 17.11  ? 136  TYR A CB    1 
ATOM   1061 C  CG    . TYR A 1 136 ? 2.595   -14.366 0.588   1.00 17.87  ? 136  TYR A CG    1 
ATOM   1062 C  CD1   . TYR A 1 136 ? 2.719   -15.234 1.679   1.00 18.31  ? 136  TYR A CD1   1 
ATOM   1063 C  CD2   . TYR A 1 136 ? 2.413   -13.007 0.843   1.00 18.74  ? 136  TYR A CD2   1 
ATOM   1064 C  CE1   . TYR A 1 136 ? 2.693   -14.748 2.987   1.00 19.23  ? 136  TYR A CE1   1 
ATOM   1065 C  CE2   . TYR A 1 136 ? 2.373   -12.516 2.137   1.00 18.55  ? 136  TYR A CE2   1 
ATOM   1066 C  CZ    . TYR A 1 136 ? 2.520   -13.388 3.207   1.00 19.29  ? 136  TYR A CZ    1 
ATOM   1067 O  OH    . TYR A 1 136 ? 2.491   -12.887 4.489   1.00 18.58  ? 136  TYR A OH    1 
ATOM   1068 N  N     . ALA A 1 137 ? -0.232  -13.699 -1.475  1.00 15.38  ? 137  ALA A N     1 
ATOM   1069 C  CA    . ALA A 1 137 ? -1.390  -12.857 -1.182  1.00 15.03  ? 137  ALA A CA    1 
ATOM   1070 C  C     . ALA A 1 137 ? -2.665  -13.698 -1.076  1.00 14.58  ? 137  ALA A C     1 
ATOM   1071 O  O     . ALA A 1 137 ? -3.460  -13.505 -0.161  1.00 14.17  ? 137  ALA A O     1 
ATOM   1072 C  CB    . ALA A 1 137 ? -1.551  -11.772 -2.246  1.00 14.69  ? 137  ALA A CB    1 
ATOM   1073 N  N     . ASP A 1 138 ? -2.843  -14.639 -2.006  1.00 14.82  ? 138  ASP A N     1 
ATOM   1074 C  CA    . ASP A 1 138 ? -4.003  -15.546 -1.982  1.00 15.21  ? 138  ASP A CA    1 
ATOM   1075 C  C     . ASP A 1 138 ? -4.079  -16.392 -0.717  1.00 15.39  ? 138  ASP A C     1 
ATOM   1076 O  O     . ASP A 1 138 ? -5.171  -16.639 -0.190  1.00 15.52  ? 138  ASP A O     1 
ATOM   1077 C  CB    . ASP A 1 138 ? -3.985  -16.468 -3.191  1.00 15.14  ? 138  ASP A CB    1 
ATOM   1078 C  CG    . ASP A 1 138 ? -4.359  -15.755 -4.483  1.00 15.34  ? 138  ASP A CG    1 
ATOM   1079 O  OD1   . ASP A 1 138 ? -4.911  -14.628 -4.448  1.00 14.63  ? 138  ASP A OD1   1 
ATOM   1080 O  OD2   . ASP A 1 138 ? -4.084  -16.338 -5.541  1.00 14.89  ? 138  ASP A OD2   1 
ATOM   1081 N  N     . SER A 1 139 ? -2.914  -16.833 -0.243  1.00 15.93  ? 139  SER A N     1 
ATOM   1082 C  CA    . SER A 1 139 ? -2.825  -17.739 0.903   1.00 16.37  ? 139  SER A CA    1 
ATOM   1083 C  C     . SER A 1 139 ? -3.285  -17.041 2.177   1.00 16.49  ? 139  SER A C     1 
ATOM   1084 O  O     . SER A 1 139 ? -3.751  -17.693 3.107   1.00 16.67  ? 139  SER A O     1 
ATOM   1085 C  CB    . SER A 1 139 ? -1.405  -18.312 1.053   1.00 16.12  ? 139  SER A CB    1 
ATOM   1086 O  OG    . SER A 1 139 ? -0.496  -17.354 1.582   1.00 16.20  ? 139  SER A OG    1 
ATOM   1087 N  N     . ILE A 1 140 ? -3.178  -15.712 2.202   1.00 16.72  ? 140  ILE A N     1 
ATOM   1088 C  CA    . ILE A 1 140 ? -3.628  -14.914 3.345   1.00 16.86  ? 140  ILE A CA    1 
ATOM   1089 C  C     . ILE A 1 140 ? -4.899  -14.107 3.054   1.00 16.91  ? 140  ILE A C     1 
ATOM   1090 O  O     . ILE A 1 140 ? -5.293  -13.251 3.850   1.00 17.40  ? 140  ILE A O     1 
ATOM   1091 C  CB    . ILE A 1 140 ? -2.499  -13.980 3.902   1.00 17.00  ? 140  ILE A CB    1 
ATOM   1092 C  CG1   . ILE A 1 140 ? -2.013  -12.991 2.824   1.00 16.95  ? 140  ILE A CG1   1 
ATOM   1093 C  CG2   . ILE A 1 140 ? -1.353  -14.815 4.487   1.00 17.30  ? 140  ILE A CG2   1 
ATOM   1094 C  CD1   . ILE A 1 140 ? -1.086  -11.882 3.346   1.00 16.91  ? 140  ILE A CD1   1 
ATOM   1095 N  N     . HIS A 1 141 ? -5.544  -14.400 1.924   1.00 16.70  ? 141  HIS A N     1 
ATOM   1096 C  CA    . HIS A 1 141 ? -6.764  -13.709 1.475   1.00 16.67  ? 141  HIS A CA    1 
ATOM   1097 C  C     . HIS A 1 141 ? -6.616  -12.191 1.391   1.00 15.67  ? 141  HIS A C     1 
ATOM   1098 O  O     . HIS A 1 141 ? -7.514  -11.429 1.770   1.00 15.42  ? 141  HIS A O     1 
ATOM   1099 C  CB    . HIS A 1 141 ? -7.963  -14.105 2.337   1.00 17.69  ? 141  HIS A CB    1 
ATOM   1100 C  CG    . HIS A 1 141 ? -8.130  -15.582 2.461   1.00 20.17  ? 141  HIS A CG    1 
ATOM   1101 N  ND1   . HIS A 1 141 ? -8.803  -16.331 1.524   1.00 23.09  ? 141  HIS A ND1   1 
ATOM   1102 C  CD2   . HIS A 1 141 ? -7.662  -16.457 3.382   1.00 23.46  ? 141  HIS A CD2   1 
ATOM   1103 C  CE1   . HIS A 1 141 ? -8.768  -17.604 1.877   1.00 23.88  ? 141  HIS A CE1   1 
ATOM   1104 N  NE2   . HIS A 1 141 ? -8.081  -17.707 2.999   1.00 24.92  ? 141  HIS A NE2   1 
ATOM   1105 N  N     . ALA A 1 142 ? -5.470  -11.757 0.880   1.00 14.79  ? 142  ALA A N     1 
ATOM   1106 C  CA    . ALA A 1 142 ? -5.222  -10.335 0.701   1.00 13.90  ? 142  ALA A CA    1 
ATOM   1107 C  C     . ALA A 1 142 ? -5.480  -9.928  -0.751  1.00 13.21  ? 142  ALA A C     1 
ATOM   1108 O  O     . ALA A 1 142 ? -5.352  -10.740 -1.670  1.00 13.18  ? 142  ALA A O     1 
ATOM   1109 C  CB    . ALA A 1 142 ? -3.786  -9.990  1.120   1.00 13.97  ? 142  ALA A CB    1 
ATOM   1110 N  N     . ILE A 1 143 ? -5.861  -8.672  -0.940  1.00 12.85  ? 143  ILE A N     1 
ATOM   1111 C  CA    . ILE A 1 143 ? -5.814  -8.029  -2.245  1.00 12.54  ? 143  ILE A CA    1 
ATOM   1112 C  C     . ILE A 1 143 ? -4.381  -8.094  -2.784  1.00 12.72  ? 143  ILE A C     1 
ATOM   1113 O  O     . ILE A 1 143 ? -3.417  -7.991  -2.010  1.00 12.57  ? 143  ILE A O     1 
ATOM   1114 C  CB    . ILE A 1 143 ? -6.303  -6.540  -2.146  1.00 12.93  ? 143  ILE A CB    1 
ATOM   1115 C  CG1   . ILE A 1 143 ? -7.817  -6.497  -1.904  1.00 12.50  ? 143  ILE A CG1   1 
ATOM   1116 C  CG2   . ILE A 1 143 ? -5.906  -5.710  -3.402  1.00 11.36  ? 143  ILE A CG2   1 
ATOM   1117 C  CD1   . ILE A 1 143 ? -8.347  -5.179  -1.338  1.00 12.01  ? 143  ILE A CD1   1 
ATOM   1118 N  N     . PHE A 1 144 ? -4.250  -8.274  -4.098  1.00 12.41  ? 144  PHE A N     1 
ATOM   1119 C  CA    . PHE A 1 144 ? -2.955  -8.201  -4.757  1.00 13.08  ? 144  PHE A CA    1 
ATOM   1120 C  C     . PHE A 1 144 ? -3.010  -7.462  -6.085  1.00 13.31  ? 144  PHE A C     1 
ATOM   1121 O  O     . PHE A 1 144 ? -3.887  -7.724  -6.910  1.00 13.64  ? 144  PHE A O     1 
ATOM   1122 C  CB    . PHE A 1 144 ? -2.371  -9.602  -5.006  1.00 13.44  ? 144  PHE A CB    1 
ATOM   1123 C  CG    . PHE A 1 144 ? -1.045  -9.577  -5.708  1.00 13.94  ? 144  PHE A CG    1 
ATOM   1124 C  CD1   . PHE A 1 144 ? 0.121   -9.291  -4.999  1.00 14.66  ? 144  PHE A CD1   1 
ATOM   1125 C  CD2   . PHE A 1 144 ? -0.959  -9.803  -7.078  1.00 14.04  ? 144  PHE A CD2   1 
ATOM   1126 C  CE1   . PHE A 1 144 ? 1.344   -9.251  -5.634  1.00 13.79  ? 144  PHE A CE1   1 
ATOM   1127 C  CE2   . PHE A 1 144 ? 0.267   -9.753  -7.730  1.00 14.72  ? 144  PHE A CE2   1 
ATOM   1128 C  CZ    . PHE A 1 144 ? 1.423   -9.475  -7.006  1.00 13.69  ? 144  PHE A CZ    1 
ATOM   1129 N  N     . VAL A 1 145 ? -2.047  -6.562  -6.285  1.00 13.12  ? 145  VAL A N     1 
ATOM   1130 C  CA    . VAL A 1 145 ? -1.786  -5.968  -7.596  1.00 13.74  ? 145  VAL A CA    1 
ATOM   1131 C  C     . VAL A 1 145 ? -0.313  -5.650  -7.761  1.00 13.31  ? 145  VAL A C     1 
ATOM   1132 O  O     . VAL A 1 145 ? 0.348   -5.223  -6.819  1.00 13.13  ? 145  VAL A O     1 
ATOM   1133 C  CB    . VAL A 1 145 ? -2.617  -4.672  -7.879  1.00 13.81  ? 145  VAL A CB    1 
ATOM   1134 C  CG1   . VAL A 1 145 ? -3.966  -5.030  -8.527  1.00 14.76  ? 145  VAL A CG1   1 
ATOM   1135 C  CG2   . VAL A 1 145 ? -2.799  -3.817  -6.616  1.00 14.32  ? 145  VAL A CG2   1 
ATOM   1136 N  N     . GLU A 1 146 ? 0.199   -5.868  -8.963  1.00 13.12  ? 146  GLU A N     1 
ATOM   1137 C  CA    . GLU A 1 146 ? 1.491   -5.296  -9.321  1.00 12.62  ? 146  GLU A CA    1 
ATOM   1138 C  C     . GLU A 1 146 ? 1.198   -3.894  -9.827  1.00 12.19  ? 146  GLU A C     1 
ATOM   1139 O  O     . GLU A 1 146 ? 0.377   -3.713  -10.735 1.00 12.17  ? 146  GLU A O     1 
ATOM   1140 C  CB    . GLU A 1 146 ? 2.219   -6.141  -10.364 1.00 13.06  ? 146  GLU A CB    1 
ATOM   1141 C  CG    . GLU A 1 146 ? 2.873   -7.390  -9.741  1.00 13.40  ? 146  GLU A CG    1 
ATOM   1142 C  CD    . GLU A 1 146 ? 3.994   -7.966  -10.569 1.00 14.88  ? 146  GLU A CD    1 
ATOM   1143 O  OE1   . GLU A 1 146 ? 4.239   -7.484  -11.691 1.00 14.90  ? 146  GLU A OE1   1 
ATOM   1144 O  OE2   . GLU A 1 146 ? 4.647   -8.910  -10.079 1.00 17.91  ? 146  GLU A OE2   1 
ATOM   1145 N  N     . THR A 1 147 ? 1.854   -2.918  -9.206  1.00 11.37  ? 147  THR A N     1 
ATOM   1146 C  CA    . THR A 1 147 ? 1.596   -1.512  -9.449  1.00 10.50  ? 147  THR A CA    1 
ATOM   1147 C  C     . THR A 1 147 ? 2.814   -0.811  -10.034 1.00 10.55  ? 147  THR A C     1 
ATOM   1148 O  O     . THR A 1 147 ? 3.956   -1.297  -9.919  1.00 9.85   ? 147  THR A O     1 
ATOM   1149 C  CB    . THR A 1 147 ? 1.154   -0.758  -8.149  1.00 10.80  ? 147  THR A CB    1 
ATOM   1150 O  OG1   . THR A 1 147 ? 2.203   -0.810  -7.164  1.00 10.38  ? 147  THR A OG1   1 
ATOM   1151 C  CG2   . THR A 1 147 ? -0.125  -1.357  -7.576  1.00 10.34  ? 147  THR A CG2   1 
ATOM   1152 N  N     . SER A 1 148 ? 2.545   0.318   -10.684 1.00 10.09  ? 148  SER A N     1 
ATOM   1153 C  CA    . SER A 1 148 ? 3.582   1.267   -11.063 1.00 10.81  ? 148  SER A CA    1 
ATOM   1154 C  C     . SER A 1 148 ? 3.086   2.692   -10.831 1.00 10.65  ? 148  SER A C     1 
ATOM   1155 O  O     . SER A 1 148 ? 2.196   3.177   -11.547 1.00 10.32  ? 148  SER A O     1 
ATOM   1156 C  CB    . SER A 1 148 ? 3.993   1.078   -12.533 1.00 10.91  ? 148  SER A CB    1 
ATOM   1157 O  OG    . SER A 1 148 ? 4.918   2.089   -12.903 1.00 11.63  ? 148  SER A OG    1 
ATOM   1158 N  N     . ALA A 1 149 ? 3.658   3.360   -9.825  1.00 10.90  ? 149  ALA A N     1 
ATOM   1159 C  CA    . ALA A 1 149 ? 3.406   4.787   -9.605  1.00 11.00  ? 149  ALA A CA    1 
ATOM   1160 C  C     . ALA A 1 149 ? 3.904   5.609   -10.788 1.00 10.84  ? 149  ALA A C     1 
ATOM   1161 O  O     . ALA A 1 149 ? 3.317   6.630   -11.121 1.00 11.09  ? 149  ALA A O     1 
ATOM   1162 C  CB    . ALA A 1 149 ? 4.078   5.267   -8.340  1.00 10.98  ? 149  ALA A CB    1 
ATOM   1163 N  N     . LYS A 1 150 ? 4.987   5.156   -11.413 1.00 10.74  ? 150  LYS A N     1 
ATOM   1164 C  CA    . LYS A 1 150 ? 5.565   5.843   -12.556 1.00 11.32  ? 150  LYS A CA    1 
ATOM   1165 C  C     . LYS A 1 150 ? 4.636   5.862   -13.777 1.00 11.73  ? 150  LYS A C     1 
ATOM   1166 O  O     . LYS A 1 150 ? 4.434   6.916   -14.386 1.00 11.74  ? 150  LYS A O     1 
ATOM   1167 C  CB    . LYS A 1 150 ? 6.911   5.218   -12.918 1.00 11.09  ? 150  LYS A CB    1 
ATOM   1168 C  CG    . LYS A 1 150 ? 7.622   5.882   -14.086 1.00 11.95  ? 150  LYS A CG    1 
ATOM   1169 C  CD    . LYS A 1 150 ? 8.973   5.220   -14.272 1.00 12.56  ? 150  LYS A CD    1 
ATOM   1170 C  CE    . LYS A 1 150 ? 9.832   5.944   -15.261 1.00 15.54  ? 150  LYS A CE    1 
ATOM   1171 N  NZ    . LYS A 1 150 ? 10.932  5.044   -15.635 1.00 18.54  ? 150  LYS A NZ    1 
ATOM   1172 N  N     . ASN A 1 151 ? 4.087   4.695   -14.123 1.00 12.26  ? 151  ASN A N     1 
ATOM   1173 C  CA    . ASN A 1 151 ? 3.249   4.525   -15.327 1.00 12.51  ? 151  ASN A CA    1 
ATOM   1174 C  C     . ASN A 1 151 ? 1.733   4.557   -15.065 1.00 12.56  ? 151  ASN A C     1 
ATOM   1175 O  O     . ASN A 1 151 ? 0.942   4.404   -16.002 1.00 11.65  ? 151  ASN A O     1 
ATOM   1176 C  CB    . ASN A 1 151 ? 3.608   3.208   -16.047 1.00 12.85  ? 151  ASN A CB    1 
ATOM   1177 C  CG    . ASN A 1 151 ? 5.007   3.220   -16.661 1.00 14.10  ? 151  ASN A CG    1 
ATOM   1178 O  OD1   . ASN A 1 151 ? 5.958   3.751   -16.082 1.00 15.38  ? 151  ASN A OD1   1 
ATOM   1179 N  ND2   . ASN A 1 151 ? 5.137   2.610   -17.833 1.00 15.19  ? 151  ASN A ND2   1 
ATOM   1180 N  N     . ALA A 1 152 ? 1.349   4.764   -13.799 1.00 11.97  ? 152  ALA A N     1 
ATOM   1181 C  CA    . ALA A 1 152 ? -0.048  4.699   -13.348 1.00 12.59  ? 152  ALA A CA    1 
ATOM   1182 C  C     . ALA A 1 152 ? -0.678  3.343   -13.688 1.00 12.59  ? 152  ALA A C     1 
ATOM   1183 O  O     . ALA A 1 152 ? -1.755  3.269   -14.296 1.00 13.93  ? 152  ALA A O     1 
ATOM   1184 C  CB    . ALA A 1 152 ? -0.887  5.880   -13.905 1.00 12.35  ? 152  ALA A CB    1 
ATOM   1185 N  N     . ILE A 1 153 ? 0.026   2.275   -13.334 1.00 11.90  ? 153  ILE A N     1 
ATOM   1186 C  CA    . ILE A 1 153 ? -0.492  0.913   -13.515 1.00 11.54  ? 153  ILE A CA    1 
ATOM   1187 C  C     . ILE A 1 153 ? -1.064  0.427   -12.184 1.00 10.95  ? 153  ILE A C     1 
ATOM   1188 O  O     . ILE A 1 153 ? -0.353  0.409   -11.171 1.00 10.44  ? 153  ILE A O     1 
ATOM   1189 C  CB    . ILE A 1 153 ? 0.596   -0.068  -14.033 1.00 11.13  ? 153  ILE A CB    1 
ATOM   1190 C  CG1   . ILE A 1 153 ? 1.063   0.341   -15.435 1.00 11.66  ? 153  ILE A CG1   1 
ATOM   1191 C  CG2   . ILE A 1 153 ? 0.057   -1.521  -14.047 1.00 11.93  ? 153  ILE A CG2   1 
ATOM   1192 C  CD1   . ILE A 1 153 ? 2.369   -0.341  -15.899 1.00 11.72  ? 153  ILE A CD1   1 
ATOM   1193 N  N     . ASN A 1 154 ? -2.352  0.079   -12.201 1.00 10.50  ? 154  ASN A N     1 
ATOM   1194 C  CA    . ASN A 1 154 ? -3.071  -0.498  -11.046 1.00 10.61  ? 154  ASN A CA    1 
ATOM   1195 C  C     . ASN A 1 154 ? -3.132  0.368   -9.775  1.00 11.01  ? 154  ASN A C     1 
ATOM   1196 O  O     . ASN A 1 154 ? -3.429  -0.136  -8.693  1.00 10.87  ? 154  ASN A O     1 
ATOM   1197 C  CB    . ASN A 1 154 ? -2.549  -1.917  -10.729 1.00 10.58  ? 154  ASN A CB    1 
ATOM   1198 C  CG    . ASN A 1 154 ? -3.116  -2.969  -11.675 1.00 11.57  ? 154  ASN A CG    1 
ATOM   1199 O  OD1   . ASN A 1 154 ? -4.212  -2.803  -12.180 1.00 11.65  ? 154  ASN A OD1   1 
ATOM   1200 N  ND2   . ASN A 1 154 ? -2.367  -4.051  -11.918 1.00 10.80  ? 154  ASN A ND2   1 
ATOM   1201 N  N     . ILE A 1 155 ? -2.838  1.661   -9.911  1.00 10.58  ? 155  ILE A N     1 
ATOM   1202 C  CA    . ILE A 1 155 ? -2.929  2.581   -8.782  1.00 11.20  ? 155  ILE A CA    1 
ATOM   1203 C  C     . ILE A 1 155 ? -4.393  2.777   -8.387  1.00 11.26  ? 155  ILE A C     1 
ATOM   1204 O  O     . ILE A 1 155 ? -4.772  2.505   -7.253  1.00 11.39  ? 155  ILE A O     1 
ATOM   1205 C  CB    . ILE A 1 155 ? -2.244  3.938   -9.085  1.00 10.98  ? 155  ILE A CB    1 
ATOM   1206 C  CG1   . ILE A 1 155 ? -0.758  3.742   -9.454  1.00 11.06  ? 155  ILE A CG1   1 
ATOM   1207 C  CG2   . ILE A 1 155 ? -2.412  4.910   -7.910  1.00 11.25  ? 155  ILE A CG2   1 
ATOM   1208 C  CD1   . ILE A 1 155 ? 0.145   3.194   -8.314  1.00 12.78  ? 155  ILE A CD1   1 
ATOM   1209 N  N     . ASN A 1 156 ? -5.226  3.227   -9.323  1.00 10.83  ? 156  ASN A N     1 
ATOM   1210 C  CA    . ASN A 1 156 ? -6.662  3.349   -9.040  1.00 10.94  ? 156  ASN A CA    1 
ATOM   1211 C  C     . ASN A 1 156 ? -7.282  1.998   -8.691  1.00 10.60  ? 156  ASN A C     1 
ATOM   1212 O  O     . ASN A 1 156 ? -8.121  1.894   -7.804  1.00 9.47   ? 156  ASN A O     1 
ATOM   1213 C  CB    . ASN A 1 156 ? -7.383  3.973   -10.231 1.00 11.32  ? 156  ASN A CB    1 
ATOM   1214 C  CG    . ASN A 1 156 ? -7.091  5.455   -10.369 1.00 12.87  ? 156  ASN A CG    1 
ATOM   1215 O  OD1   . ASN A 1 156 ? -6.076  5.955   -9.867  1.00 13.42  ? 156  ASN A OD1   1 
ATOM   1216 N  ND2   . ASN A 1 156 ? -7.991  6.173   -11.029 1.00 16.04  ? 156  ASN A ND2   1 
ATOM   1217 N  N     . GLU A 1 157 ? -6.838  0.970   -9.403  1.00 10.54  ? 157  GLU A N     1 
ATOM   1218 C  CA    . GLU A 1 157 ? -7.319  -0.411  -9.209  1.00 11.42  ? 157  GLU A CA    1 
ATOM   1219 C  C     . GLU A 1 157 ? -7.098  -0.941  -7.782  1.00 10.96  ? 157  GLU A C     1 
ATOM   1220 O  O     . GLU A 1 157 ? -7.962  -1.625  -7.210  1.00 10.91  ? 157  GLU A O     1 
ATOM   1221 C  CB    . GLU A 1 157 ? -6.631  -1.318  -10.234 1.00 11.43  ? 157  GLU A CB    1 
ATOM   1222 C  CG    . GLU A 1 157 ? -7.178  -1.159  -11.676 1.00 13.79  ? 157  GLU A CG    1 
ATOM   1223 C  CD    . GLU A 1 157 ? -6.679  0.080   -12.425 1.00 16.55  ? 157  GLU A CD    1 
ATOM   1224 O  OE1   . GLU A 1 157 ? -5.853  0.857   -11.905 1.00 12.14  ? 157  GLU A OE1   1 
ATOM   1225 O  OE2   . GLU A 1 157 ? -7.128  0.270   -13.574 1.00 19.07  ? 157  GLU A OE2   1 
ATOM   1226 N  N     . LEU A 1 158 ? -5.930  -0.642  -7.216  1.00 11.83  ? 158  LEU A N     1 
ATOM   1227 C  CA    . LEU A 1 158 ? -5.648  -0.959  -5.812  1.00 12.13  ? 158  LEU A CA    1 
ATOM   1228 C  C     . LEU A 1 158 ? -6.725  -0.430  -4.861  1.00 12.16  ? 158  LEU A C     1 
ATOM   1229 O  O     . LEU A 1 158 ? -7.200  -1.157  -3.981  1.00 11.92  ? 158  LEU A O     1 
ATOM   1230 C  CB    . LEU A 1 158 ? -4.263  -0.421  -5.404  1.00 12.21  ? 158  LEU A CB    1 
ATOM   1231 C  CG    . LEU A 1 158 ? -3.833  -0.409  -3.935  1.00 12.37  ? 158  LEU A CG    1 
ATOM   1232 C  CD1   . LEU A 1 158 ? -3.709  -1.824  -3.387  1.00 12.96  ? 158  LEU A CD1   1 
ATOM   1233 C  CD2   . LEU A 1 158 ? -2.514  0.340   -3.770  1.00 11.92  ? 158  LEU A CD2   1 
ATOM   1234 N  N     . PHE A 1 159 ? -7.096  0.840   -5.029  1.00 12.07  ? 159  PHE A N     1 
ATOM   1235 C  CA    . PHE A 1 159 ? -8.079  1.456   -4.140  1.00 11.87  ? 159  PHE A CA    1 
ATOM   1236 C  C     . PHE A 1 159 ? -9.501  1.037   -4.473  1.00 11.87  ? 159  PHE A C     1 
ATOM   1237 O  O     . PHE A 1 159 ? -10.362 1.040   -3.596  1.00 12.15  ? 159  PHE A O     1 
ATOM   1238 C  CB    . PHE A 1 159 ? -7.943  2.982   -4.132  1.00 11.82  ? 159  PHE A CB    1 
ATOM   1239 C  CG    . PHE A 1 159 ? -6.723  3.468   -3.406  1.00 11.50  ? 159  PHE A CG    1 
ATOM   1240 C  CD1   . PHE A 1 159 ? -5.509  3.582   -4.060  1.00 11.91  ? 159  PHE A CD1   1 
ATOM   1241 C  CD2   . PHE A 1 159 ? -6.790  3.795   -2.058  1.00 12.71  ? 159  PHE A CD2   1 
ATOM   1242 C  CE1   . PHE A 1 159 ? -4.376  4.027   -3.385  1.00 12.90  ? 159  PHE A CE1   1 
ATOM   1243 C  CE2   . PHE A 1 159 ? -5.667  4.245   -1.377  1.00 13.40  ? 159  PHE A CE2   1 
ATOM   1244 C  CZ    . PHE A 1 159 ? -4.456  4.354   -2.046  1.00 12.97  ? 159  PHE A CZ    1 
ATOM   1245 N  N     . ILE A 1 160 ? -9.743  0.668   -5.726  1.00 11.98  ? 160  ILE A N     1 
ATOM   1246 C  CA    . ILE A 1 160 ? -11.042 0.096   -6.106  1.00 12.23  ? 160  ILE A CA    1 
ATOM   1247 C  C     . ILE A 1 160 ? -11.265 -1.256  -5.418  1.00 11.96  ? 160  ILE A C     1 
ATOM   1248 O  O     . ILE A 1 160 ? -12.366 -1.532  -4.949  1.00 11.20  ? 160  ILE A O     1 
ATOM   1249 C  CB    . ILE A 1 160 ? -11.206 -0.026  -7.636  1.00 12.64  ? 160  ILE A CB    1 
ATOM   1250 C  CG1   . ILE A 1 160 ? -11.381 1.369   -8.263  1.00 12.19  ? 160  ILE A CG1   1 
ATOM   1251 C  CG2   . ILE A 1 160 ? -12.413 -0.908  -7.995  1.00 12.53  ? 160  ILE A CG2   1 
ATOM   1252 C  CD1   . ILE A 1 160 ? -11.278 1.387   -9.782  1.00 13.02  ? 160  ILE A CD1   1 
ATOM   1253 N  N     . GLU A 1 161 ? -10.229 -2.095  -5.384  1.00 11.89  ? 161  GLU A N     1 
ATOM   1254 C  CA    . GLU A 1 161 ? -10.298 -3.385  -4.684  1.00 12.22  ? 161  GLU A CA    1 
ATOM   1255 C  C     . GLU A 1 161 ? -10.592 -3.170  -3.197  1.00 12.58  ? 161  GLU A C     1 
ATOM   1256 O  O     . GLU A 1 161 ? -11.404 -3.883  -2.607  1.00 13.29  ? 161  GLU A O     1 
ATOM   1257 C  CB    . GLU A 1 161 ? -8.995  -4.167  -4.869  1.00 11.94  ? 161  GLU A CB    1 
ATOM   1258 C  CG    . GLU A 1 161 ? -8.836  -4.822  -6.255  1.00 11.69  ? 161  GLU A CG    1 
ATOM   1259 C  CD    . GLU A 1 161 ? -9.677  -6.079  -6.405  1.00 11.29  ? 161  GLU A CD    1 
ATOM   1260 O  OE1   . GLU A 1 161 ? -10.863 -5.965  -6.791  1.00 11.07  ? 161  GLU A OE1   1 
ATOM   1261 O  OE2   . GLU A 1 161 ? -9.145  -7.180  -6.130  1.00 10.92  ? 161  GLU A OE2   1 
ATOM   1262 N  N     . ILE A 1 162 ? -9.941  -2.177  -2.596  1.00 12.12  ? 162  ILE A N     1 
ATOM   1263 C  CA    . ILE A 1 162 ? -10.232 -1.799  -1.209  1.00 12.48  ? 162  ILE A CA    1 
ATOM   1264 C  C     . ILE A 1 162 ? -11.705 -1.376  -1.047  1.00 12.08  ? 162  ILE A C     1 
ATOM   1265 O  O     . ILE A 1 162 ? -12.392 -1.843  -0.131  1.00 12.64  ? 162  ILE A O     1 
ATOM   1266 C  CB    . ILE A 1 162 ? -9.270  -0.686  -0.695  1.00 12.17  ? 162  ILE A CB    1 
ATOM   1267 C  CG1   . ILE A 1 162 ? -7.830  -1.229  -0.649  1.00 12.11  ? 162  ILE A CG1   1 
ATOM   1268 C  CG2   . ILE A 1 162 ? -9.740  -0.176  0.680   1.00 12.43  ? 162  ILE A CG2   1 
ATOM   1269 C  CD1   . ILE A 1 162 ? -6.746  -0.200  -0.311  1.00 12.05  ? 162  ILE A CD1   1 
ATOM   1270 N  N     . SER A 1 163 ? -12.191 -0.534  -1.956  1.00 12.24  ? 163  SER A N     1 
ATOM   1271 C  CA    . SER A 1 163 ? -13.602 -0.100  -1.934  1.00 12.67  ? 163  SER A CA    1 
ATOM   1272 C  C     . SER A 1 163 ? -14.571 -1.286  -1.968  1.00 13.19  ? 163  SER A C     1 
ATOM   1273 O  O     . SER A 1 163 ? -15.615 -1.273  -1.301  1.00 13.60  ? 163  SER A O     1 
ATOM   1274 C  CB    . SER A 1 163 ? -13.911 0.848   -3.094  1.00 12.55  ? 163  SER A CB    1 
ATOM   1275 O  OG    . SER A 1 163 ? -13.375 2.141   -2.854  1.00 11.98  ? 163  SER A OG    1 
ATOM   1276 N  N     . ARG A 1 164 ? -14.226 -2.294  -2.761  1.00 12.89  ? 164  ARG A N     1 
ATOM   1277 C  CA    . ARG A 1 164 ? -15.054 -3.492  -2.895  1.00 13.00  ? 164  ARG A CA    1 
ATOM   1278 C  C     . ARG A 1 164 ? -15.085 -4.344  -1.639  1.00 13.37  ? 164  ARG A C     1 
ATOM   1279 O  O     . ARG A 1 164 ? -16.113 -4.946  -1.336  1.00 13.81  ? 164  ARG A O     1 
ATOM   1280 C  CB    . ARG A 1 164 ? -14.583 -4.337  -4.076  1.00 12.76  ? 164  ARG A CB    1 
ATOM   1281 C  CG    . ARG A 1 164 ? -14.801 -3.669  -5.428  1.00 11.28  ? 164  ARG A CG    1 
ATOM   1282 C  CD    . ARG A 1 164 ? -13.998 -4.386  -6.501  1.00 12.47  ? 164  ARG A CD    1 
ATOM   1283 N  NE    . ARG A 1 164 ? -14.320 -3.888  -7.835  1.00 12.98  ? 164  ARG A NE    1 
ATOM   1284 C  CZ    . ARG A 1 164 ? -13.593 -4.117  -8.924  1.00 13.15  ? 164  ARG A CZ    1 
ATOM   1285 N  NH1   . ARG A 1 164 ? -12.484 -4.837  -8.849  1.00 13.57  ? 164  ARG A NH1   1 
ATOM   1286 N  NH2   . ARG A 1 164 ? -13.987 -3.621  -10.095 1.00 13.27  ? 164  ARG A NH2   1 
ATOM   1287 N  N     . ARG A 1 165 ? -13.973 -4.389  -0.909  1.00 13.77  ? 165  ARG A N     1 
ATOM   1288 C  CA    . ARG A 1 165 ? -13.836 -5.343  0.184   1.00 15.10  ? 165  ARG A CA    1 
ATOM   1289 C  C     . ARG A 1 165 ? -14.048 -4.786  1.594   1.00 16.27  ? 165  ARG A C     1 
ATOM   1290 O  O     . ARG A 1 165 ? -14.159 -5.559  2.550   1.00 16.39  ? 165  ARG A O     1 
ATOM   1291 C  CB    . ARG A 1 165 ? -12.509 -6.098  0.082   1.00 14.66  ? 165  ARG A CB    1 
ATOM   1292 C  CG    . ARG A 1 165 ? -12.360 -6.824  -1.250  1.00 14.40  ? 165  ARG A CG    1 
ATOM   1293 C  CD    . ARG A 1 165 ? -11.238 -7.831  -1.234  1.00 13.70  ? 165  ARG A CD    1 
ATOM   1294 N  NE    . ARG A 1 165 ? -10.826 -8.175  -2.600  1.00 13.49  ? 165  ARG A NE    1 
ATOM   1295 C  CZ    . ARG A 1 165 ? -9.956  -9.134  -2.908  1.00 14.38  ? 165  ARG A CZ    1 
ATOM   1296 N  NH1   . ARG A 1 165 ? -9.398  -9.868  -1.951  1.00 13.89  ? 165  ARG A NH1   1 
ATOM   1297 N  NH2   . ARG A 1 165 ? -9.642  -9.357  -4.181  1.00 14.72  ? 165  ARG A NH2   1 
ATOM   1298 N  N     . ILE A 1 166 ? -14.109 -3.466  1.730   1.00 17.69  ? 166  ILE A N     1 
ATOM   1299 C  CA    . ILE A 1 166 ? -14.480 -2.872  3.029   1.00 19.47  ? 166  ILE A CA    1 
ATOM   1300 C  C     . ILE A 1 166 ? -15.942 -3.251  3.357   1.00 20.92  ? 166  ILE A C     1 
ATOM   1301 O  O     . ILE A 1 166 ? -16.745 -3.434  2.441   1.00 21.39  ? 166  ILE A O     1 
ATOM   1302 C  CB    . ILE A 1 166 ? -14.215 -1.339  3.077   1.00 19.58  ? 166  ILE A CB    1 
ATOM   1303 C  CG1   . ILE A 1 166 ? -14.887 -0.612  1.911   1.00 19.51  ? 166  ILE A CG1   1 
ATOM   1304 C  CG2   . ILE A 1 166 ? -12.716 -1.052  3.081   1.00 18.46  ? 166  ILE A CG2   1 
ATOM   1305 C  CD1   . ILE A 1 166 ? -16.072 0.203   2.317   1.00 21.58  ? 166  ILE A CD1   1 
ATOM   1306 N  N     . PRO A 1 167 ? -16.276 -3.434  4.651   1.00 22.44  ? 167  PRO A N     1 
ATOM   1307 C  CA    . PRO A 1 167 ? -17.631 -3.871  5.017   1.00 23.13  ? 167  PRO A CA    1 
ATOM   1308 C  C     . PRO A 1 167 ? -18.748 -3.060  4.356   1.00 24.01  ? 167  PRO A C     1 
ATOM   1309 O  O     . PRO A 1 167 ? -18.663 -1.830  4.310   1.00 25.16  ? 167  PRO A O     1 
ATOM   1310 C  CB    . PRO A 1 167 ? -17.662 -3.663  6.528   1.00 23.46  ? 167  PRO A CB    1 
ATOM   1311 C  CG    . PRO A 1 167 ? -16.249 -3.897  6.953   1.00 23.20  ? 167  PRO A CG    1 
ATOM   1312 C  CD    . PRO A 1 167 ? -15.418 -3.279  5.844   1.00 22.39  ? 167  PRO A CD    1 
HETATM 1313 MG MG    . MG  B 2 .   ? 7.904   7.878   1.324   1.00 13.34  ? 850  MG  A MG    1 
HETATM 1314 P  PG    . GNP C 3 .   ? 10.261  5.988   2.258   1.00 16.15  ? 900  GNP A PG    1 
HETATM 1315 O  O1G   . GNP C 3 .   ? 11.685  6.202   2.684   1.00 16.88  ? 900  GNP A O1G   1 
HETATM 1316 O  O2G   . GNP C 3 .   ? 9.427   7.225   2.314   1.00 16.65  ? 900  GNP A O2G   1 
HETATM 1317 O  O3G   . GNP C 3 .   ? 9.771   4.828   3.090   1.00 17.67  ? 900  GNP A O3G   1 
HETATM 1318 N  N3B   . GNP C 3 .   ? 10.313  5.469   0.727   1.00 14.46  ? 900  GNP A N3B   1 
HETATM 1319 P  PB    . GNP C 3 .   ? 9.023   5.194   -0.201  1.00 14.58  ? 900  GNP A PB    1 
HETATM 1320 O  O1B   . GNP C 3 .   ? 8.531   3.812   -0.015  1.00 12.61  ? 900  GNP A O1B   1 
HETATM 1321 O  O2B   . GNP C 3 .   ? 8.056   6.255   0.064   1.00 12.01  ? 900  GNP A O2B   1 
HETATM 1322 O  O3A   . GNP C 3 .   ? 9.483   5.284   -1.684  1.00 13.22  ? 900  GNP A O3A   1 
HETATM 1323 P  PA    . GNP C 3 .   ? 9.458   6.518   -2.612  1.00 13.26  ? 900  GNP A PA    1 
HETATM 1324 O  O1A   . GNP C 3 .   ? 8.078   6.792   -3.077  1.00 12.37  ? 900  GNP A O1A   1 
HETATM 1325 O  O2A   . GNP C 3 .   ? 10.160  7.657   -1.986  1.00 13.73  ? 900  GNP A O2A   1 
HETATM 1326 O  "O5'" . GNP C 3 .   ? 10.226  6.078   -3.923  1.00 12.34  ? 900  GNP A "O5'" 1 
HETATM 1327 C  "C5'" . GNP C 3 .   ? 11.569  5.572   -3.887  1.00 12.64  ? 900  GNP A "C5'" 1 
HETATM 1328 C  "C4'" . GNP C 3 .   ? 12.221  5.709   -5.259  1.00 14.46  ? 900  GNP A "C4'" 1 
HETATM 1329 O  "O4'" . GNP C 3 .   ? 11.521  4.817   -6.167  1.00 13.43  ? 900  GNP A "O4'" 1 
HETATM 1330 C  "C3'" . GNP C 3 .   ? 12.152  7.095   -5.905  1.00 14.20  ? 900  GNP A "C3'" 1 
HETATM 1331 O  "O3'" . GNP C 3 .   ? 13.351  7.317   -6.623  1.00 15.77  ? 900  GNP A "O3'" 1 
HETATM 1332 C  "C2'" . GNP C 3 .   ? 10.926  6.982   -6.823  1.00 14.61  ? 900  GNP A "C2'" 1 
HETATM 1333 O  "O2'" . GNP C 3 .   ? 10.952  7.835   -7.959  1.00 15.53  ? 900  GNP A "O2'" 1 
HETATM 1334 C  "C1'" . GNP C 3 .   ? 11.014  5.530   -7.271  1.00 13.28  ? 900  GNP A "C1'" 1 
HETATM 1335 N  N9    . GNP C 3 .   ? 9.743   4.892   -7.625  1.00 13.60  ? 900  GNP A N9    1 
HETATM 1336 C  C8    . GNP C 3 .   ? 8.605   4.817   -6.858  1.00 13.04  ? 900  GNP A C8    1 
HETATM 1337 N  N7    . GNP C 3 .   ? 7.626   4.173   -7.423  1.00 12.58  ? 900  GNP A N7    1 
HETATM 1338 C  C5    . GNP C 3 .   ? 8.162   3.772   -8.644  1.00 12.64  ? 900  GNP A C5    1 
HETATM 1339 C  C6    . GNP C 3 .   ? 7.576   3.032   -9.703  1.00 12.65  ? 900  GNP A C6    1 
HETATM 1340 O  O6    . GNP C 3 .   ? 6.430   2.568   -9.768  1.00 12.32  ? 900  GNP A O6    1 
HETATM 1341 N  N1    . GNP C 3 .   ? 8.462   2.843   -10.766 1.00 13.20  ? 900  GNP A N1    1 
HETATM 1342 C  C2    . GNP C 3 .   ? 9.751   3.317   -10.805 1.00 12.95  ? 900  GNP A C2    1 
HETATM 1343 N  N2    . GNP C 3 .   ? 10.455  3.036   -11.905 1.00 12.94  ? 900  GNP A N2    1 
HETATM 1344 N  N3    . GNP C 3 .   ? 10.307  4.017   -9.822  1.00 12.79  ? 900  GNP A N3    1 
HETATM 1345 C  C4    . GNP C 3 .   ? 9.461   4.205   -8.779  1.00 12.33  ? 900  GNP A C4    1 
HETATM 1346 O  O     . HOH D 4 .   ? -12.271 -7.008  -4.607  1.00 11.67  ? 901  HOH A O     1 
HETATM 1347 O  O     . HOH D 4 .   ? -6.192  8.651   -9.260  1.00 12.32  ? 902  HOH A O     1 
HETATM 1348 O  O     . HOH D 4 .   ? 6.591   6.689   2.625   1.00 15.60  ? 903  HOH A O     1 
HETATM 1349 O  O     . HOH D 4 .   ? -7.527  -13.851 -8.059  1.00 11.92  ? 904  HOH A O     1 
HETATM 1350 O  O     . HOH D 4 .   ? -6.749  -8.371  -5.720  1.00 9.97   ? 905  HOH A O     1 
HETATM 1351 O  O     . HOH D 4 .   ? 4.108   9.337   -7.878  1.00 10.05  ? 906  HOH A O     1 
HETATM 1352 O  O     . HOH D 4 .   ? 0.629   -4.917  -13.386 1.00 16.19  ? 907  HOH A O     1 
HETATM 1353 O  O     . HOH D 4 .   ? -7.457  -14.623 -3.739  1.00 15.35  ? 908  HOH A O     1 
HETATM 1354 O  O     . HOH D 4 .   ? -2.320  9.418   -14.894 1.00 12.25  ? 909  HOH A O     1 
HETATM 1355 O  O     . HOH D 4 .   ? 2.851   -6.482  -13.797 1.00 13.70  ? 910  HOH A O     1 
HETATM 1356 O  O     . HOH D 4 .   ? -4.471  15.656  0.161   1.00 12.58  ? 911  HOH A O     1 
HETATM 1357 O  O     . HOH D 4 .   ? 8.206   3.984   -17.376 1.00 18.06  ? 912  HOH A O     1 
HETATM 1358 O  O     . HOH D 4 .   ? -3.691  6.511   -11.317 1.00 18.06  ? 913  HOH A O     1 
HETATM 1359 O  O     . HOH D 4 .   ? 12.811  4.207   -13.330 1.00 15.90  ? 914  HOH A O     1 
HETATM 1360 O  O     . HOH D 4 .   ? 5.113   -14.923 -12.787 1.00 21.80  ? 915  HOH A O     1 
HETATM 1361 O  O     . HOH D 4 .   ? 9.181   8.946   0.089   1.00 9.93   ? 916  HOH A O     1 
HETATM 1362 O  O     . HOH D 4 .   ? 6.097   -9.656  -7.983  1.00 16.65  ? 917  HOH A O     1 
HETATM 1363 O  O     . HOH D 4 .   ? -6.030  11.932  -9.128  1.00 15.15  ? 918  HOH A O     1 
HETATM 1364 O  O     . HOH D 4 .   ? -7.659  -12.404 -2.048  1.00 14.92  ? 919  HOH A O     1 
HETATM 1365 O  O     . HOH D 4 .   ? -10.118 4.079   -6.596  1.00 15.26  ? 920  HOH A O     1 
HETATM 1366 O  O     . HOH D 4 .   ? -2.384  16.085  -1.384  1.00 21.40  ? 921  HOH A O     1 
HETATM 1367 O  O     . HOH D 4 .   ? -8.604  -0.150  15.369  1.00 27.44  ? 922  HOH A O     1 
HETATM 1368 O  O     . HOH D 4 .   ? 4.607   13.750  -13.031 1.00 13.96  ? 923  HOH A O     1 
HETATM 1369 O  O     . HOH D 4 .   ? 6.614   10.349  -6.854  1.00 16.74  ? 924  HOH A O     1 
HETATM 1370 O  O     . HOH D 4 .   ? 10.436  2.379   -16.430 1.00 22.20  ? 925  HOH A O     1 
HETATM 1371 O  O     . HOH D 4 .   ? -11.129 14.072  -4.160  1.00 17.98  ? 926  HOH A O     1 
HETATM 1372 O  O     . HOH D 4 .   ? -4.965  -11.806 -4.212  1.00 15.50  ? 927  HOH A O     1 
HETATM 1373 O  O     . HOH D 4 .   ? -12.467 3.232   -5.308  1.00 17.08  ? 928  HOH A O     1 
HETATM 1374 O  O     . HOH D 4 .   ? 0.101   13.775  -14.750 1.00 20.32  ? 929  HOH A O     1 
HETATM 1375 O  O     . HOH D 4 .   ? -11.223 -2.240  -11.710 1.00 21.29  ? 930  HOH A O     1 
HETATM 1376 O  O     . HOH D 4 .   ? 2.129   1.948   -19.264 1.00 19.81  ? 931  HOH A O     1 
HETATM 1377 O  O     . HOH D 4 .   ? -5.684  14.460  -9.589  1.00 26.65  ? 932  HOH A O     1 
HETATM 1378 O  O     . HOH D 4 .   ? -3.956  3.675   -12.034 1.00 21.36  ? 933  HOH A O     1 
HETATM 1379 O  O     . HOH D 4 .   ? 5.963   12.741  -5.925  1.00 22.76  ? 934  HOH A O     1 
HETATM 1380 O  O     . HOH D 4 .   ? -3.453  15.552  -13.294 1.00 18.92  ? 935  HOH A O     1 
HETATM 1381 O  O     . HOH D 4 .   ? -3.742  0.302   -14.701 1.00 12.56  ? 936  HOH A O     1 
HETATM 1382 O  O     . HOH D 4 .   ? -1.559  -11.365 -10.320 1.00 25.17  ? 937  HOH A O     1 
HETATM 1383 O  O     . HOH D 4 .   ? 11.701  7.068   5.174   1.00 27.89  ? 938  HOH A O     1 
HETATM 1384 O  O     . HOH D 4 .   ? 5.259   14.055  -8.020  1.00 21.74  ? 939  HOH A O     1 
HETATM 1385 O  O     . HOH D 4 .   ? 9.888   -15.041 -6.979  1.00 22.73  ? 940  HOH A O     1 
HETATM 1386 O  O     . HOH D 4 .   ? -14.836 3.008   -6.981  1.00 22.02  ? 941  HOH A O     1 
HETATM 1387 O  O     . HOH D 4 .   ? -7.871  -5.180  -9.806  1.00 20.11  ? 942  HOH A O     1 
HETATM 1388 O  O     . HOH D 4 .   ? -17.807 -2.083  0.063   1.00 21.00  ? 943  HOH A O     1 
HETATM 1389 O  O     . HOH D 4 .   ? 6.489   -12.504 -13.167 1.00 17.02  ? 944  HOH A O     1 
HETATM 1390 O  O     . HOH D 4 .   ? -10.512 4.733   -11.937 1.00 18.25  ? 945  HOH A O     1 
HETATM 1391 O  O     . HOH D 4 .   ? -10.878 13.769  -0.283  1.00 19.37  ? 946  HOH A O     1 
HETATM 1392 O  O     . HOH D 4 .   ? -19.311 -3.440  -1.702  1.00 24.97  ? 947  HOH A O     1 
HETATM 1393 O  O     . HOH D 4 .   ? -3.772  3.631   -16.281 1.00 24.88  ? 948  HOH A O     1 
HETATM 1394 O  O     . HOH D 4 .   ? 12.694  8.497   -1.549  1.00 19.00  ? 949  HOH A O     1 
HETATM 1395 O  O     . HOH D 4 .   ? -1.533  -7.390  -10.755 1.00 21.06  ? 950  HOH A O     1 
HETATM 1396 O  O     . HOH D 4 .   ? 13.091  -0.041  5.607   1.00 26.37  ? 951  HOH A O     1 
HETATM 1397 O  O     . HOH D 4 .   ? 16.001  6.041   2.730   1.00 30.13  ? 952  HOH A O     1 
HETATM 1398 O  O     . HOH D 4 .   ? -7.293  9.455   9.730   1.00 13.41  ? 953  HOH A O     1 
HETATM 1399 O  O     . HOH D 4 .   ? 8.509   -3.803  1.805   1.00 17.11  ? 954  HOH A O     1 
HETATM 1400 O  O     . HOH D 4 .   ? -6.233  -4.751  -11.939 1.00 23.82  ? 955  HOH A O     1 
HETATM 1401 O  O     . HOH D 4 .   ? -2.498  -17.947 -6.920  1.00 14.24  ? 956  HOH A O     1 
HETATM 1402 O  O     . HOH D 4 .   ? 13.655  -1.045  -0.776  1.00 26.35  ? 957  HOH A O     1 
HETATM 1403 O  O     . HOH D 4 .   ? -11.480 5.096   -9.395  1.00 27.42  ? 958  HOH A O     1 
HETATM 1404 O  O     . HOH D 4 .   ? -11.321 3.855   8.682   1.00 22.17  ? 959  HOH A O     1 
HETATM 1405 O  O     . HOH D 4 .   ? -12.307 -2.577  6.680   1.00 24.56  ? 960  HOH A O     1 
HETATM 1406 O  O     . HOH D 4 .   ? 12.250  7.039   -12.601 1.00 19.99  ? 961  HOH A O     1 
HETATM 1407 O  O     . HOH D 4 .   ? -13.621 -1.084  -12.336 1.00 37.20  ? 962  HOH A O     1 
HETATM 1408 O  O     . HOH D 4 .   ? 4.450   -11.303 -14.572 1.00 30.21  ? 963  HOH A O     1 
HETATM 1409 O  O     . HOH D 4 .   ? -9.616  -2.988  -9.268  1.00 26.05  ? 964  HOH A O     1 
HETATM 1410 O  O     . HOH D 4 .   ? -15.077 8.844   -8.715  1.00 23.26  ? 965  HOH A O     1 
HETATM 1411 O  O     . HOH D 4 .   ? -0.255  -9.695  19.895  1.00 31.11  ? 966  HOH A O     1 
HETATM 1412 O  O     . HOH D 4 .   ? -13.817 4.269   -9.380  1.00 22.13  ? 967  HOH A O     1 
HETATM 1413 O  O     . HOH D 4 .   ? 8.975   -9.503  -16.119 1.00 30.49  ? 968  HOH A O     1 
HETATM 1414 O  O     . HOH D 4 .   ? 6.211   1.515   6.823   1.00 19.34  ? 969  HOH A O     1 
HETATM 1415 O  O     . HOH D 4 .   ? 13.102  3.812   -9.577  1.00 24.28  ? 970  HOH A O     1 
HETATM 1416 O  O     . HOH D 4 .   ? -0.483  2.785   -17.671 1.00 17.37  ? 971  HOH A O     1 
HETATM 1417 O  O     . HOH D 4 .   ? 1.971   17.301  -8.397  1.00 29.10  ? 972  HOH A O     1 
HETATM 1418 O  O     . HOH D 4 .   ? -19.778 -0.524  0.731   1.00 29.81  ? 973  HOH A O     1 
HETATM 1419 O  O     . HOH D 4 .   ? 4.926   -5.411  -15.491 1.00 32.89  ? 974  HOH A O     1 
HETATM 1420 O  O     . HOH D 4 .   ? 8.364   -12.656 -15.360 1.00 31.08  ? 975  HOH A O     1 
HETATM 1421 O  O     . HOH D 4 .   ? 14.769  3.049   -14.796 1.00 26.20  ? 976  HOH A O     1 
HETATM 1422 O  O     . HOH D 4 .   ? 10.674  15.081  -1.985  1.00 25.34  ? 977  HOH A O     1 
HETATM 1423 O  O     . HOH D 4 .   ? -3.906  -7.594  17.016  1.00 38.59  ? 978  HOH A O     1 
HETATM 1424 O  O     . HOH D 4 .   ? 8.223   15.164  -2.164  1.00 25.36  ? 979  HOH A O     1 
HETATM 1425 O  O     . HOH D 4 .   ? 12.858  6.364   -0.248  1.00 28.60  ? 980  HOH A O     1 
HETATM 1426 O  O     . HOH D 4 .   ? 14.488  -2.095  6.721   1.00 74.41  ? 981  HOH A O     1 
HETATM 1427 O  O     . HOH D 4 .   ? 7.690   -9.404  -18.251 1.00 48.23  ? 982  HOH A O     1 
HETATM 1428 O  O     . HOH D 4 .   ? -7.646  -8.887  3.735   1.00 21.15  ? 983  HOH A O     1 
HETATM 1429 O  O     . HOH D 4 .   ? 13.489  -2.522  -16.596 1.00 32.20  ? 984  HOH A O     1 
HETATM 1430 O  O     . HOH D 4 .   ? -21.433 7.718   1.162   1.00 42.24  ? 985  HOH A O     1 
HETATM 1431 O  O     . HOH D 4 .   ? 4.366   11.678  0.560   1.00 29.15  ? 986  HOH A O     1 
HETATM 1432 O  O     . HOH D 4 .   ? 11.469  -9.962  -16.922 1.00 38.37  ? 987  HOH A O     1 
HETATM 1433 O  O     . HOH D 4 .   ? -2.644  -20.597 -6.304  1.00 31.46  ? 988  HOH A O     1 
HETATM 1434 O  O     . HOH D 4 .   ? -2.056  -19.626 -2.525  1.00 24.66  ? 989  HOH A O     1 
HETATM 1435 O  O     . HOH D 4 .   ? 6.703   11.878  1.928   1.00 21.54  ? 990  HOH A O     1 
HETATM 1436 O  O     . HOH D 4 .   ? -9.105  2.610   -12.862 1.00 25.78  ? 991  HOH A O     1 
HETATM 1437 O  O     . HOH D 4 .   ? -9.761  8.337   10.738  1.00 33.30  ? 992  HOH A O     1 
HETATM 1438 O  O     . HOH D 4 .   ? -7.378  -16.873 -1.683  1.00 23.01  ? 993  HOH A O     1 
HETATM 1439 O  O     . HOH D 4 .   ? 8.773   12.982  0.647   1.00 26.18  ? 994  HOH A O     1 
HETATM 1440 O  O     . HOH D 4 .   ? 7.746   14.881  -4.915  1.00 25.74  ? 995  HOH A O     1 
HETATM 1441 O  O     . HOH D 4 .   ? 2.430   15.141  2.316   1.00 32.25  ? 996  HOH A O     1 
HETATM 1442 O  O     . HOH D 4 .   ? 11.435  -7.526  -19.175 1.00 30.28  ? 997  HOH A O     1 
HETATM 1443 O  O     . HOH D 4 .   ? 7.953   -1.555  -18.358 1.00 29.51  ? 998  HOH A O     1 
HETATM 1444 O  O     . HOH D 4 .   ? 5.005   10.747  12.391  1.00 23.87  ? 999  HOH A O     1 
HETATM 1445 O  O     . HOH D 4 .   ? -19.595 -2.386  -8.648  1.00 26.02  ? 1000 HOH A O     1 
HETATM 1446 O  O     . HOH D 4 .   ? 13.697  -0.695  -3.155  1.00 41.97  ? 1001 HOH A O     1 
HETATM 1447 O  O     . HOH D 4 .   ? -18.658 2.055   -8.671  1.00 26.51  ? 1002 HOH A O     1 
HETATM 1448 O  O     . HOH D 4 .   ? -13.107 -8.056  3.135   1.00 32.14  ? 1003 HOH A O     1 
HETATM 1449 O  O     . HOH D 4 .   ? 14.967  1.557   -4.083  1.00 31.00  ? 1004 HOH A O     1 
HETATM 1450 O  O     . HOH D 4 .   ? -9.765  -10.463 0.883   1.00 32.15  ? 1005 HOH A O     1 
HETATM 1451 O  O     . HOH D 4 .   ? 5.101   -1.425  -17.945 1.00 23.14  ? 1006 HOH A O     1 
HETATM 1452 O  O     . HOH D 4 .   ? 14.936  4.146   -3.534  1.00 35.47  ? 1007 HOH A O     1 
HETATM 1453 O  O     . HOH D 4 .   ? -10.316 -8.598  2.685   1.00 38.74  ? 1008 HOH A O     1 
HETATM 1454 O  O     . HOH D 4 .   ? 5.561   -10.836 18.946  1.00 39.64  ? 1009 HOH A O     1 
HETATM 1455 O  O     . HOH D 4 .   ? 16.154  10.699  5.284   1.00 35.72  ? 1010 HOH A O     1 
HETATM 1456 O  O     . HOH D 4 .   ? -1.012  -20.814 -8.233  1.00 35.75  ? 1011 HOH A O     1 
HETATM 1457 O  O     . HOH D 4 .   ? 15.594  -2.431  -0.010  1.00 48.97  ? 1012 HOH A O     1 
HETATM 1458 O  O     . HOH D 4 .   ? -21.202 -3.068  2.214   1.00 65.66  ? 1013 HOH A O     1 
HETATM 1459 O  O     . HOH D 4 .   ? 14.341  12.445  3.774   1.00 26.77  ? 1014 HOH A O     1 
HETATM 1460 O  O     . HOH D 4 .   ? -0.038  -14.489 -10.975 1.00 31.89  ? 1015 HOH A O     1 
HETATM 1461 O  O     . HOH D 4 .   ? -4.774  -2.280  -14.790 1.00 29.30  ? 1016 HOH A O     1 
HETATM 1462 O  O     . HOH D 4 .   ? 0.868   -18.244 3.732   1.00 35.63  ? 1017 HOH A O     1 
HETATM 1463 O  O     . HOH D 4 .   ? -21.948 -2.276  5.100   1.00 34.71  ? 1018 HOH A O     1 
HETATM 1464 O  O     . HOH D 4 .   ? -5.104  -11.043 4.669   1.00 33.22  ? 1019 HOH A O     1 
HETATM 1465 O  O     . HOH D 4 .   ? -11.798 12.025  -7.382  1.00 32.06  ? 1020 HOH A O     1 
HETATM 1466 O  O     . HOH D 4 .   ? -16.007 0.994   -8.432  1.00 27.91  ? 1021 HOH A O     1 
HETATM 1467 O  O     . HOH D 4 .   ? -14.434 2.736   -11.428 1.00 43.40  ? 1022 HOH A O     1 
HETATM 1468 O  O     . HOH D 4 .   ? 14.927  -0.837  2.069   1.00 33.47  ? 1023 HOH A O     1 
HETATM 1469 O  O     . HOH D 4 .   ? -0.144  -17.387 -9.076  1.00 44.90  ? 1024 HOH A O     1 
HETATM 1470 O  O     . HOH D 4 .   ? 8.750   13.877  5.043   1.00 25.65  ? 1025 HOH A O     1 
HETATM 1471 O  O     . HOH D 4 .   ? -11.163 -4.316  12.501  1.00 36.06  ? 1026 HOH A O     1 
HETATM 1472 O  O     . HOH D 4 .   ? 14.598  9.784   -5.291  1.00 27.39  ? 1027 HOH A O     1 
HETATM 1473 O  O     . HOH D 4 .   ? 1.383   -8.495  -14.922 1.00 34.37  ? 1028 HOH A O     1 
HETATM 1474 O  O     . HOH D 4 .   ? -5.004  17.776  -3.959  1.00 37.86  ? 1029 HOH A O     1 
HETATM 1475 O  O     . HOH D 4 .   ? 14.893  -13.691 -8.404  1.00 38.54  ? 1030 HOH A O     1 
HETATM 1476 O  O     . HOH D 4 .   ? 6.879   17.425  -5.620  1.00 37.97  ? 1031 HOH A O     1 
HETATM 1477 O  O     . HOH D 4 .   ? 3.605   -13.667 8.517   1.00 28.90  ? 1032 HOH A O     1 
HETATM 1478 O  O     . HOH D 4 .   ? 6.910   -13.300 2.453   1.00 34.92  ? 1033 HOH A O     1 
HETATM 1479 O  O     . HOH D 4 .   ? 14.785  7.373   -3.531  1.00 46.75  ? 1034 HOH A O     1 
HETATM 1480 O  O     . HOH D 4 .   ? 15.576  -6.670  3.682   1.00 50.29  ? 1035 HOH A O     1 
HETATM 1481 O  O     . HOH D 4 .   ? -8.023  14.840  -3.590  1.00 29.59  ? 1036 HOH A O     1 
HETATM 1482 O  O     . HOH D 4 .   ? -2.143  0.307   -17.137 1.00 36.05  ? 1037 HOH A O     1 
HETATM 1483 O  O     . HOH D 4 .   ? 5.393   14.044  5.305   1.00 38.45  ? 1038 HOH A O     1 
HETATM 1484 O  O     . HOH D 4 .   ? -4.738  16.834  -8.224  1.00 32.26  ? 1039 HOH A O     1 
HETATM 1485 O  O     . HOH D 4 .   ? -0.199  -4.366  -15.884 1.00 35.21  ? 1040 HOH A O     1 
HETATM 1486 O  O     . HOH D 4 .   ? -7.246  13.782  -6.004  1.00 27.15  ? 1041 HOH A O     1 
HETATM 1487 O  O     . HOH D 4 .   ? -11.039 -14.103 3.677   1.00 30.05  ? 1042 HOH A O     1 
HETATM 1488 O  O     . HOH D 4 .   ? 5.544   -8.592  -16.197 1.00 32.02  ? 1043 HOH A O     1 
HETATM 1489 O  O     . HOH D 4 .   ? 4.834   -17.665 -2.861  1.00 26.94  ? 1044 HOH A O     1 
HETATM 1490 O  O     . HOH D 4 .   ? 1.738   -4.694  7.662   1.00 142.46 ? 1045 HOH A O     1 
HETATM 1491 O  O     . HOH D 4 .   ? -23.777 1.148   -2.745  1.00 24.65  ? 1046 HOH A O     1 
HETATM 1492 O  O     . HOH D 4 .   ? 2.403   -14.682 6.396   1.00 37.84  ? 1047 HOH A O     1 
HETATM 1493 O  O     . HOH D 4 .   ? 10.351  13.813  2.887   1.00 43.44  ? 1048 HOH A O     1 
HETATM 1494 O  O     . HOH D 4 .   ? 18.584  -6.469  -5.648  1.00 36.15  ? 1049 HOH A O     1 
HETATM 1495 O  O     . HOH D 4 .   ? 15.057  5.668   -1.478  1.00 41.37  ? 1050 HOH A O     1 
HETATM 1496 O  O     . HOH D 4 .   ? 1.504   -3.813  -17.562 1.00 37.98  ? 1051 HOH A O     1 
HETATM 1497 O  O     . HOH D 4 .   ? -0.333  16.721  -12.994 1.00 39.53  ? 1052 HOH A O     1 
HETATM 1498 O  O     . HOH D 4 .   ? 4.416   -19.796 -5.462  1.00 34.09  ? 1053 HOH A O     1 
HETATM 1499 O  O     . HOH D 4 .   ? -17.924 8.091   7.393   1.00 31.25  ? 1054 HOH A O     1 
HETATM 1500 O  O     . HOH D 4 .   ? -7.749  -2.009  -14.931 1.00 55.46  ? 1055 HOH A O     1 
HETATM 1501 O  O     . HOH D 4 .   ? 12.910  8.902   14.957  1.00 44.80  ? 1056 HOH A O     1 
HETATM 1502 O  O     . HOH D 4 .   ? 6.806   -15.879 1.674   1.00 40.50  ? 1057 HOH A O     1 
HETATM 1503 O  O     . HOH D 4 .   ? 2.837   -18.579 -0.668  1.00 35.68  ? 1058 HOH A O     1 
HETATM 1504 O  O     . HOH D 4 .   ? 12.886  16.349  -3.722  1.00 31.35  ? 1059 HOH A O     1 
HETATM 1505 O  O     . HOH D 4 .   ? -10.507 -15.687 5.594   1.00 41.49  ? 1060 HOH A O     1 
HETATM 1506 O  O     . HOH D 4 .   ? 15.476  1.461   6.814   1.00 39.33  ? 1061 HOH A O     1 
HETATM 1507 O  O     . HOH D 4 .   ? -7.200  -9.009  8.476   1.00 33.17  ? 1062 HOH A O     1 
HETATM 1508 O  O     . HOH D 4 .   ? -4.355  -8.598  9.512   1.00 34.67  ? 1063 HOH A O     1 
HETATM 1509 O  O     . HOH D 4 .   ? 3.944   17.468  -11.960 1.00 36.82  ? 1064 HOH A O     1 
HETATM 1510 O  O     . HOH D 4 .   ? -14.327 14.332  9.908   1.00 42.85  ? 1065 HOH A O     1 
HETATM 1511 O  O     . HOH D 4 .   ? -8.930  13.424  -8.612  1.00 45.56  ? 1066 HOH A O     1 
HETATM 1512 O  O     . HOH D 4 .   ? -13.079 15.963  -2.885  1.00 44.02  ? 1067 HOH A O     1 
HETATM 1513 O  O     . HOH D 4 .   ? -9.925  0.153   -13.467 1.00 46.38  ? 1068 HOH A O     1 
HETATM 1514 O  O     . HOH D 4 .   ? 14.168  18.433  -2.545  0.50 49.29  ? 1069 HOH A O     1 
HETATM 1515 O  O     . HOH D 4 .   ? 14.263  0.016   -6.860  1.00 28.17  ? 1070 HOH A O     1 
HETATM 1516 O  O     . HOH D 4 .   ? -16.752 -2.498  -8.770  1.00 14.85  ? 1071 HOH A O     1 
HETATM 1517 O  O     . HOH D 4 .   ? 16.792  4.859   9.968   1.00 34.15  ? 1072 HOH A O     1 
HETATM 1518 O  O     . HOH D 4 .   ? -21.971 11.491  -5.440  1.00 36.48  ? 1073 HOH A O     1 
HETATM 1519 O  O     . HOH D 4 .   ? 5.991   16.925  -8.298  1.00 47.02  ? 1074 HOH A O     1 
HETATM 1520 O  O     . HOH D 4 .   ? -22.111 13.959  -0.284  1.00 61.76  ? 1075 HOH A O     1 
HETATM 1521 O  O     . HOH D 4 .   ? 6.447   14.204  3.106   1.00 40.67  ? 1076 HOH A O     1 
HETATM 1522 O  O     . HOH D 4 .   ? -27.311 9.994   3.316   1.00 95.65  ? 1077 HOH A O     1 
HETATM 1523 O  O     . HOH D 4 .   ? -13.030 1.789   9.071   1.00 46.70  ? 1078 HOH A O     1 
HETATM 1524 O  O     . HOH D 4 .   ? -6.485  16.596  -1.476  1.00 33.88  ? 1079 HOH A O     1 
HETATM 1525 O  O     . HOH D 4 .   ? 6.516   7.403   11.031  1.00 31.83  ? 1080 HOH A O     1 
HETATM 1526 O  O     . HOH D 4 .   ? -23.626 8.876   -4.099  1.00 35.81  ? 1081 HOH A O     1 
HETATM 1527 O  O     . HOH D 4 .   ? -10.437 -2.127  10.319  1.00 41.77  ? 1082 HOH A O     1 
HETATM 1528 O  O     . HOH D 4 .   ? -16.919 5.649   7.790   1.00 44.60  ? 1083 HOH A O     1 
HETATM 1529 O  O     . HOH D 4 .   ? -22.118 5.575   2.448   1.00 59.20  ? 1084 HOH A O     1 
HETATM 1530 O  O     . HOH D 4 .   ? -15.244 13.964  5.645   1.00 38.47  ? 1085 HOH A O     1 
HETATM 1531 O  O     . HOH D 4 .   ? 5.750   15.736  -12.153 1.00 48.38  ? 1086 HOH A O     1 
HETATM 1532 O  O     . HOH D 4 .   ? 16.739  3.412   7.100   1.00 41.66  ? 1087 HOH A O     1 
HETATM 1533 O  O     . HOH D 4 .   ? -14.208 -0.255  7.513   1.00 37.68  ? 1088 HOH A O     1 
HETATM 1534 O  O     . HOH D 4 .   ? -11.993 -0.154  10.594  1.00 41.24  ? 1089 HOH A O     1 
HETATM 1535 O  O     . HOH D 4 .   ? 17.270  -0.251  2.993   1.00 39.35  ? 1090 HOH A O     1 
HETATM 1536 O  O     . HOH D 4 .   ? -15.571 0.031   -10.999 1.00 42.80  ? 1091 HOH A O     1 
HETATM 1537 O  O     . HOH D 4 .   ? -20.325 6.258   7.152   1.00 50.44  ? 1092 HOH A O     1 
HETATM 1538 O  O     . HOH D 4 .   ? 4.119   -3.188  14.292  1.00 47.14  ? 1093 HOH A O     1 
HETATM 1539 O  O     . HOH D 4 .   ? 12.239  -15.898 -8.889  1.00 47.71  ? 1094 HOH A O     1 
HETATM 1540 O  O     . HOH D 4 .   ? -23.792 9.555   -1.566  1.00 45.50  ? 1095 HOH A O     1 
HETATM 1541 O  O     . HOH D 4 .   ? -15.870 5.749   10.196  1.00 78.46  ? 1096 HOH A O     1 
HETATM 1542 O  O     . HOH D 4 .   ? 6.816   4.796   10.215  1.00 32.75  ? 1097 HOH A O     1 
HETATM 1543 O  O     . HOH D 4 .   ? -0.980  -6.999  -13.278 1.00 53.29  ? 1098 HOH A O     1 
HETATM 1544 O  O     . HOH D 4 .   ? -4.737  20.064  -7.428  1.00 84.26  ? 1099 HOH A O     1 
HETATM 1545 O  O     . HOH D 4 .   ? 2.322   19.509  -6.222  1.00 55.16  ? 1100 HOH A O     1 
HETATM 1546 O  O     . HOH D 4 .   ? -2.344  16.830  -11.003 1.00 41.80  ? 1101 HOH A O     1 
HETATM 1547 O  O     . HOH D 4 .   ? 3.971   0.155   -19.712 1.00 48.62  ? 1102 HOH A O     1 
HETATM 1548 O  O     . HOH D 4 .   ? -3.394  -6.021  -13.684 1.00 36.82  ? 1103 HOH A O     1 
HETATM 1549 O  O     . HOH D 4 .   ? 8.141   1.791   -18.811 1.00 43.52  ? 1104 HOH A O     1 
HETATM 1550 O  O     . HOH D 4 .   ? 6.738   -17.137 -0.987  1.00 52.08  ? 1105 HOH A O     1 
HETATM 1551 O  O     . HOH D 4 .   ? 5.193   -16.412 5.642   1.00 46.18  ? 1106 HOH A O     1 
HETATM 1552 O  O     . HOH D 4 .   ? -6.671  -1.331  16.063  1.00 39.01  ? 1107 HOH A O     1 
HETATM 1553 O  O     . HOH D 4 .   ? -17.420 -6.103  1.543   1.00 37.20  ? 1108 HOH A O     1 
HETATM 1554 O  O     . HOH D 4 .   ? -1.726  18.076  -8.332  1.00 43.97  ? 1109 HOH A O     1 
HETATM 1555 O  O     . HOH D 4 .   ? 16.216  10.511  8.246   1.00 39.30  ? 1110 HOH A O     1 
HETATM 1556 O  O     . HOH D 4 .   ? 0.136   -15.671 7.496   1.00 43.44  ? 1111 HOH A O     1 
HETATM 1557 O  O     . HOH D 4 .   ? -0.906  -9.794  -14.288 1.00 55.24  ? 1112 HOH A O     1 
HETATM 1558 O  O     . HOH D 4 .   ? 7.064   15.405  -10.020 1.00 41.69  ? 1113 HOH A O     1 
HETATM 1559 O  O     . HOH D 4 .   ? 7.991   1.920   8.937   1.00 43.04  ? 1114 HOH A O     1 
HETATM 1560 O  O     . HOH D 4 .   ? -4.968  2.516   -13.772 1.00 45.69  ? 1115 HOH A O     1 
HETATM 1561 O  O     . HOH D 4 .   ? -2.696  -13.941 7.686   1.00 44.85  ? 1116 HOH A O     1 
HETATM 1562 O  O     . HOH D 4 .   ? -2.978  -3.726  -16.049 1.00 45.15  ? 1117 HOH A O     1 
HETATM 1563 O  O     . HOH D 4 .   ? 13.993  -5.867  -22.317 1.00 48.17  ? 1118 HOH A O     1 
HETATM 1564 O  O     . HOH D 4 .   ? 14.222  2.764   -7.519  1.00 45.50  ? 1119 HOH A O     1 
HETATM 1565 O  O     . HOH D 4 .   ? 16.035  -0.926  -15.466 1.00 50.91  ? 1120 HOH A O     1 
HETATM 1566 O  O     . HOH D 4 .   ? 14.444  -3.658  1.952   1.00 57.68  ? 1121 HOH A O     1 
HETATM 1567 O  O     . HOH D 4 .   ? 11.833  16.665  -6.114  1.00 38.90  ? 1122 HOH A O     1 
HETATM 1568 O  O     . HOH D 4 .   ? 15.618  0.586   -9.224  1.00 47.99  ? 1123 HOH A O     1 
HETATM 1569 O  O     . HOH D 4 .   ? 2.980   3.156   21.619  1.00 48.45  ? 1124 HOH A O     1 
HETATM 1570 O  O     . HOH D 4 .   ? 16.061  -1.970  -9.599  1.00 45.98  ? 1125 HOH A O     1 
HETATM 1571 O  O     . HOH D 4 .   ? 0.276   11.358  7.921   1.00 135.00 ? 1126 HOH A O     1 
HETATM 1572 O  O     . HOH D 4 .   ? 16.167  14.695  -4.022  1.00 44.94  ? 1127 HOH A O     1 
HETATM 1573 O  O     . HOH D 4 .   ? 17.827  -4.366  -6.956  1.00 42.90  ? 1128 HOH A O     1 
HETATM 1574 O  O     . HOH D 4 .   ? 15.138  -10.173 -14.103 1.00 41.50  ? 1129 HOH A O     1 
HETATM 1575 O  O     . HOH D 4 .   ? -5.148  -8.821  14.474  1.00 49.77  ? 1130 HOH A O     1 
HETATM 1576 O  O     . HOH D 4 .   ? 19.832  -3.631  -15.868 1.00 40.69  ? 1131 HOH A O     1 
HETATM 1577 O  O     . HOH D 4 .   ? -7.598  -14.464 6.399   1.00 45.06  ? 1132 HOH A O     1 
HETATM 1578 O  O     . HOH D 4 .   ? -5.622  -16.065 5.956   1.00 46.98  ? 1133 HOH A O     1 
HETATM 1579 O  O     . HOH D 4 .   ? 9.038   -5.033  9.043   1.00 51.69  ? 1134 HOH A O     1 
HETATM 1580 O  O     . HOH D 4 .   ? 7.455   -4.424  11.069  1.00 44.20  ? 1135 HOH A O     1 
HETATM 1581 O  O     . HOH D 4 .   ? 6.231   13.496  -0.223  1.00 73.19  ? 1136 HOH A O     1 
HETATM 1582 O  O     . HOH D 4 .   ? -8.270  -11.820 4.701   1.00 60.52  ? 1137 HOH A O     1 
HETATM 1583 O  O     . HOH D 4 .   ? 7.897   -7.278  -20.355 1.00 46.95  ? 1138 HOH A O     1 
HETATM 1584 O  O     . HOH D 4 .   ? -14.593 3.311   11.343  1.00 49.22  ? 1139 HOH A O     1 
HETATM 1585 O  O     . HOH D 4 .   ? -22.403 9.250   6.386   1.00 46.97  ? 1140 HOH A O     1 
HETATM 1586 O  O     . HOH D 4 .   ? 16.505  -2.164  -6.618  1.00 34.53  ? 1141 HOH A O     1 
HETATM 1587 O  O     . HOH D 4 .   ? -5.024  -7.657  12.060  1.00 59.28  ? 1142 HOH A O     1 
HETATM 1588 O  O     . HOH D 4 .   ? -9.892  6.718   -8.178  1.00 46.21  ? 1143 HOH A O     1 
HETATM 1589 O  O     . HOH D 4 .   ? 0.339   -0.906  -18.946 1.00 47.83  ? 1144 HOH A O     1 
HETATM 1590 O  O     . HOH D 4 .   ? -1.092  -21.490 -4.459  1.00 48.93  ? 1145 HOH A O     1 
HETATM 1591 O  O     . HOH D 4 .   ? -14.653 14.860  -0.302  1.00 30.94  ? 1146 HOH A O     1 
HETATM 1592 O  O     . HOH D 4 .   ? 17.194  -4.445  -9.441  1.00 50.90  ? 1147 HOH A O     1 
HETATM 1593 O  O     . HOH D 4 .   ? 13.538  -0.959  -8.814  1.00 136.40 ? 1148 HOH A O     1 
# 
